data_7WR2
# 
_entry.id   7WR2 
# 
_audit_conform.dict_name       mmcif_pdbx.dic 
_audit_conform.dict_version    5.380 
_audit_conform.dict_location   http://mmcif.pdb.org/dictionaries/ascii/mmcif_pdbx.dic 
# 
loop_
_database_2.database_id 
_database_2.database_code 
_database_2.pdbx_database_accession 
_database_2.pdbx_DOI 
PDB   7WR2         pdb_00007wr2 10.2210/pdb7wr2/pdb 
WWPDB D_1300027096 ?            ?                   
# 
_pdbx_database_status.status_code                     REL 
_pdbx_database_status.status_code_sf                  REL 
_pdbx_database_status.status_code_mr                  ? 
_pdbx_database_status.entry_id                        7WR2 
_pdbx_database_status.recvd_initial_deposition_date   2022-01-26 
_pdbx_database_status.SG_entry                        N 
_pdbx_database_status.deposit_site                    PDBJ 
_pdbx_database_status.process_site                    PDBJ 
_pdbx_database_status.status_code_cs                  ? 
_pdbx_database_status.status_code_nmr_data            ? 
_pdbx_database_status.methods_development_category    ? 
_pdbx_database_status.pdb_format_compatible           Y 
# 
loop_
_audit_author.name 
_audit_author.pdbx_ordinal 
_audit_author.identifier_ORCID 
'Hou, Y.J.' 1 0000-0002-5234-9277 
'Zeng, H.'  2 ?                   
'Shao, F.'  3 0000-0002-9562-7791 
'Ding, J.'  4 0000-0001-9941-7997 
# 
_citation.abstract                  ? 
_citation.abstract_id_CAS           ? 
_citation.book_id_ISBN              ? 
_citation.book_publisher            ? 
_citation.book_publisher_city       ? 
_citation.book_title                ? 
_citation.coordinate_linkage        ? 
_citation.country                   US 
_citation.database_id_Medline       ? 
_citation.details                   ? 
_citation.id                        primary 
_citation.journal_abbrev            Nat.Struct.Mol.Biol. 
_citation.journal_id_ASTM           ? 
_citation.journal_id_CSD            ? 
_citation.journal_id_ISSN           1545-9985 
_citation.journal_full              ? 
_citation.journal_issue             ? 
_citation.journal_volume            30 
_citation.language                  ? 
_citation.page_first                261 
_citation.page_last                 272 
_citation.title                     
'Structural mechanisms of calmodulin activation of Shigella effector OspC3 to ADP-riboxanate caspase-4/11 and block pyroptosis.' 
_citation.year                      2023 
_citation.database_id_CSD           ? 
_citation.pdbx_database_id_DOI      10.1038/s41594-022-00888-3 
_citation.pdbx_database_id_PubMed   36624349 
_citation.pdbx_database_id_patent   ? 
_citation.unpublished_flag          ? 
# 
loop_
_citation_author.citation_id 
_citation_author.name 
_citation_author.ordinal 
_citation_author.identifier_ORCID 
primary 'Hou, Y.'  1 0000-0002-5234-9277 
primary 'Zeng, H.' 2 ?                   
primary 'Li, Z.'   3 0000-0003-3410-8231 
primary 'Feng, N.' 4 ?                   
primary 'Meng, F.' 5 ?                   
primary 'Xu, Y.'   6 ?                   
primary 'Li, L.'   7 ?                   
primary 'Shao, F.' 8 0000-0002-9562-7791 
primary 'Ding, J.' 9 0000-0001-9941-7997 
# 
_cell.angle_alpha                  90.000 
_cell.angle_alpha_esd              ? 
_cell.angle_beta                   90.000 
_cell.angle_beta_esd               ? 
_cell.angle_gamma                  90.000 
_cell.angle_gamma_esd              ? 
_cell.entry_id                     7WR2 
_cell.details                      ? 
_cell.formula_units_Z              ? 
_cell.length_a                     39.215 
_cell.length_a_esd                 ? 
_cell.length_b                     53.943 
_cell.length_b_esd                 ? 
_cell.length_c                     59.932 
_cell.length_c_esd                 ? 
_cell.volume                       126778.639 
_cell.volume_esd                   ? 
_cell.Z_PDB                        4 
_cell.reciprocal_angle_alpha       ? 
_cell.reciprocal_angle_beta        ? 
_cell.reciprocal_angle_gamma       ? 
_cell.reciprocal_angle_alpha_esd   ? 
_cell.reciprocal_angle_beta_esd    ? 
_cell.reciprocal_angle_gamma_esd   ? 
_cell.reciprocal_length_a          ? 
_cell.reciprocal_length_b          ? 
_cell.reciprocal_length_c          ? 
_cell.reciprocal_length_a_esd      ? 
_cell.reciprocal_length_b_esd      ? 
_cell.reciprocal_length_c_esd      ? 
_cell.pdbx_unique_axis             ? 
# 
_symmetry.entry_id                         7WR2 
_symmetry.cell_setting                     ? 
_symmetry.Int_Tables_number                19 
_symmetry.space_group_name_Hall            'P 2ac 2ab' 
_symmetry.space_group_name_H-M             'P 21 21 21' 
_symmetry.pdbx_full_space_group_name_H-M   ? 
# 
loop_
_entity.id 
_entity.type 
_entity.src_method 
_entity.pdbx_description 
_entity.formula_weight 
_entity.pdbx_number_of_molecules 
_entity.pdbx_ec 
_entity.pdbx_mutation 
_entity.pdbx_fragment 
_entity.details 
1 polymer man OspC3 18366.213 1   ? ? ? ? 
2 water   nat water 18.015    176 ? ? ? ? 
# 
_entity_poly.entity_id                      1 
_entity_poly.type                           'polypeptide(L)' 
_entity_poly.nstd_linkage                   no 
_entity_poly.nstd_monomer                   no 
_entity_poly.pdbx_seq_one_letter_code       
;GPLGSGRPMLSTDNFKKIKLRDISLEDAIKASNYEEINNKVTDKKMAHQALAYSLGNKKADIALYLLSKFNFTKQDVAEM
EKMKNNRYCNLYDVEYLLSKDGANYKVLEYFINNGLVDVNKKFQKVNSGDTMLDNAMKSKDSKMIDFLLKNGAILGKRFE
I
;
_entity_poly.pdbx_seq_one_letter_code_can   
;GPLGSGRPMLSTDNFKKIKLRDISLEDAIKASNYEEINNKVTDKKMAHQALAYSLGNKKADIALYLLSKFNFTKQDVAEM
EKMKNNRYCNLYDVEYLLSKDGANYKVLEYFINNGLVDVNKKFQKVNSGDTMLDNAMKSKDSKMIDFLLKNGAILGKRFE
I
;
_entity_poly.pdbx_strand_id                 A 
_entity_poly.pdbx_target_identifier         ? 
# 
loop_
_entity_poly_seq.entity_id 
_entity_poly_seq.num 
_entity_poly_seq.mon_id 
_entity_poly_seq.hetero 
1 1   GLY n 
1 2   PRO n 
1 3   LEU n 
1 4   GLY n 
1 5   SER n 
1 6   GLY n 
1 7   ARG n 
1 8   PRO n 
1 9   MET n 
1 10  LEU n 
1 11  SER n 
1 12  THR n 
1 13  ASP n 
1 14  ASN n 
1 15  PHE n 
1 16  LYS n 
1 17  LYS n 
1 18  ILE n 
1 19  LYS n 
1 20  LEU n 
1 21  ARG n 
1 22  ASP n 
1 23  ILE n 
1 24  SER n 
1 25  LEU n 
1 26  GLU n 
1 27  ASP n 
1 28  ALA n 
1 29  ILE n 
1 30  LYS n 
1 31  ALA n 
1 32  SER n 
1 33  ASN n 
1 34  TYR n 
1 35  GLU n 
1 36  GLU n 
1 37  ILE n 
1 38  ASN n 
1 39  ASN n 
1 40  LYS n 
1 41  VAL n 
1 42  THR n 
1 43  ASP n 
1 44  LYS n 
1 45  LYS n 
1 46  MET n 
1 47  ALA n 
1 48  HIS n 
1 49  GLN n 
1 50  ALA n 
1 51  LEU n 
1 52  ALA n 
1 53  TYR n 
1 54  SER n 
1 55  LEU n 
1 56  GLY n 
1 57  ASN n 
1 58  LYS n 
1 59  LYS n 
1 60  ALA n 
1 61  ASP n 
1 62  ILE n 
1 63  ALA n 
1 64  LEU n 
1 65  TYR n 
1 66  LEU n 
1 67  LEU n 
1 68  SER n 
1 69  LYS n 
1 70  PHE n 
1 71  ASN n 
1 72  PHE n 
1 73  THR n 
1 74  LYS n 
1 75  GLN n 
1 76  ASP n 
1 77  VAL n 
1 78  ALA n 
1 79  GLU n 
1 80  MET n 
1 81  GLU n 
1 82  LYS n 
1 83  MET n 
1 84  LYS n 
1 85  ASN n 
1 86  ASN n 
1 87  ARG n 
1 88  TYR n 
1 89  CYS n 
1 90  ASN n 
1 91  LEU n 
1 92  TYR n 
1 93  ASP n 
1 94  VAL n 
1 95  GLU n 
1 96  TYR n 
1 97  LEU n 
1 98  LEU n 
1 99  SER n 
1 100 LYS n 
1 101 ASP n 
1 102 GLY n 
1 103 ALA n 
1 104 ASN n 
1 105 TYR n 
1 106 LYS n 
1 107 VAL n 
1 108 LEU n 
1 109 GLU n 
1 110 TYR n 
1 111 PHE n 
1 112 ILE n 
1 113 ASN n 
1 114 ASN n 
1 115 GLY n 
1 116 LEU n 
1 117 VAL n 
1 118 ASP n 
1 119 VAL n 
1 120 ASN n 
1 121 LYS n 
1 122 LYS n 
1 123 PHE n 
1 124 GLN n 
1 125 LYS n 
1 126 VAL n 
1 127 ASN n 
1 128 SER n 
1 129 GLY n 
1 130 ASP n 
1 131 THR n 
1 132 MET n 
1 133 LEU n 
1 134 ASP n 
1 135 ASN n 
1 136 ALA n 
1 137 MET n 
1 138 LYS n 
1 139 SER n 
1 140 LYS n 
1 141 ASP n 
1 142 SER n 
1 143 LYS n 
1 144 MET n 
1 145 ILE n 
1 146 ASP n 
1 147 PHE n 
1 148 LEU n 
1 149 LEU n 
1 150 LYS n 
1 151 ASN n 
1 152 GLY n 
1 153 ALA n 
1 154 ILE n 
1 155 LEU n 
1 156 GLY n 
1 157 LYS n 
1 158 ARG n 
1 159 PHE n 
1 160 GLU n 
1 161 ILE n 
# 
_entity_src_gen.entity_id                          1 
_entity_src_gen.pdbx_src_id                        1 
_entity_src_gen.pdbx_alt_source_flag               sample 
_entity_src_gen.pdbx_seq_type                      'Biological sequence' 
_entity_src_gen.pdbx_beg_seq_num                   1 
_entity_src_gen.pdbx_end_seq_num                   161 
_entity_src_gen.gene_src_common_name               ? 
_entity_src_gen.gene_src_genus                     ? 
_entity_src_gen.pdbx_gene_src_gene                 ospC3 
_entity_src_gen.gene_src_species                   ? 
_entity_src_gen.gene_src_strain                    ? 
_entity_src_gen.gene_src_tissue                    ? 
_entity_src_gen.gene_src_tissue_fraction           ? 
_entity_src_gen.gene_src_details                   ? 
_entity_src_gen.pdbx_gene_src_fragment             ? 
_entity_src_gen.pdbx_gene_src_scientific_name      'Shigella flexneri' 
_entity_src_gen.pdbx_gene_src_ncbi_taxonomy_id     623 
_entity_src_gen.pdbx_gene_src_variant              ? 
_entity_src_gen.pdbx_gene_src_cell_line            ? 
_entity_src_gen.pdbx_gene_src_atcc                 ? 
_entity_src_gen.pdbx_gene_src_organ                ? 
_entity_src_gen.pdbx_gene_src_organelle            ? 
_entity_src_gen.pdbx_gene_src_cell                 ? 
_entity_src_gen.pdbx_gene_src_cellular_location    ? 
_entity_src_gen.host_org_common_name               ? 
_entity_src_gen.pdbx_host_org_scientific_name      'Escherichia coli BL21(DE3)' 
_entity_src_gen.pdbx_host_org_ncbi_taxonomy_id     469008 
_entity_src_gen.host_org_genus                     ? 
_entity_src_gen.pdbx_host_org_gene                 ? 
_entity_src_gen.pdbx_host_org_organ                ? 
_entity_src_gen.host_org_species                   ? 
_entity_src_gen.pdbx_host_org_tissue               ? 
_entity_src_gen.pdbx_host_org_tissue_fraction      ? 
_entity_src_gen.pdbx_host_org_strain               'BL21(DE3)' 
_entity_src_gen.pdbx_host_org_variant              ? 
_entity_src_gen.pdbx_host_org_cell_line            ? 
_entity_src_gen.pdbx_host_org_atcc                 ? 
_entity_src_gen.pdbx_host_org_culture_collection   ? 
_entity_src_gen.pdbx_host_org_cell                 ? 
_entity_src_gen.pdbx_host_org_organelle            ? 
_entity_src_gen.pdbx_host_org_cellular_location    ? 
_entity_src_gen.pdbx_host_org_vector_type          plasmid 
_entity_src_gen.pdbx_host_org_vector               ? 
_entity_src_gen.host_org_details                   ? 
_entity_src_gen.expression_system_id               ? 
_entity_src_gen.plasmid_name                       pGEX-6p-2 
_entity_src_gen.plasmid_details                    ? 
_entity_src_gen.pdbx_description                   ? 
# 
_struct_ref.id                         1 
_struct_ref.db_name                    UNP 
_struct_ref.db_code                    R4X5L7_SHIFL 
_struct_ref.pdbx_db_accession          R4X5L7 
_struct_ref.pdbx_db_isoform            ? 
_struct_ref.entity_id                  1 
_struct_ref.pdbx_seq_one_letter_code   
;MLSTDNFKKIKLRDISLEDAIKASNYEEINNKVTDKKMAHQALAYSLGNKKADIALYLLSKFNFTKQDVAEMEKMKNNRY
CNLYDVEYLLSKDGANYKVLEYFINNGLVDVNKKFQKVNSGDTMLDNAMKSKDSKMIDFLLKNGAILGKRFEI
;
_struct_ref.pdbx_align_begin           332 
# 
_struct_ref_seq.align_id                      1 
_struct_ref_seq.ref_id                        1 
_struct_ref_seq.pdbx_PDB_id_code              7WR2 
_struct_ref_seq.pdbx_strand_id                A 
_struct_ref_seq.seq_align_beg                 9 
_struct_ref_seq.pdbx_seq_align_beg_ins_code   ? 
_struct_ref_seq.seq_align_end                 161 
_struct_ref_seq.pdbx_seq_align_end_ins_code   ? 
_struct_ref_seq.pdbx_db_accession             R4X5L7 
_struct_ref_seq.db_align_beg                  332 
_struct_ref_seq.pdbx_db_align_beg_ins_code    ? 
_struct_ref_seq.db_align_end                  484 
_struct_ref_seq.pdbx_db_align_end_ins_code    ? 
_struct_ref_seq.pdbx_auth_seq_align_beg       332 
_struct_ref_seq.pdbx_auth_seq_align_end       484 
# 
loop_
_struct_ref_seq_dif.align_id 
_struct_ref_seq_dif.pdbx_pdb_id_code 
_struct_ref_seq_dif.mon_id 
_struct_ref_seq_dif.pdbx_pdb_strand_id 
_struct_ref_seq_dif.seq_num 
_struct_ref_seq_dif.pdbx_pdb_ins_code 
_struct_ref_seq_dif.pdbx_seq_db_name 
_struct_ref_seq_dif.pdbx_seq_db_accession_code 
_struct_ref_seq_dif.db_mon_id 
_struct_ref_seq_dif.pdbx_seq_db_seq_num 
_struct_ref_seq_dif.details 
_struct_ref_seq_dif.pdbx_auth_seq_num 
_struct_ref_seq_dif.pdbx_ordinal 
1 7WR2 GLY A 1 ? UNP R4X5L7 ? ? 'expression tag' 324 1 
1 7WR2 PRO A 2 ? UNP R4X5L7 ? ? 'expression tag' 325 2 
1 7WR2 LEU A 3 ? UNP R4X5L7 ? ? 'expression tag' 326 3 
1 7WR2 GLY A 4 ? UNP R4X5L7 ? ? 'expression tag' 327 4 
1 7WR2 SER A 5 ? UNP R4X5L7 ? ? 'expression tag' 328 5 
1 7WR2 GLY A 6 ? UNP R4X5L7 ? ? 'expression tag' 329 6 
1 7WR2 ARG A 7 ? UNP R4X5L7 ? ? 'expression tag' 330 7 
1 7WR2 PRO A 8 ? UNP R4X5L7 ? ? 'expression tag' 331 8 
# 
loop_
_chem_comp.id 
_chem_comp.type 
_chem_comp.mon_nstd_flag 
_chem_comp.name 
_chem_comp.pdbx_synonyms 
_chem_comp.formula 
_chem_comp.formula_weight 
ALA 'L-peptide linking' y ALANINE         ? 'C3 H7 N O2'     89.093  
ARG 'L-peptide linking' y ARGININE        ? 'C6 H15 N4 O2 1' 175.209 
ASN 'L-peptide linking' y ASPARAGINE      ? 'C4 H8 N2 O3'    132.118 
ASP 'L-peptide linking' y 'ASPARTIC ACID' ? 'C4 H7 N O4'     133.103 
CYS 'L-peptide linking' y CYSTEINE        ? 'C3 H7 N O2 S'   121.158 
GLN 'L-peptide linking' y GLUTAMINE       ? 'C5 H10 N2 O3'   146.144 
GLU 'L-peptide linking' y 'GLUTAMIC ACID' ? 'C5 H9 N O4'     147.129 
GLY 'peptide linking'   y GLYCINE         ? 'C2 H5 N O2'     75.067  
HIS 'L-peptide linking' y HISTIDINE       ? 'C6 H10 N3 O2 1' 156.162 
HOH non-polymer         . WATER           ? 'H2 O'           18.015  
ILE 'L-peptide linking' y ISOLEUCINE      ? 'C6 H13 N O2'    131.173 
LEU 'L-peptide linking' y LEUCINE         ? 'C6 H13 N O2'    131.173 
LYS 'L-peptide linking' y LYSINE          ? 'C6 H15 N2 O2 1' 147.195 
MET 'L-peptide linking' y METHIONINE      ? 'C5 H11 N O2 S'  149.211 
PHE 'L-peptide linking' y PHENYLALANINE   ? 'C9 H11 N O2'    165.189 
PRO 'L-peptide linking' y PROLINE         ? 'C5 H9 N O2'     115.130 
SER 'L-peptide linking' y SERINE          ? 'C3 H7 N O3'     105.093 
THR 'L-peptide linking' y THREONINE       ? 'C4 H9 N O3'     119.119 
TYR 'L-peptide linking' y TYROSINE        ? 'C9 H11 N O3'    181.189 
VAL 'L-peptide linking' y VALINE          ? 'C5 H11 N O2'    117.146 
# 
_exptl.absorpt_coefficient_mu     ? 
_exptl.absorpt_correction_T_max   ? 
_exptl.absorpt_correction_T_min   ? 
_exptl.absorpt_correction_type    ? 
_exptl.absorpt_process_details    ? 
_exptl.entry_id                   7WR2 
_exptl.crystals_number            1 
_exptl.details                    ? 
_exptl.method                     'X-RAY DIFFRACTION' 
_exptl.method_details             ? 
# 
_exptl_crystal.colour                      ? 
_exptl_crystal.density_diffrn              ? 
_exptl_crystal.density_Matthews            1.73 
_exptl_crystal.density_method              ? 
_exptl_crystal.density_percent_sol         28.72 
_exptl_crystal.description                 ? 
_exptl_crystal.F_000                       ? 
_exptl_crystal.id                          1 
_exptl_crystal.preparation                 ? 
_exptl_crystal.size_max                    ? 
_exptl_crystal.size_mid                    ? 
_exptl_crystal.size_min                    ? 
_exptl_crystal.size_rad                    ? 
_exptl_crystal.colour_lustre               ? 
_exptl_crystal.colour_modifier             ? 
_exptl_crystal.colour_primary              ? 
_exptl_crystal.density_meas                ? 
_exptl_crystal.density_meas_esd            ? 
_exptl_crystal.density_meas_gt             ? 
_exptl_crystal.density_meas_lt             ? 
_exptl_crystal.density_meas_temp           ? 
_exptl_crystal.density_meas_temp_esd       ? 
_exptl_crystal.density_meas_temp_gt        ? 
_exptl_crystal.density_meas_temp_lt        ? 
_exptl_crystal.pdbx_crystal_image_url      ? 
_exptl_crystal.pdbx_crystal_image_format   ? 
_exptl_crystal.pdbx_mosaicity              ? 
_exptl_crystal.pdbx_mosaicity_esd          ? 
# 
_exptl_crystal_grow.apparatus       ? 
_exptl_crystal_grow.atmosphere      ? 
_exptl_crystal_grow.crystal_id      1 
_exptl_crystal_grow.details         ? 
_exptl_crystal_grow.method          'VAPOR DIFFUSION, SITTING DROP' 
_exptl_crystal_grow.method_ref      ? 
_exptl_crystal_grow.pH              ? 
_exptl_crystal_grow.pressure        ? 
_exptl_crystal_grow.pressure_esd    ? 
_exptl_crystal_grow.seeding         ? 
_exptl_crystal_grow.seeding_ref     ? 
_exptl_crystal_grow.temp            293 
_exptl_crystal_grow.temp_details    ? 
_exptl_crystal_grow.temp_esd        ? 
_exptl_crystal_grow.time            ? 
_exptl_crystal_grow.pdbx_details    '20% PEG monomethyl ether 550, 0.1 M Bis-Tris propane pH 9.0' 
_exptl_crystal_grow.pdbx_pH_range   ? 
# 
_diffrn.ambient_environment              ? 
_diffrn.ambient_temp                     93 
_diffrn.ambient_temp_details             ? 
_diffrn.ambient_temp_esd                 ? 
_diffrn.crystal_id                       1 
_diffrn.crystal_support                  ? 
_diffrn.crystal_treatment                ? 
_diffrn.details                          ? 
_diffrn.id                               1 
_diffrn.ambient_pressure                 ? 
_diffrn.ambient_pressure_esd             ? 
_diffrn.ambient_pressure_gt              ? 
_diffrn.ambient_pressure_lt              ? 
_diffrn.ambient_temp_gt                  ? 
_diffrn.ambient_temp_lt                  ? 
_diffrn.pdbx_serial_crystal_experiment   N 
# 
_diffrn_detector.details                      ? 
_diffrn_detector.detector                     PIXEL 
_diffrn_detector.diffrn_id                    1 
_diffrn_detector.type                         'DECTRIS PILATUS3 6M' 
_diffrn_detector.area_resol_mean              ? 
_diffrn_detector.dtime                        ? 
_diffrn_detector.pdbx_frames_total            ? 
_diffrn_detector.pdbx_collection_time_total   ? 
_diffrn_detector.pdbx_collection_date         2018-05-31 
_diffrn_detector.pdbx_frequency               ? 
# 
_diffrn_radiation.collimation                      ? 
_diffrn_radiation.diffrn_id                        1 
_diffrn_radiation.filter_edge                      ? 
_diffrn_radiation.inhomogeneity                    ? 
_diffrn_radiation.monochromator                    ? 
_diffrn_radiation.polarisn_norm                    ? 
_diffrn_radiation.polarisn_ratio                   ? 
_diffrn_radiation.probe                            ? 
_diffrn_radiation.type                             ? 
_diffrn_radiation.xray_symbol                      ? 
_diffrn_radiation.wavelength_id                    1 
_diffrn_radiation.pdbx_monochromatic_or_laue_m_l   M 
_diffrn_radiation.pdbx_wavelength_list             ? 
_diffrn_radiation.pdbx_wavelength                  ? 
_diffrn_radiation.pdbx_diffrn_protocol             'SINGLE WAVELENGTH' 
_diffrn_radiation.pdbx_analyzer                    ? 
_diffrn_radiation.pdbx_scattering_type             x-ray 
# 
_diffrn_radiation_wavelength.id           1 
_diffrn_radiation_wavelength.wavelength   0.97892 
_diffrn_radiation_wavelength.wt           1.0 
# 
_diffrn_source.current                     ? 
_diffrn_source.details                     ? 
_diffrn_source.diffrn_id                   1 
_diffrn_source.power                       ? 
_diffrn_source.size                        ? 
_diffrn_source.source                      SYNCHROTRON 
_diffrn_source.target                      ? 
_diffrn_source.type                        'SSRF BEAMLINE BL19U1' 
_diffrn_source.voltage                     ? 
_diffrn_source.take-off_angle              ? 
_diffrn_source.pdbx_wavelength_list        0.97892 
_diffrn_source.pdbx_wavelength             ? 
_diffrn_source.pdbx_synchrotron_beamline   BL19U1 
_diffrn_source.pdbx_synchrotron_site       SSRF 
# 
_reflns.B_iso_Wilson_estimate                          17.32 
_reflns.entry_id                                       7WR2 
_reflns.data_reduction_details                         ? 
_reflns.data_reduction_method                          ? 
_reflns.d_resolution_high                              1.54 
_reflns.d_resolution_low                               40.10 
_reflns.details                                        ? 
_reflns.limit_h_max                                    ? 
_reflns.limit_h_min                                    ? 
_reflns.limit_k_max                                    ? 
_reflns.limit_k_min                                    ? 
_reflns.limit_l_max                                    ? 
_reflns.limit_l_min                                    ? 
_reflns.number_all                                     ? 
_reflns.number_obs                                     19087 
_reflns.observed_criterion                             ? 
_reflns.observed_criterion_F_max                       ? 
_reflns.observed_criterion_F_min                       ? 
_reflns.observed_criterion_I_max                       ? 
_reflns.observed_criterion_I_min                       ? 
_reflns.observed_criterion_sigma_F                     ? 
_reflns.observed_criterion_sigma_I                     ? 
_reflns.percent_possible_obs                           98.6 
_reflns.R_free_details                                 ? 
_reflns.Rmerge_F_all                                   ? 
_reflns.Rmerge_F_obs                                   ? 
_reflns.Friedel_coverage                               ? 
_reflns.number_gt                                      ? 
_reflns.threshold_expression                           ? 
_reflns.pdbx_redundancy                                6.02 
_reflns.pdbx_Rmerge_I_obs                              0.045 
_reflns.pdbx_Rmerge_I_all                              ? 
_reflns.pdbx_Rsym_value                                ? 
_reflns.pdbx_netI_over_av_sigmaI                       ? 
_reflns.pdbx_netI_over_sigmaI                          22.58 
_reflns.pdbx_res_netI_over_av_sigmaI_2                 ? 
_reflns.pdbx_res_netI_over_sigmaI_2                    ? 
_reflns.pdbx_chi_squared                               ? 
_reflns.pdbx_scaling_rejects                           ? 
_reflns.pdbx_d_res_high_opt                            ? 
_reflns.pdbx_d_res_low_opt                             ? 
_reflns.pdbx_d_res_opt_method                          ? 
_reflns.phase_calculation_details                      ? 
_reflns.pdbx_Rrim_I_all                                0.049 
_reflns.pdbx_Rpim_I_all                                ? 
_reflns.pdbx_d_opt                                     ? 
_reflns.pdbx_number_measured_all                       ? 
_reflns.pdbx_diffrn_id                                 1 
_reflns.pdbx_ordinal                                   1 
_reflns.pdbx_CC_half                                   0.999 
_reflns.pdbx_CC_star                                   ? 
_reflns.pdbx_R_split                                   ? 
_reflns.pdbx_aniso_diffraction_limit_axis_1_ortho[1]   ? 
_reflns.pdbx_aniso_diffraction_limit_axis_1_ortho[2]   ? 
_reflns.pdbx_aniso_diffraction_limit_axis_1_ortho[3]   ? 
_reflns.pdbx_aniso_diffraction_limit_axis_2_ortho[1]   ? 
_reflns.pdbx_aniso_diffraction_limit_axis_2_ortho[2]   ? 
_reflns.pdbx_aniso_diffraction_limit_axis_2_ortho[3]   ? 
_reflns.pdbx_aniso_diffraction_limit_axis_3_ortho[1]   ? 
_reflns.pdbx_aniso_diffraction_limit_axis_3_ortho[2]   ? 
_reflns.pdbx_aniso_diffraction_limit_axis_3_ortho[3]   ? 
_reflns.pdbx_aniso_diffraction_limit_1                 ? 
_reflns.pdbx_aniso_diffraction_limit_2                 ? 
_reflns.pdbx_aniso_diffraction_limit_3                 ? 
_reflns.pdbx_aniso_B_tensor_eigenvector_1_ortho[1]     ? 
_reflns.pdbx_aniso_B_tensor_eigenvector_1_ortho[2]     ? 
_reflns.pdbx_aniso_B_tensor_eigenvector_1_ortho[3]     ? 
_reflns.pdbx_aniso_B_tensor_eigenvector_2_ortho[1]     ? 
_reflns.pdbx_aniso_B_tensor_eigenvector_2_ortho[2]     ? 
_reflns.pdbx_aniso_B_tensor_eigenvector_2_ortho[3]     ? 
_reflns.pdbx_aniso_B_tensor_eigenvector_3_ortho[1]     ? 
_reflns.pdbx_aniso_B_tensor_eigenvector_3_ortho[2]     ? 
_reflns.pdbx_aniso_B_tensor_eigenvector_3_ortho[3]     ? 
_reflns.pdbx_aniso_B_tensor_eigenvalue_1               ? 
_reflns.pdbx_aniso_B_tensor_eigenvalue_2               ? 
_reflns.pdbx_aniso_B_tensor_eigenvalue_3               ? 
_reflns.pdbx_orthogonalization_convention              ? 
_reflns.pdbx_percent_possible_ellipsoidal              ? 
_reflns.pdbx_percent_possible_spherical                ? 
_reflns.pdbx_percent_possible_ellipsoidal_anomalous    ? 
_reflns.pdbx_percent_possible_spherical_anomalous      ? 
_reflns.pdbx_redundancy_anomalous                      ? 
_reflns.pdbx_CC_half_anomalous                         ? 
_reflns.pdbx_absDiff_over_sigma_anomalous              ? 
_reflns.pdbx_percent_possible_anomalous                ? 
_reflns.pdbx_observed_signal_threshold                 ? 
_reflns.pdbx_signal_type                               ? 
_reflns.pdbx_signal_details                            ? 
_reflns.pdbx_signal_software_id                        ? 
# 
_reflns_shell.d_res_high                                    1.54 
_reflns_shell.d_res_low                                     1.58 
_reflns_shell.meanI_over_sigI_all                           ? 
_reflns_shell.meanI_over_sigI_obs                           7.87 
_reflns_shell.number_measured_all                           ? 
_reflns_shell.number_measured_obs                           ? 
_reflns_shell.number_possible                               ? 
_reflns_shell.number_unique_all                             ? 
_reflns_shell.number_unique_obs                             1304 
_reflns_shell.percent_possible_all                          92.6 
_reflns_shell.percent_possible_obs                          ? 
_reflns_shell.Rmerge_F_all                                  ? 
_reflns_shell.Rmerge_F_obs                                  ? 
_reflns_shell.Rmerge_I_all                                  ? 
_reflns_shell.Rmerge_I_obs                                  0.158 
_reflns_shell.meanI_over_sigI_gt                            ? 
_reflns_shell.meanI_over_uI_all                             ? 
_reflns_shell.meanI_over_uI_gt                              ? 
_reflns_shell.number_measured_gt                            ? 
_reflns_shell.number_unique_gt                              ? 
_reflns_shell.percent_possible_gt                           ? 
_reflns_shell.Rmerge_F_gt                                   ? 
_reflns_shell.Rmerge_I_gt                                   ? 
_reflns_shell.pdbx_redundancy                               ? 
_reflns_shell.pdbx_Rsym_value                               ? 
_reflns_shell.pdbx_chi_squared                              ? 
_reflns_shell.pdbx_netI_over_sigmaI_all                     ? 
_reflns_shell.pdbx_netI_over_sigmaI_obs                     ? 
_reflns_shell.pdbx_Rrim_I_all                               0.176 
_reflns_shell.pdbx_Rpim_I_all                               ? 
_reflns_shell.pdbx_rejects                                  ? 
_reflns_shell.pdbx_ordinal                                  1 
_reflns_shell.pdbx_diffrn_id                                1 
_reflns_shell.pdbx_CC_half                                  0.977 
_reflns_shell.pdbx_CC_star                                  ? 
_reflns_shell.pdbx_R_split                                  ? 
_reflns_shell.pdbx_percent_possible_ellipsoidal             ? 
_reflns_shell.pdbx_percent_possible_spherical               ? 
_reflns_shell.pdbx_percent_possible_ellipsoidal_anomalous   ? 
_reflns_shell.pdbx_percent_possible_spherical_anomalous     ? 
_reflns_shell.pdbx_redundancy_anomalous                     ? 
_reflns_shell.pdbx_CC_half_anomalous                        ? 
_reflns_shell.pdbx_absDiff_over_sigma_anomalous             ? 
_reflns_shell.pdbx_percent_possible_anomalous               ? 
# 
_refine.aniso_B[1][1]                            ? 
_refine.aniso_B[1][2]                            ? 
_refine.aniso_B[1][3]                            ? 
_refine.aniso_B[2][2]                            ? 
_refine.aniso_B[2][3]                            ? 
_refine.aniso_B[3][3]                            ? 
_refine.B_iso_max                                ? 
_refine.B_iso_mean                               21.83 
_refine.B_iso_min                                ? 
_refine.correlation_coeff_Fo_to_Fc               ? 
_refine.correlation_coeff_Fo_to_Fc_free          ? 
_refine.details                                  ? 
_refine.diff_density_max                         ? 
_refine.diff_density_max_esd                     ? 
_refine.diff_density_min                         ? 
_refine.diff_density_min_esd                     ? 
_refine.diff_density_rms                         ? 
_refine.diff_density_rms_esd                     ? 
_refine.entry_id                                 7WR2 
_refine.pdbx_refine_id                           'X-RAY DIFFRACTION' 
_refine.ls_abs_structure_details                 ? 
_refine.ls_abs_structure_Flack                   ? 
_refine.ls_abs_structure_Flack_esd               ? 
_refine.ls_abs_structure_Rogers                  ? 
_refine.ls_abs_structure_Rogers_esd              ? 
_refine.ls_d_res_high                            1.54 
_refine.ls_d_res_low                             40.09 
_refine.ls_extinction_coef                       ? 
_refine.ls_extinction_coef_esd                   ? 
_refine.ls_extinction_expression                 ? 
_refine.ls_extinction_method                     ? 
_refine.ls_goodness_of_fit_all                   ? 
_refine.ls_goodness_of_fit_all_esd               ? 
_refine.ls_goodness_of_fit_obs                   ? 
_refine.ls_goodness_of_fit_obs_esd               ? 
_refine.ls_hydrogen_treatment                    ? 
_refine.ls_matrix_type                           ? 
_refine.ls_number_constraints                    ? 
_refine.ls_number_parameters                     ? 
_refine.ls_number_reflns_all                     ? 
_refine.ls_number_reflns_obs                     19047 
_refine.ls_number_reflns_R_free                  1905 
_refine.ls_number_reflns_R_work                  17142 
_refine.ls_number_restraints                     ? 
_refine.ls_percent_reflns_obs                    98.67 
_refine.ls_percent_reflns_R_free                 10.00 
_refine.ls_R_factor_all                          ? 
_refine.ls_R_factor_obs                          0.1705 
_refine.ls_R_factor_R_free                       0.1903 
_refine.ls_R_factor_R_free_error                 ? 
_refine.ls_R_factor_R_free_error_details         ? 
_refine.ls_R_factor_R_work                       0.1683 
_refine.ls_R_Fsqd_factor_obs                     ? 
_refine.ls_R_I_factor_obs                        ? 
_refine.ls_redundancy_reflns_all                 ? 
_refine.ls_redundancy_reflns_obs                 ? 
_refine.ls_restrained_S_all                      ? 
_refine.ls_restrained_S_obs                      ? 
_refine.ls_shift_over_esd_max                    ? 
_refine.ls_shift_over_esd_mean                   ? 
_refine.ls_structure_factor_coef                 ? 
_refine.ls_weighting_details                     ? 
_refine.ls_weighting_scheme                      ? 
_refine.ls_wR_factor_all                         ? 
_refine.ls_wR_factor_obs                         ? 
_refine.ls_wR_factor_R_free                      ? 
_refine.ls_wR_factor_R_work                      ? 
_refine.occupancy_max                            ? 
_refine.occupancy_min                            ? 
_refine.solvent_model_details                    'FLAT BULK SOLVENT MODEL' 
_refine.solvent_model_param_bsol                 ? 
_refine.solvent_model_param_ksol                 ? 
_refine.pdbx_R_complete                          ? 
_refine.ls_R_factor_gt                           ? 
_refine.ls_goodness_of_fit_gt                    ? 
_refine.ls_goodness_of_fit_ref                   ? 
_refine.ls_shift_over_su_max                     ? 
_refine.ls_shift_over_su_max_lt                  ? 
_refine.ls_shift_over_su_mean                    ? 
_refine.ls_shift_over_su_mean_lt                 ? 
_refine.pdbx_ls_sigma_I                          ? 
_refine.pdbx_ls_sigma_F                          1.40 
_refine.pdbx_ls_sigma_Fsqd                       ? 
_refine.pdbx_data_cutoff_high_absF               ? 
_refine.pdbx_data_cutoff_high_rms_absF           ? 
_refine.pdbx_data_cutoff_low_absF                ? 
_refine.pdbx_isotropic_thermal_model             ? 
_refine.pdbx_ls_cross_valid_method               'FREE R-VALUE' 
_refine.pdbx_method_to_determine_struct          'MOLECULAR REPLACEMENT' 
_refine.pdbx_starting_model                      7WR1 
_refine.pdbx_stereochemistry_target_values       'GeoStd + Monomer Library + CDL v1.2' 
_refine.pdbx_R_Free_selection_details            ? 
_refine.pdbx_stereochem_target_val_spec_case     ? 
_refine.pdbx_overall_ESU_R                       ? 
_refine.pdbx_overall_ESU_R_Free                  ? 
_refine.pdbx_solvent_vdw_probe_radii             1.1100 
_refine.pdbx_solvent_ion_probe_radii             ? 
_refine.pdbx_solvent_shrinkage_radii             0.9000 
_refine.pdbx_real_space_R                        ? 
_refine.pdbx_density_correlation                 ? 
_refine.pdbx_pd_number_of_powder_patterns        ? 
_refine.pdbx_pd_number_of_points                 ? 
_refine.pdbx_pd_meas_number_of_points            ? 
_refine.pdbx_pd_proc_ls_prof_R_factor            ? 
_refine.pdbx_pd_proc_ls_prof_wR_factor           ? 
_refine.pdbx_pd_Marquardt_correlation_coeff      ? 
_refine.pdbx_pd_Fsqrd_R_factor                   ? 
_refine.pdbx_pd_ls_matrix_band_width             ? 
_refine.pdbx_overall_phase_error                 18.0133 
_refine.pdbx_overall_SU_R_free_Cruickshank_DPI   ? 
_refine.pdbx_overall_SU_R_free_Blow_DPI          ? 
_refine.pdbx_overall_SU_R_Blow_DPI               ? 
_refine.pdbx_TLS_residual_ADP_flag               ? 
_refine.pdbx_diffrn_id                           1 
_refine.overall_SU_B                             ? 
_refine.overall_SU_ML                            0.1318 
_refine.overall_SU_R_Cruickshank_DPI             ? 
_refine.overall_SU_R_free                        ? 
_refine.overall_FOM_free_R_set                   ? 
_refine.overall_FOM_work_R_set                   ? 
_refine.pdbx_average_fsc_overall                 ? 
_refine.pdbx_average_fsc_work                    ? 
_refine.pdbx_average_fsc_free                    ? 
# 
_refine_hist.pdbx_refine_id                   'X-RAY DIFFRACTION' 
_refine_hist.cycle_id                         LAST 
_refine_hist.details                          ? 
_refine_hist.d_res_high                       1.54 
_refine_hist.d_res_low                        40.09 
_refine_hist.number_atoms_solvent             176 
_refine_hist.number_atoms_total               1264 
_refine_hist.number_reflns_all                ? 
_refine_hist.number_reflns_obs                ? 
_refine_hist.number_reflns_R_free             ? 
_refine_hist.number_reflns_R_work             ? 
_refine_hist.R_factor_all                     ? 
_refine_hist.R_factor_obs                     ? 
_refine_hist.R_factor_R_free                  ? 
_refine_hist.R_factor_R_work                  ? 
_refine_hist.pdbx_number_residues_total       ? 
_refine_hist.pdbx_B_iso_mean_ligand           ? 
_refine_hist.pdbx_B_iso_mean_solvent          ? 
_refine_hist.pdbx_number_atoms_protein        1088 
_refine_hist.pdbx_number_atoms_nucleic_acid   0 
_refine_hist.pdbx_number_atoms_ligand         0 
_refine_hist.pdbx_number_atoms_lipid          ? 
_refine_hist.pdbx_number_atoms_carb           ? 
_refine_hist.pdbx_pseudo_atom_details         ? 
# 
loop_
_refine_ls_restr.pdbx_refine_id 
_refine_ls_restr.criterion 
_refine_ls_restr.dev_ideal 
_refine_ls_restr.dev_ideal_target 
_refine_ls_restr.number 
_refine_ls_restr.rejects 
_refine_ls_restr.type 
_refine_ls_restr.weight 
_refine_ls_restr.pdbx_restraint_function 
'X-RAY DIFFRACTION' ? 0.0061  ? 1107 ? f_bond_d           ? ? 
'X-RAY DIFFRACTION' ? 0.8371  ? 1481 ? f_angle_d          ? ? 
'X-RAY DIFFRACTION' ? 0.0469  ? 163  ? f_chiral_restr     ? ? 
'X-RAY DIFFRACTION' ? 0.0039  ? 189  ? f_plane_restr      ? ? 
'X-RAY DIFFRACTION' ? 16.1985 ? 428  ? f_dihedral_angle_d ? ? 
# 
loop_
_refine_ls_shell.pdbx_refine_id 
_refine_ls_shell.d_res_high 
_refine_ls_shell.d_res_low 
_refine_ls_shell.number_reflns_all 
_refine_ls_shell.number_reflns_obs 
_refine_ls_shell.number_reflns_R_free 
_refine_ls_shell.number_reflns_R_work 
_refine_ls_shell.percent_reflns_obs 
_refine_ls_shell.percent_reflns_R_free 
_refine_ls_shell.R_factor_all 
_refine_ls_shell.R_factor_obs 
_refine_ls_shell.R_factor_R_free 
_refine_ls_shell.R_factor_R_free_error 
_refine_ls_shell.R_factor_R_work 
_refine_ls_shell.redundancy_reflns_all 
_refine_ls_shell.redundancy_reflns_obs 
_refine_ls_shell.wR_factor_all 
_refine_ls_shell.wR_factor_obs 
_refine_ls_shell.wR_factor_R_free 
_refine_ls_shell.wR_factor_R_work 
_refine_ls_shell.pdbx_R_complete 
_refine_ls_shell.pdbx_total_number_of_bins_used 
_refine_ls_shell.pdbx_phase_error 
_refine_ls_shell.pdbx_fsc_work 
_refine_ls_shell.pdbx_fsc_free 
'X-RAY DIFFRACTION' 1.54 1.58  . . 125 1124 92.45 . . . 0.2282 . 0.1789 . . . . . . . . . . . 
'X-RAY DIFFRACTION' 1.58 1.62  . . 134 1208 98.97 . . . 0.2248 . 0.1713 . . . . . . . . . . . 
'X-RAY DIFFRACTION' 1.62 1.67  . . 132 1193 98.88 . . . 0.1851 . 0.1800 . . . . . . . . . . . 
'X-RAY DIFFRACTION' 1.67 1.73  . . 135 1208 99.04 . . . 0.2280 . 0.1750 . . . . . . . . . . . 
'X-RAY DIFFRACTION' 1.73 1.79  . . 136 1223 99.20 . . . 0.2287 . 0.1851 . . . . . . . . . . . 
'X-RAY DIFFRACTION' 1.79 1.86  . . 134 1209 98.90 . . . 0.1997 . 0.1754 . . . . . . . . . . . 
'X-RAY DIFFRACTION' 1.86 1.94  . . 135 1222 99.49 . . . 0.2376 . 0.1796 . . . . . . . . . . . 
'X-RAY DIFFRACTION' 1.94 2.05  . . 136 1217 99.49 . . . 0.2114 . 0.1673 . . . . . . . . . . . 
'X-RAY DIFFRACTION' 2.05 2.17  . . 136 1228 99.13 . . . 0.2028 . 0.1634 . . . . . . . . . . . 
'X-RAY DIFFRACTION' 2.18 2.34  . . 137 1222 98.91 . . . 0.1918 . 0.1628 . . . . . . . . . . . 
'X-RAY DIFFRACTION' 2.34 2.58  . . 137 1244 99.57 . . . 0.1811 . 0.1734 . . . . . . . . . . . 
'X-RAY DIFFRACTION' 2.58 2.95  . . 138 1239 98.85 . . . 0.2168 . 0.1718 . . . . . . . . . . . 
'X-RAY DIFFRACTION' 2.95 3.72  . . 141 1263 99.29 . . . 0.1608 . 0.1657 . . . . . . . . . . . 
'X-RAY DIFFRACTION' 3.72 40.09 . . 149 1342 99.14 . . . 0.1667 . 0.1609 . . . . . . . . . . . 
# 
_struct.entry_id                     7WR2 
_struct.title                        'Cryatal structure of OspC3 C-terminal ankyrin-repeat domain' 
_struct.pdbx_model_details           ? 
_struct.pdbx_formula_weight          ? 
_struct.pdbx_formula_weight_method   ? 
_struct.pdbx_model_type_details      ? 
_struct.pdbx_CASP_flag               N 
# 
_struct_keywords.entry_id        7WR2 
_struct_keywords.text            'ADP-riboxanase, effector, ankyrin-repeat domain, TRANSFERASE' 
_struct_keywords.pdbx_keywords   TRANSFERASE 
# 
loop_
_struct_asym.id 
_struct_asym.pdbx_blank_PDB_chainid_flag 
_struct_asym.pdbx_modified 
_struct_asym.entity_id 
_struct_asym.details 
A N N 1 ? 
B N N 2 ? 
# 
loop_
_struct_conf.conf_type_id 
_struct_conf.id 
_struct_conf.pdbx_PDB_helix_id 
_struct_conf.beg_label_comp_id 
_struct_conf.beg_label_asym_id 
_struct_conf.beg_label_seq_id 
_struct_conf.pdbx_beg_PDB_ins_code 
_struct_conf.end_label_comp_id 
_struct_conf.end_label_asym_id 
_struct_conf.end_label_seq_id 
_struct_conf.pdbx_end_PDB_ins_code 
_struct_conf.beg_auth_comp_id 
_struct_conf.beg_auth_asym_id 
_struct_conf.beg_auth_seq_id 
_struct_conf.end_auth_comp_id 
_struct_conf.end_auth_asym_id 
_struct_conf.end_auth_seq_id 
_struct_conf.pdbx_PDB_helix_class 
_struct_conf.details 
_struct_conf.pdbx_PDB_helix_length 
HELX_P HELX_P1  AA1 SER A 24  ? ALA A 31  ? SER A 347 ALA A 354 1 ? 8  
HELX_P HELX_P2  AA2 ASN A 33  ? VAL A 41  ? ASN A 356 VAL A 364 1 ? 9  
HELX_P HELX_P3  AA3 ASP A 43  ? ASN A 57  ? ASP A 366 ASN A 380 1 ? 15 
HELX_P HELX_P4  AA4 LYS A 59  ? PHE A 70  ? LYS A 382 PHE A 393 1 ? 12 
HELX_P HELX_P5  AA5 THR A 73  ? GLU A 81  ? THR A 396 GLU A 404 1 ? 9  
HELX_P HELX_P6  AA6 ASN A 86  ? TYR A 92  ? ASN A 409 TYR A 415 1 ? 7  
HELX_P HELX_P7  AA7 ASP A 93  ? LYS A 100 ? ASP A 416 LYS A 423 1 ? 8  
HELX_P HELX_P8  AA8 ASP A 101 ? ALA A 103 ? ASP A 424 ALA A 426 5 ? 3  
HELX_P HELX_P9  AA9 ASN A 104 ? ASN A 114 ? ASN A 427 ASN A 437 1 ? 11 
HELX_P HELX_P10 AB1 THR A 131 ? LYS A 140 ? THR A 454 LYS A 463 1 ? 10 
HELX_P HELX_P11 AB2 ASP A 141 ? ASN A 151 ? ASP A 464 ASN A 474 1 ? 11 
# 
_struct_conf_type.id          HELX_P 
_struct_conf_type.criteria    ? 
_struct_conf_type.reference   ? 
# 
_atom_sites.entry_id                    7WR2 
_atom_sites.Cartn_transf_matrix[1][1]   ? 
_atom_sites.Cartn_transf_matrix[1][2]   ? 
_atom_sites.Cartn_transf_matrix[1][3]   ? 
_atom_sites.Cartn_transf_matrix[2][1]   ? 
_atom_sites.Cartn_transf_matrix[2][2]   ? 
_atom_sites.Cartn_transf_matrix[2][3]   ? 
_atom_sites.Cartn_transf_matrix[3][1]   ? 
_atom_sites.Cartn_transf_matrix[3][2]   ? 
_atom_sites.Cartn_transf_matrix[3][3]   ? 
_atom_sites.Cartn_transf_vector[1]      ? 
_atom_sites.Cartn_transf_vector[2]      ? 
_atom_sites.Cartn_transf_vector[3]      ? 
_atom_sites.fract_transf_matrix[1][1]   0.00006369 
_atom_sites.fract_transf_matrix[1][2]   -0.02308727 
_atom_sites.fract_transf_matrix[1][3]   -0.01082699 
_atom_sites.fract_transf_matrix[2][1]   -0.01153666 
_atom_sites.fract_transf_matrix[2][2]   -0.00618720 
_atom_sites.fract_transf_matrix[2][3]   0.01312560 
_atom_sites.fract_transf_matrix[3][1]   -0.01306105 
_atom_sites.fract_transf_matrix[3][2]   0.00437946 
_atom_sites.fract_transf_matrix[3][3]   -0.00941551 
_atom_sites.fract_transf_vector[1]      -0.201169 
_atom_sites.fract_transf_vector[2]      0.034474 
_atom_sites.fract_transf_vector[3]      -0.149197 
_atom_sites.solution_primary            ? 
_atom_sites.solution_secondary          ? 
_atom_sites.solution_hydrogens          ? 
_atom_sites.special_details             ? 
# 
loop_
_atom_type.symbol 
_atom_type.scat_dispersion_real 
_atom_type.scat_dispersion_imag 
_atom_type.scat_Cromer_Mann_a1 
_atom_type.scat_Cromer_Mann_a2 
_atom_type.scat_Cromer_Mann_a3 
_atom_type.scat_Cromer_Mann_a4 
_atom_type.scat_Cromer_Mann_b1 
_atom_type.scat_Cromer_Mann_b2 
_atom_type.scat_Cromer_Mann_b3 
_atom_type.scat_Cromer_Mann_b4 
_atom_type.scat_Cromer_Mann_c 
_atom_type.scat_source 
_atom_type.scat_dispersion_source 
C ? ? 3.54356 2.42580 ? ? 25.62398 1.50364  ? ? 0.0 
;2-Gaussian fit: Grosse-Kunstleve RW, Sauter NK, Adams PD: Newsletter of the IUCr Commission on Crystallographic Computing 2004, 3, 22-31.
;
? 
N ? ? 4.01032 2.96436 ? ? 19.97189 1.75589  ? ? 0.0 
;2-Gaussian fit: Grosse-Kunstleve RW, Sauter NK, Adams PD: Newsletter of the IUCr Commission on Crystallographic Computing 2004, 3, 22-31.
;
? 
O ? ? 4.49882 3.47563 ? ? 15.80542 1.70748  ? ? 0.0 
;2-Gaussian fit: Grosse-Kunstleve RW, Sauter NK, Adams PD: Newsletter of the IUCr Commission on Crystallographic Computing 2004, 3, 22-31.
;
? 
S ? ? 9.55732 6.39887 ? ? 1.23737  29.19336 ? ? 0.0 
;2-Gaussian fit: Grosse-Kunstleve RW, Sauter NK, Adams PD: Newsletter of the IUCr Commission on Crystallographic Computing 2004, 3, 22-31.
;
? 
# 
loop_
_atom_site.group_PDB 
_atom_site.id 
_atom_site.type_symbol 
_atom_site.label_atom_id 
_atom_site.label_alt_id 
_atom_site.label_comp_id 
_atom_site.label_asym_id 
_atom_site.label_entity_id 
_atom_site.label_seq_id 
_atom_site.pdbx_PDB_ins_code 
_atom_site.Cartn_x 
_atom_site.Cartn_y 
_atom_site.Cartn_z 
_atom_site.occupancy 
_atom_site.B_iso_or_equiv 
_atom_site.pdbx_formal_charge 
_atom_site.auth_seq_id 
_atom_site.auth_comp_id 
_atom_site.auth_asym_id 
_atom_site.auth_atom_id 
_atom_site.pdbx_PDB_model_num 
ATOM   1    N N   . ILE A 1 23  ? -4.83341  12.89033  19.83738  1.000 30.23138 ? 346 ILE A N   1 
ATOM   2    C CA  . ILE A 1 23  ? -3.70203  12.53527  18.98395  1.000 24.35675 ? 346 ILE A CA  1 
ATOM   3    C C   . ILE A 1 23  ? -4.10709  12.52818  17.50138  1.000 24.70888 ? 346 ILE A C   1 
ATOM   4    O O   . ILE A 1 23  ? -5.28841  12.38004  17.17465  1.000 26.21007 ? 346 ILE A O   1 
ATOM   5    C CB  . ILE A 1 23  ? -3.10695  11.16822  19.40221  1.000 29.05396 ? 346 ILE A CB  1 
ATOM   6    C CG1 . ILE A 1 23  ? -4.06996  10.02741  19.07378  1.000 25.67994 ? 346 ILE A CG1 1 
ATOM   7    C CG2 . ILE A 1 23  ? -2.79127  11.14807  20.89322  1.000 34.83005 ? 346 ILE A CG2 1 
ATOM   8    C CD1 . ILE A 1 23  ? -3.50353  8.65586   19.42342  1.000 25.64632 ? 346 ILE A CD1 1 
ATOM   9    N N   . SER A 1 24  ? -3.13225  12.70179  16.60835  1.000 24.92542 ? 347 SER A N   1 
ATOM   10   C CA  . SER A 1 24  ? -3.42130  12.65710  15.18293  1.000 20.12853 ? 347 SER A CA  1 
ATOM   11   C C   . SER A 1 24  ? -3.67645  11.21973  14.74241  1.000 13.71000 ? 347 SER A C   1 
ATOM   12   O O   . SER A 1 24  ? -3.34107  10.26178  15.44349  1.000 17.03326 ? 347 SER A O   1 
ATOM   13   C CB  . SER A 1 24  ? -2.27322  13.24584  14.36044  1.000 26.38557 ? 347 SER A CB  1 
ATOM   14   O OG  . SER A 1 24  ? -1.15236  12.36646  14.32352  1.000 23.41272 ? 347 SER A OG  1 
ATOM   15   N N   . LEU A 1 25  ? -4.28065  11.08337  13.55905  1.000 18.06765 ? 348 LEU A N   1 
ATOM   16   C CA  . LEU A 1 25  ? -4.49183  9.75142   13.00217  1.000 14.55503 ? 348 LEU A CA  1 
ATOM   17   C C   . LEU A 1 25  ? -3.16462  9.03202   12.80732  1.000 16.12935 ? 348 LEU A C   1 
ATOM   18   O O   . LEU A 1 25  ? -3.02186  7.86336   13.18695  1.000 14.66937 ? 348 LEU A O   1 
ATOM   19   C CB  . LEU A 1 25  ? -5.24749  9.83591   11.67799  1.000 15.40437 ? 348 LEU A CB  1 
ATOM   20   C CG  . LEU A 1 25  ? -5.39265  8.49323   10.95444  1.000 13.92345 ? 348 LEU A CG  1 
ATOM   21   C CD1 . LEU A 1 25  ? -6.18419  7.48075   11.78740  1.000 17.55943 ? 348 LEU A CD1 1 
ATOM   22   C CD2 . LEU A 1 25  ? -6.04561  8.72894   9.59260   1.000 17.36088 ? 348 LEU A CD2 1 
ATOM   23   N N   . GLU A 1 26  ? -2.17361  9.71828   12.22578  1.000 15.88442 ? 349 GLU A N   1 
ATOM   24   C CA  . GLU A 1 26  ? -0.87988  9.07098   12.02489  1.000 15.05027 ? 349 GLU A CA  1 
ATOM   25   C C   . GLU A 1 26  ? -0.24115  8.70087   13.35777  1.000 14.92299 ? 349 GLU A C   1 
ATOM   26   O O   . GLU A 1 26  ? 0.37657   7.63528   13.48039  1.000 14.95654 ? 349 GLU A O   1 
ATOM   27   C CB  . GLU A 1 26  ? 0.05471   9.95601   11.19803  1.000 15.95176 ? 349 GLU A CB  1 
ATOM   28   C CG  . GLU A 1 26  ? 1.33152   9.19907   10.82102  1.000 13.09347 ? 349 GLU A CG  1 
ATOM   29   C CD  . GLU A 1 26  ? 2.27037   9.98146   9.93153   1.000 22.17179 ? 349 GLU A CD  1 
ATOM   30   O OE1 . GLU A 1 26  ? 2.09366   11.21450  9.80291   1.000 22.48430 ? 349 GLU A OE1 1 
ATOM   31   O OE2 . GLU A 1 26  ? 3.19634   9.35138   9.36818   1.000 21.43581 ? 349 GLU A OE2 1 
ATOM   32   N N   . ASP A 1 27  ? -0.38165  9.55842   14.37489  1.000 16.73475 ? 350 ASP A N   1 
ATOM   33   C CA  . ASP A 1 27  ? 0.17082   9.21947   15.68191  1.000 16.48361 ? 350 ASP A CA  1 
ATOM   34   C C   . ASP A 1 27  ? -0.46958  7.95598   16.23751  1.000 17.70622 ? 350 ASP A C   1 
ATOM   35   O O   . ASP A 1 27  ? 0.22210   7.09806   16.79730  1.000 17.72320 ? 350 ASP A O   1 
ATOM   36   C CB  . ASP A 1 27  ? -0.01019  10.38244  16.66131  1.000 21.55100 ? 350 ASP A CB  1 
ATOM   37   C CG  . ASP A 1 27  ? 0.96491   11.52531  16.40422  1.000 28.94322 ? 350 ASP A CG  1 
ATOM   38   O OD1 . ASP A 1 27  ? 1.99154   11.31103  15.72673  1.000 31.35797 ? 350 ASP A OD1 1 
ATOM   39   O OD2 . ASP A 1 27  ? 0.70281   12.64336  16.88867  1.000 43.74382 ? 350 ASP A OD2 1 
ATOM   40   N N   . ALA A 1 28  ? -1.78841  7.81113   16.06838  1.000 16.76279 ? 351 ALA A N   1 
ATOM   41   C CA  . ALA A 1 28  ? -2.47445  6.61877   16.54516  1.000 12.78688 ? 351 ALA A CA  1 
ATOM   42   C C   . ALA A 1 28  ? -1.97667  5.37994   15.81500  1.000 13.91518 ? 351 ALA A C   1 
ATOM   43   O O   . ALA A 1 28  ? -1.83803  4.30910   16.41033  1.000 14.69647 ? 351 ALA A O   1 
ATOM   44   C CB  . ALA A 1 28  ? -3.98660  6.78175   16.35504  1.000 15.80633 ? 351 ALA A CB  1 
ATOM   45   N N   . ILE A 1 29  ? -1.72905  5.50745   14.51549  1.000 13.77967 ? 352 ILE A N   1 
ATOM   46   C CA  . ILE A 1 29  ? -1.24505  4.37744   13.73793  1.000 15.54957 ? 352 ILE A CA  1 
ATOM   47   C C   . ILE A 1 29  ? 0.15607   3.98013   14.18764  1.000 14.52568 ? 352 ILE A C   1 
ATOM   48   O O   . ILE A 1 29  ? 0.43881   2.79589   14.40589  1.000 16.61469 ? 352 ILE A O   1 
ATOM   49   C CB  . ILE A 1 29  ? -1.30619  4.72923   12.24453  1.000 15.37304 ? 352 ILE A CB  1 
ATOM   50   C CG1 . ILE A 1 29  ? -2.77325  4.87770   11.83391  1.000 19.01326 ? 352 ILE A CG1 1 
ATOM   51   C CG2 . ILE A 1 29  ? -0.57003  3.70888   11.40897  1.000 16.25511 ? 352 ILE A CG2 1 
ATOM   52   C CD1 . ILE A 1 29  ? -2.98116  5.35080   10.41639  1.000 18.94318 ? 352 ILE A CD1 1 
ATOM   53   N N   . LYS A 1 30  ? 1.05222   4.96563   14.34423  1.000 16.39698 ? 353 LYS A N   1 
ATOM   54   C CA  . LYS A 1 30  ? 2.40375   4.66676   14.80943  1.000 16.00189 ? 353 LYS A CA  1 
ATOM   55   C C   . LYS A 1 30  ? 2.39521   3.99467   16.17299  1.000 18.77854 ? 353 LYS A C   1 
ATOM   56   O O   . LYS A 1 30  ? 3.25432   3.15171   16.45113  1.000 21.98304 ? 353 LYS A O   1 
ATOM   57   C CB  . LYS A 1 30  ? 3.23942   5.94695   14.84555  1.000 16.93832 ? 353 LYS A CB  1 
ATOM   58   C CG  . LYS A 1 30  ? 3.47220   6.51098   13.46113  1.000 19.78559 ? 353 LYS A CG  1 
ATOM   59   C CD  . LYS A 1 30  ? 3.97121   7.94067   13.50519  1.000 31.38517 ? 353 LYS A CD  1 
ATOM   60   C CE  . LYS A 1 30  ? 5.45498   8.02555   13.23673  1.000 41.18535 ? 353 LYS A CE  1 
ATOM   61   N NZ  . LYS A 1 30  ? 5.89171   9.44778   13.19918  1.000 46.99202 ? 353 LYS A NZ  1 
ATOM   62   N N   . ALA A 1 31  ? 1.42918   4.33215   17.02441  1.000 13.56082 ? 354 ALA A N   1 
ATOM   63   C CA  . ALA A 1 31  ? 1.36023   3.78422   18.37204  1.000 14.96631 ? 354 ALA A CA  1 
ATOM   64   C C   . ALA A 1 31  ? 0.58219   2.47300   18.46378  1.000 17.83876 ? 354 ALA A C   1 
ATOM   65   O O   . ALA A 1 31  ? 0.47534   1.91366   19.55964  1.000 19.79343 ? 354 ALA A O   1 
ATOM   66   C CB  . ALA A 1 31  ? 0.72829   4.81330   19.32050  1.000 18.75550 ? 354 ALA A CB  1 
ATOM   67   N N   . SER A 1 32  ? 0.00564   1.99252   17.35458  1.000 16.13373 ? 355 SER A N   1 
ATOM   68   C CA  . SER A 1 32  ? -0.91841  0.85240   17.36342  1.000 17.36532 ? 355 SER A CA  1 
ATOM   69   C C   . SER A 1 32  ? -2.03319  1.05055   18.38867  1.000 16.02797 ? 355 SER A C   1 
ATOM   70   O O   . SER A 1 32  ? -2.41538  0.13703   19.12999  1.000 17.16956 ? 355 SER A O   1 
ATOM   71   C CB  . SER A 1 32  ? -0.16890  -0.46151  17.59760  1.000 20.88111 ? 355 SER A CB  1 
ATOM   72   O OG  . SER A 1 32  ? 0.76884   -0.68054  16.55592  1.000 23.05492 ? 355 SER A OG  1 
ATOM   73   N N   . ASN A 1 33  ? -2.55419  2.27481   18.43444  1.000 16.17116 ? 356 ASN A N   1 
ATOM   74   C CA  . ASN A 1 33  ? -3.61629  2.64725   19.36040  1.000 14.31791 ? 356 ASN A CA  1 
ATOM   75   C C   . ASN A 1 33  ? -4.94318  2.32843   18.68473  1.000 16.81253 ? 356 ASN A C   1 
ATOM   76   O O   . ASN A 1 33  ? -5.53209  3.15782   17.98954  1.000 14.93735 ? 356 ASN A O   1 
ATOM   77   C CB  . ASN A 1 33  ? -3.48285  4.11738   19.74744  1.000 13.03665 ? 356 ASN A CB  1 
ATOM   78   C CG  . ASN A 1 33  ? -4.46647  4.54163   20.81798  1.000 14.26598 ? 356 ASN A CG  1 
ATOM   79   O OD1 . ASN A 1 33  ? -5.51886  3.93424   20.99929  1.000 17.05768 ? 356 ASN A OD1 1 
ATOM   80   N ND2 . ASN A 1 33  ? -4.12384  5.60551   21.53222  1.000 18.35877 ? 356 ASN A ND2 1 
ATOM   81   N N   . TYR A 1 34  ? -5.42449  1.10463   18.89938  1.000 15.88945 ? 357 TYR A N   1 
ATOM   82   C CA  . TYR A 1 34  ? -6.62746  0.65615   18.20234  1.000 14.85462 ? 357 TYR A CA  1 
ATOM   83   C C   . TYR A 1 34  ? -7.87667  1.38824   18.65254  1.000 19.03288 ? 357 TYR A C   1 
ATOM   84   O O   . TYR A 1 34  ? -8.78970  1.58500   17.84287  1.000 17.88120 ? 357 TYR A O   1 
ATOM   85   C CB  . TYR A 1 34  ? -6.80347  -0.84378  18.37726  1.000 16.51778 ? 357 TYR A CB  1 
ATOM   86   C CG  . TYR A 1 34  ? -5.84683  -1.61283  17.52098  1.000 16.66468 ? 357 TYR A CG  1 
ATOM   87   C CD1 . TYR A 1 34  ? -4.65907  -2.10332  18.03810  1.000 17.37238 ? 357 TYR A CD1 1 
ATOM   88   C CD2 . TYR A 1 34  ? -6.11207  -1.81166  16.16713  1.000 19.25768 ? 357 TYR A CD2 1 
ATOM   89   C CE1 . TYR A 1 34  ? -3.77866  -2.79933  17.24271  1.000 23.27906 ? 357 TYR A CE1 1 
ATOM   90   C CE2 . TYR A 1 34  ? -5.23844  -2.50124  15.36960  1.000 18.26587 ? 357 TYR A CE2 1 
ATOM   91   C CZ  . TYR A 1 34  ? -4.07546  -2.99816  15.91349  1.000 23.50046 ? 357 TYR A CZ  1 
ATOM   92   O OH  . TYR A 1 34  ? -3.19842  -3.68851  15.12324  1.000 25.66123 ? 357 TYR A OH  1 
ATOM   93   N N   . GLU A 1 35  ? -7.96524  1.78025   19.92292  1.000 23.07046 ? 358 GLU A N   1 
ATOM   94   C CA  . GLU A 1 35  ? -9.13618  2.54019   20.34990  1.000 27.82334 ? 358 GLU A CA  1 
ATOM   95   C C   . GLU A 1 35  ? -9.24732  3.84517   19.57596  1.000 19.48109 ? 358 GLU A C   1 
ATOM   96   O O   . GLU A 1 35  ? -10.33861 4.22605   19.12425  1.000 20.42119 ? 358 GLU A O   1 
ATOM   97   C CB  . GLU A 1 35  ? -9.06992  2.80926   21.84864  1.000 38.22138 ? 358 GLU A CB  1 
ATOM   98   C CG  . GLU A 1 35  ? -9.24491  1.56874   22.68302  1.000 48.61219 ? 358 GLU A CG  1 
ATOM   99   C CD  . GLU A 1 35  ? -10.19387 1.79485   23.83355  1.000 33.47695 ? 358 GLU A CD  1 
ATOM   100  O OE1 . GLU A 1 35  ? -10.46100 2.97333   24.15781  1.000 43.16186 ? 358 GLU A OE1 1 
ATOM   101  O OE2 . GLU A 1 35  ? -10.68405 0.79668   24.40256  1.000 54.05134 ? 358 GLU A OE2 1 
ATOM   102  N N   . GLU A 1 36  ? -8.12078  4.53205   19.38426  1.000 16.90068 ? 359 GLU A N   1 
ATOM   103  C CA  . GLU A 1 36  ? -8.14835  5.78971   18.65254  1.000 14.56900 ? 359 GLU A CA  1 
ATOM   104  C C   . GLU A 1 36  ? -8.33302  5.55557   17.15948  1.000 15.08621 ? 359 GLU A C   1 
ATOM   105  O O   . GLU A 1 36  ? -9.05704  6.30911   16.49788  1.000 14.05603 ? 359 GLU A O   1 
ATOM   106  C CB  . GLU A 1 36  ? -6.88157  6.58646   18.92518  1.000 17.61744 ? 359 GLU A CB  1 
ATOM   107  C CG  . GLU A 1 36  ? -6.89496  7.22881   20.29511  1.000 23.25340 ? 359 GLU A CG  1 
ATOM   108  C CD  . GLU A 1 36  ? -8.01029  8.23888   20.42222  1.000 38.63485 ? 359 GLU A CD  1 
ATOM   109  O OE1 . GLU A 1 36  ? -8.93968  8.00745   21.22531  1.000 39.48179 ? 359 GLU A OE1 1 
ATOM   110  O OE2 . GLU A 1 36  ? -7.96308  9.25256   19.69175  1.000 33.46107 ? 359 GLU A OE2 1 
ATOM   111  N N   . ILE A 1 37  ? -7.69943  4.51724   16.60794  1.000 12.30348 ? 360 ILE A N   1 
ATOM   112  C CA  . ILE A 1 37  ? -7.94213  4.19411   15.20247  1.000 12.06424 ? 360 ILE A CA  1 
ATOM   113  C C   . ILE A 1 37  ? -9.42151  3.89504   14.96286  1.000 13.46856 ? 360 ILE A C   1 
ATOM   114  O O   . ILE A 1 37  ? -10.02184 4.39442   13.99577  1.000 14.14884 ? 360 ILE A O   1 
ATOM   115  C CB  . ILE A 1 37  ? -7.04477  3.02561   14.76954  1.000 13.63259 ? 360 ILE A CB  1 
ATOM   116  C CG1 . ILE A 1 37  ? -5.57818  3.45862   14.81667  1.000 13.53884 ? 360 ILE A CG1 1 
ATOM   117  C CG2 . ILE A 1 37  ? -7.41448  2.57854   13.35488  1.000 18.04879 ? 360 ILE A CG2 1 
ATOM   118  C CD1 . ILE A 1 37  ? -4.60987  2.27395   14.76526  1.000 17.23575 ? 360 ILE A CD1 1 
ATOM   119  N N   . ASN A 1 38  ? -10.04527 3.10217   15.84746  1.000 14.09981 ? 361 ASN A N   1 
ATOM   120  C CA  . ASN A 1 38  ? -11.45778 2.76246   15.65582  1.000 13.69711 ? 361 ASN A CA  1 
ATOM   121  C C   . ASN A 1 38  ? -12.36962 3.96383   15.88557  1.000 15.60452 ? 361 ASN A C   1 
ATOM   122  O O   . ASN A 1 38  ? -13.42223 4.07200   15.23838  1.000 21.25979 ? 361 ASN A O   1 
ATOM   123  C CB  . ASN A 1 38  ? -11.84276 1.60132   16.56470  1.000 16.39972 ? 361 ASN A CB  1 
ATOM   124  C CG  . ASN A 1 38  ? -11.33126 0.28998   16.04834  1.000 19.45374 ? 361 ASN A CG  1 
ATOM   125  O OD1 . ASN A 1 38  ? -11.27425 0.08052   14.84064  1.000 23.83268 ? 361 ASN A OD1 1 
ATOM   126  N ND2 . ASN A 1 38  ? -10.95687 -0.60398  16.95222  1.000 23.96553 ? 361 ASN A ND2 1 
ATOM   127  N N   . ASN A 1 39  ? -11.98168 4.89633   16.75703  1.000 14.44423 ? 362 ASN A N   1 
ATOM   128  C CA  . ASN A 1 39  ? -12.78488 6.10856   16.89545  1.000 14.89484 ? 362 ASN A CA  1 
ATOM   129  C C   . ASN A 1 39  ? -12.70287 6.97178   15.64501  1.000 12.26763 ? 362 ASN A C   1 
ATOM   130  O O   . ASN A 1 39  ? -13.72003 7.50717   15.18634  1.000 13.62163 ? 362 ASN A O   1 
ATOM   131  C CB  . ASN A 1 39  ? -12.34530 6.92774   18.11202  1.000 14.71365 ? 362 ASN A CB  1 
ATOM   132  C CG  . ASN A 1 39  ? -13.23382 8.16137   18.32815  1.000 18.17064 ? 362 ASN A CG  1 
ATOM   133  O OD1 . ASN A 1 39  ? -14.41739 8.02649   18.66286  1.000 18.16024 ? 362 ASN A OD1 1 
ATOM   134  N ND2 . ASN A 1 39  ? -12.67234 9.35786   18.14622  1.000 20.91643 ? 362 ASN A ND2 1 
ATOM   135  N N   . LYS A 1 40  ? -11.49894 7.12276   15.07851  1.000 13.21206 ? 363 LYS A N   1 
ATOM   136  C CA  . LYS A 1 40  ? -11.25625 8.09512   14.02112  1.000 12.29528 ? 363 LYS A CA  1 
ATOM   137  C C   . LYS A 1 40  ? -11.66477 7.58095   12.65020  1.000 13.69180 ? 363 LYS A C   1 
ATOM   138  O O   . LYS A 1 40  ? -12.10978 8.35671   11.79843  1.000 13.14131 ? 363 LYS A O   1 
ATOM   139  C CB  . LYS A 1 40  ? -9.77349  8.46860   13.99039  1.000 12.49387 ? 363 LYS A CB  1 
ATOM   140  C CG  . LYS A 1 40  ? -9.29653  9.25301   15.20153  1.000 15.18447 ? 363 LYS A CG  1 
ATOM   141  C CD  . LYS A 1 40  ? -7.78971  9.49140   15.09258  1.000 20.16734 ? 363 LYS A CD  1 
ATOM   142  C CE  . LYS A 1 40  ? -7.23999  10.00837  16.39686  1.000 24.46486 ? 363 LYS A CE  1 
ATOM   143  N NZ  . LYS A 1 40  ? -7.86847  11.31313  16.76513  1.000 29.94565 ? 363 LYS A NZ  1 
ATOM   144  N N   . VAL A 1 41  ? -11.47334 6.29493   12.38903  1.000 12.60113 ? 364 VAL A N   1 
ATOM   145  C CA  . VAL A 1 41  ? -11.64175 5.76642   11.03985  1.000 10.38045 ? 364 VAL A CA  1 
ATOM   146  C C   . VAL A 1 41  ? -13.04041 5.17204   10.96791  1.000 14.03598 ? 364 VAL A C   1 
ATOM   147  O O   . VAL A 1 41  ? -13.26378 3.99854   11.28025  1.000 14.29163 ? 364 VAL A O   1 
ATOM   148  C CB  . VAL A 1 41  ? -10.55282 4.75868   10.68745  1.000 10.38385 ? 364 VAL A CB  1 
ATOM   149  C CG1 . VAL A 1 41  ? -10.70761 4.32070   9.23663   1.000 14.15682 ? 364 VAL A CG1 1 
ATOM   150  C CG2 . VAL A 1 41  ? -9.18218  5.39154   10.89594  1.000 13.83323 ? 364 VAL A CG2 1 
ATOM   151  N N   . THR A 1 42  ? -14.00429 6.00077   10.55078  1.000 12.01301 ? 365 THR A N   1 
ATOM   152  C CA  . THR A 1 42  ? -15.39673 5.56648   10.53172  1.000 15.21621 ? 365 THR A CA  1 
ATOM   153  C C   . THR A 1 42  ? -15.91698 5.23397   9.14776   1.000 13.87601 ? 365 THR A C   1 
ATOM   154  O O   . THR A 1 42  ? -16.98671 4.61456   9.05345   1.000 17.20533 ? 365 THR A O   1 
ATOM   155  C CB  . THR A 1 42  ? -16.32692 6.63238   11.13815  1.000 16.26156 ? 365 THR A CB  1 
ATOM   156  O OG1 . THR A 1 42  ? -16.56112 7.68183   10.19353  1.000 17.69540 ? 365 THR A OG1 1 
ATOM   157  C CG2 . THR A 1 42  ? -15.75004 7.20512   12.41753  1.000 16.40161 ? 365 THR A CG2 1 
ATOM   158  N N   . ASP A 1 43  ? -15.22133 5.65336   8.08713   1.000 13.56035 ? 366 ASP A N   1 
ATOM   159  C CA  . ASP A 1 43  ? -15.67362 5.37168   6.73362   1.000 12.25675 ? 366 ASP A CA  1 
ATOM   160  C C   . ASP A 1 43  ? -14.47335 5.15145   5.83576   1.000 11.59726 ? 366 ASP A C   1 
ATOM   161  O O   . ASP A 1 43  ? -13.31551 5.30893   6.25030   1.000 13.37323 ? 366 ASP A O   1 
ATOM   162  C CB  . ASP A 1 43  ? -16.58523 6.48719   6.19439   1.000 15.12419 ? 366 ASP A CB  1 
ATOM   163  C CG  . ASP A 1 43  ? -15.89252 7.83857   6.05662   1.000 19.20873 ? 366 ASP A CG  1 
ATOM   164  O OD1 . ASP A 1 43  ? -14.68746 7.99943   6.34624   1.000 16.73358 ? 366 ASP A OD1 1 
ATOM   165  O OD2 . ASP A 1 43  ? -16.59345 8.78494   5.63041   1.000 21.50760 ? 366 ASP A OD2 1 
ATOM   166  N N   . LYS A 1 44  ? -14.75419 4.77272   4.58785   1.000 15.92749 ? 367 LYS A N   1 
ATOM   167  C CA  . LYS A 1 44  ? -13.66166 4.39623   3.70308   1.000 17.86297 ? 367 LYS A CA  1 
ATOM   168  C C   . LYS A 1 44  ? -12.78437 5.58436   3.35449   1.000 17.97505 ? 367 LYS A C   1 
ATOM   169  O O   . LYS A 1 44  ? -11.57235 5.41561   3.19029   1.000 17.77242 ? 367 LYS A O   1 
ATOM   170  C CB  . LYS A 1 44  ? -14.21158 3.71041   2.45086   1.000 20.71413 ? 367 LYS A CB  1 
ATOM   171  C CG  . LYS A 1 44  ? -14.53233 2.25738   2.73455   1.000 24.59156 ? 367 LYS A CG  1 
ATOM   172  C CD  . LYS A 1 44  ? -14.16659 1.34399   1.58832   1.000 29.87200 ? 367 LYS A CD  1 
ATOM   173  C CE  . LYS A 1 44  ? -15.09035 1.56833   0.41657   1.000 28.80633 ? 367 LYS A CE  1 
ATOM   174  N NZ  . LYS A 1 44  ? -15.11869 0.38838   -0.47196  1.000 25.07954 ? 367 LYS A NZ  1 
ATOM   175  N N   . LYS A 1 45  ? -13.34840 6.79010   3.26360   1.000 18.41990 ? 368 LYS A N   1 
ATOM   176  C CA  . LYS A 1 45  ? -12.51712 7.94851   2.95659   1.000 19.78770 ? 368 LYS A CA  1 
ATOM   177  C C   . LYS A 1 45  ? -11.40822 8.11747   3.99083   1.000 17.73265 ? 368 LYS A C   1 
ATOM   178  O O   . LYS A 1 45  ? -10.23918 8.32515   3.63683   1.000 17.47532 ? 368 LYS A O   1 
ATOM   179  C CB  . LYS A 1 45  ? -13.36366 9.21417   2.86850   1.000 22.70437 ? 368 LYS A CB  1 
ATOM   180  C CG  . LYS A 1 45  ? -12.60894 10.33944  2.17586   1.000 31.89907 ? 368 LYS A CG  1 
ATOM   181  C CD  . LYS A 1 45  ? -13.22679 11.70207  2.39021   1.000 36.11315 ? 368 LYS A CD  1 
ATOM   182  C CE  . LYS A 1 45  ? -12.44035 12.76154  1.62311   1.000 39.55707 ? 368 LYS A CE  1 
ATOM   183  N NZ  . LYS A 1 45  ? -12.73489 14.14649  2.09331   1.000 43.13348 ? 368 LYS A NZ  1 
ATOM   184  N N   . MET A 1 46  ? -11.74256 7.99750   5.28165   1.000 13.72720 ? 369 MET A N   1 
ATOM   185  C CA  . MET A 1 46  ? -10.69592 8.07310   6.28807   1.000 12.97408 ? 369 MET A CA  1 
ATOM   186  C C   . MET A 1 46  ? -9.82980  6.82022   6.28358   1.000 12.27846 ? 369 MET A C   1 
ATOM   187  O O   . MET A 1 46  ? -8.63084  6.89571   6.60315   1.000 12.81407 ? 369 MET A O   1 
ATOM   188  C CB  . MET A 1 46  ? -11.29404 8.30541   7.67715   1.000 13.77153 ? 369 MET A CB  1 
ATOM   189  C CG  . MET A 1 46  ? -10.25745 8.69136   8.72435   1.000 20.21811 ? 369 MET A CG  1 
ATOM   190  S SD  . MET A 1 46  ? -9.36340  10.21352  8.30559   1.000 21.02643 ? 369 MET A SD  1 
ATOM   191  C CE  . MET A 1 46  ? -10.71431 11.38016  8.35899   1.000 20.81615 ? 369 MET A CE  1 
ATOM   192  N N   . ALA A 1 47  ? -10.40476 5.66497   5.92938   1.000 12.80650 ? 370 ALA A N   1 
ATOM   193  C CA  . ALA A 1 47  ? -9.59605  4.45322   5.85215   1.000 11.65662 ? 370 ALA A CA  1 
ATOM   194  C C   . ALA A 1 47  ? -8.52344  4.57178   4.77623   1.000 11.63687 ? 370 ALA A C   1 
ATOM   195  O O   . ALA A 1 47  ? -7.45608  3.97220   4.91743   1.000 12.68065 ? 370 ALA A O   1 
ATOM   196  C CB  . ALA A 1 47  ? -10.47321 3.22776   5.58967   1.000 13.59091 ? 370 ALA A CB  1 
ATOM   197  N N   . HIS A 1 48  ? -8.78873  5.32950   3.70037   1.000 11.70868 ? 371 HIS A N   1 
ATOM   198  C CA  . HIS A 1 48  ? -7.75612  5.58716   2.69454   1.000 11.39492 ? 371 HIS A CA  1 
ATOM   199  C C   . HIS A 1 48  ? -6.53439  6.24125   3.32475   1.000 12.80231 ? 371 HIS A C   1 
ATOM   200  O O   . HIS A 1 48  ? -5.39505  5.83625   3.06520   1.000 13.51146 ? 371 HIS A O   1 
ATOM   201  C CB  . HIS A 1 48  ? -8.28082  6.51253   1.60163   1.000 13.65731 ? 371 HIS A CB  1 
ATOM   202  C CG  . HIS A 1 48  ? -9.40163  5.95462   0.79076   1.000 13.16391 ? 371 HIS A CG  1 
ATOM   203  N ND1 . HIS A 1 48  ? -10.16061 6.75261   -0.03920  1.000 18.56603 ? 371 HIS A ND1 1 
ATOM   204  C CD2 . HIS A 1 48  ? -9.87906  4.69707   0.65151   1.000 14.88305 ? 371 HIS A CD2 1 
ATOM   205  C CE1 . HIS A 1 48  ? -11.07244 6.00997   -0.64158  1.000 18.86595 ? 371 HIS A CE1 1 
ATOM   206  N NE2 . HIS A 1 48  ? -10.92961 4.76186   -0.23258  1.000 15.18579 ? 371 HIS A NE2 1 
ATOM   207  N N   . GLN A 1 49  ? -6.76157  7.30626   4.10001   1.000 11.99086 ? 372 GLN A N   1 
ATOM   208  C CA  . GLN A 1 49  ? -5.68382  7.99083   4.80581   1.000 13.27414 ? 372 GLN A CA  1 
ATOM   209  C C   . GLN A 1 49  ? -4.96405  7.04186   5.74544   1.000 11.99427 ? 372 GLN A C   1 
ATOM   210  O O   . GLN A 1 49  ? -3.72521  6.99034   5.78243   1.000 12.85158 ? 372 GLN A O   1 
ATOM   211  C CB  . GLN A 1 49  ? -6.26035  9.17341   5.58937   1.000 14.88860 ? 372 GLN A CB  1 
ATOM   212  C CG  . GLN A 1 49  ? -6.86797  10.25301  4.71471   1.000 14.63397 ? 372 GLN A CG  1 
ATOM   213  C CD  . GLN A 1 49  ? -5.83469  11.22766  4.19717   1.000 17.95094 ? 372 GLN A CD  1 
ATOM   214  O OE1 . GLN A 1 49  ? -4.68948  11.25770  4.67308   1.000 18.06950 ? 372 GLN A OE1 1 
ATOM   215  N NE2 . GLN A 1 49  ? -6.23565  12.05265  3.24017   1.000 21.46042 ? 372 GLN A NE2 1 
ATOM   216  N N   . ALA A 1 50  ? -5.73332  6.27805   6.51295   1.000 12.33635 ? 373 ALA A N   1 
ATOM   217  C CA  . ALA A 1 50  ? -5.15386  5.39081   7.50210   1.000 12.38100 ? 373 ALA A CA  1 
ATOM   218  C C   . ALA A 1 50  ? -4.32713  4.30232   6.83909   1.000 12.70014 ? 373 ALA A C   1 
ATOM   219  O O   . ALA A 1 50  ? -3.26971  3.93531   7.35284   1.000 12.25761 ? 373 ALA A O   1 
ATOM   220  C CB  . ALA A 1 50  ? -6.25914  4.78746   8.36637   1.000 13.14020 ? 373 ALA A CB  1 
ATOM   221  N N   . LEU A 1 51  ? -4.79463  3.76574   5.70272   1.000 12.01782 ? 374 LEU A N   1 
ATOM   222  C CA  . LEU A 1 51  ? -4.00418  2.73828   5.03061   1.000 11.24579 ? 374 LEU A CA  1 
ATOM   223  C C   . LEU A 1 51  ? -2.70548  3.31742   4.48806   1.000 12.37115 ? 374 LEU A C   1 
ATOM   224  O O   . LEU A 1 51  ? -1.65482  2.68237   4.60864   1.000 12.42357 ? 374 LEU A O   1 
ATOM   225  C CB  . LEU A 1 51  ? -4.81506  2.07422   3.91195   1.000 12.82497 ? 374 LEU A CB  1 
ATOM   226  C CG  . LEU A 1 51  ? -4.08440  0.94114   3.17993   1.000 13.78596 ? 374 LEU A CG  1 
ATOM   227  C CD1 . LEU A 1 51  ? -3.68714  -0.18485  4.12654   1.000 14.76637 ? 374 LEU A CD1 1 
ATOM   228  C CD2 . LEU A 1 51  ? -4.97934  0.42957   2.05146   1.000 16.10783 ? 374 LEU A CD2 1 
ATOM   229  N N   . ALA A 1 52  ? -2.75365  4.52317   3.90761   1.000 12.09963 ? 375 ALA A N   1 
ATOM   230  C CA  . ALA A 1 52  ? -1.53484  5.16456   3.40786   1.000 12.48188 ? 375 ALA A CA  1 
ATOM   231  C C   . ALA A 1 52  ? -0.52515  5.39650   4.52640   1.000 17.13889 ? 375 ALA A C   1 
ATOM   232  O O   . ALA A 1 52  ? 0.66654   5.12305   4.35623   1.000 15.39969 ? 375 ALA A O   1 
ATOM   233  C CB  . ALA A 1 52  ? -1.88778  6.48142   2.72626   1.000 12.17374 ? 375 ALA A CB  1 
ATOM   234  N N   . TYR A 1 53  ? -0.98163  5.89010   5.68242   1.000 13.40666 ? 376 TYR A N   1 
ATOM   235  C CA  . TYR A 1 53  ? -0.06910  6.06035   6.80950   1.000 13.12453 ? 376 TYR A CA  1 
ATOM   236  C C   . TYR A 1 53  ? 0.44549   4.72386   7.33252   1.000 15.00905 ? 376 TYR A C   1 
ATOM   237  O O   . TYR A 1 53  ? 1.58803   4.64197   7.80495   1.000 14.98020 ? 376 TYR A O   1 
ATOM   238  C CB  . TYR A 1 53  ? -0.75247  6.82908   7.94460   1.000 14.07295 ? 376 TYR A CB  1 
ATOM   239  C CG  . TYR A 1 53  ? -0.90302  8.30908   7.68877   1.000 14.65189 ? 376 TYR A CG  1 
ATOM   240  C CD1 . TYR A 1 53  ? 0.17438   9.07013   7.25482   1.000 17.24365 ? 376 TYR A CD1 1 
ATOM   241  C CD2 . TYR A 1 53  ? -2.11978  8.94575   7.89601   1.000 16.07279 ? 376 TYR A CD2 1 
ATOM   242  C CE1 . TYR A 1 53  ? 0.03177   10.43254  7.01898   1.000 17.65145 ? 376 TYR A CE1 1 
ATOM   243  C CE2 . TYR A 1 53  ? -2.26615  10.31317  7.65829   1.000 18.38957 ? 376 TYR A CE2 1 
ATOM   244  C CZ  . TYR A 1 53  ? -1.18626  11.04143  7.22970   1.000 22.07086 ? 376 TYR A CZ  1 
ATOM   245  O OH  . TYR A 1 53  ? -1.32335  12.39204  6.98694   1.000 24.90959 ? 376 TYR A OH  1 
ATOM   246  N N   . SER A 1 54  ? -0.37769  3.67068   7.28497   1.000 11.77932 ? 377 SER A N   1 
ATOM   247  C CA  . SER A 1 54  ? 0.08178   2.35864   7.72959   1.000 11.29361 ? 377 SER A CA  1 
ATOM   248  C C   . SER A 1 54  ? 1.17816   1.83721   6.81126   1.000 11.79945 ? 377 SER A C   1 
ATOM   249  O O   . SER A 1 54  ? 2.20403   1.32326   7.27713   1.000 15.02156 ? 377 SER A O   1 
ATOM   250  C CB  . SER A 1 54  ? -1.09139  1.37303   7.78596   1.000 13.56630 ? 377 SER A CB  1 
ATOM   251  O OG  . SER A 1 54  ? -2.08291  1.79856   8.70669   1.000 15.20800 ? 377 SER A OG  1 
ATOM   252  N N   . LEU A 1 55  ? 0.99234   1.98410   5.50651   1.000 12.16192 ? 378 LEU A N   1 
ATOM   253  C CA  . LEU A 1 55  ? 2.03029   1.55580   4.57628   1.000 14.09037 ? 378 LEU A CA  1 
ATOM   254  C C   . LEU A 1 55  ? 3.28561   2.40009   4.73849   1.000 17.72428 ? 378 LEU A C   1 
ATOM   255  O O   . LEU A 1 55  ? 4.40104   1.86589   4.78228   1.000 15.84194 ? 378 LEU A O   1 
ATOM   256  C CB  . LEU A 1 55  ? 1.50490   1.64216   3.15116   1.000 11.55011 ? 378 LEU A CB  1 
ATOM   257  C CG  . LEU A 1 55  ? 0.49490   0.56888   2.74709   1.000 13.62692 ? 378 LEU A CG  1 
ATOM   258  C CD1 . LEU A 1 55  ? -0.14410  0.92047   1.42518   1.000 14.55658 ? 378 LEU A CD1 1 
ATOM   259  C CD2 . LEU A 1 55  ? 1.18316   -0.77461  2.65374   1.000 16.07431 ? 378 LEU A CD2 1 
ATOM   260  N N   . GLY A 1 56  ? 3.11787   3.71899   4.85864   1.000 14.52164 ? 379 GLY A N   1 
ATOM   261  C CA  . GLY A 1 56  ? 4.27564   4.59706   4.97645   1.000 15.83465 ? 379 GLY A CA  1 
ATOM   262  C C   . GLY A 1 56  ? 5.08640   4.35200   6.23527   1.000 16.49154 ? 379 GLY A C   1 
ATOM   263  O O   . GLY A 1 56  ? 6.31671   4.49302   6.22353   1.000 20.96670 ? 379 GLY A O   1 
ATOM   264  N N   . ASN A 1 57  ? 4.43065   3.96531   7.32955   1.000 16.86636 ? 380 ASN A N   1 
ATOM   265  C CA  . ASN A 1 57  ? 5.10477   3.68883   8.59339   1.000 15.17266 ? 380 ASN A CA  1 
ATOM   266  C C   . ASN A 1 57  ? 5.38069   2.20184   8.81292   1.000 18.26258 ? 380 ASN A C   1 
ATOM   267  O O   . ASN A 1 57  ? 5.78426   1.80739   9.91799   1.000 20.25095 ? 380 ASN A O   1 
ATOM   268  C CB  . ASN A 1 57  ? 4.28312   4.26396   9.75384   1.000 17.40082 ? 380 ASN A CB  1 
ATOM   269  C CG  . ASN A 1 57  ? 4.36820   5.77038   9.82013   1.000 21.80163 ? 380 ASN A CG  1 
ATOM   270  O OD1 . ASN A 1 57  ? 5.38622   6.31282   10.26452  1.000 24.38235 ? 380 ASN A OD1 1 
ATOM   271  N ND2 . ASN A 1 57  ? 3.31703   6.46283   9.36552   1.000 18.29325 ? 380 ASN A ND2 1 
ATOM   272  N N   . LYS A 1 58  ? 5.17044   1.37204   7.78159   1.000 14.78017 ? 381 LYS A N   1 
ATOM   273  C CA  . LYS A 1 58  ? 5.43836   -0.06610  7.83483   1.000 15.10105 ? 381 LYS A CA  1 
ATOM   274  C C   . LYS A 1 58  ? 4.69889   -0.74661  8.98317   1.000 19.64159 ? 381 LYS A C   1 
ATOM   275  O O   . LYS A 1 58  ? 5.25609   -1.58270  9.69769   1.000 22.06785 ? 381 LYS A O   1 
ATOM   276  C CB  . LYS A 1 58  ? 6.94235   -0.33109  7.90070   1.000 17.54706 ? 381 LYS A CB  1 
ATOM   277  C CG  . LYS A 1 58  ? 7.67841   0.18865   6.68829   1.000 23.93969 ? 381 LYS A CG  1 
ATOM   278  C CD  . LYS A 1 58  ? 8.30903   1.54172   6.95025   1.000 35.03036 ? 381 LYS A CD  1 
ATOM   279  C CE  . LYS A 1 58  ? 8.99816   2.08175   5.70720   1.000 46.06942 ? 381 LYS A CE  1 
ATOM   280  N NZ  . LYS A 1 58  ? 9.61330   3.41021   5.96682   1.000 48.72777 ? 381 LYS A NZ  1 
ATOM   281  N N   . LYS A 1 59  ? 3.41748   -0.39556  9.15385   1.000 14.92425 ? 382 LYS A N   1 
ATOM   282  C CA  . LYS A 1 59  ? 2.56466   -0.99383  10.18325  1.000 17.02890 ? 382 LYS A CA  1 
ATOM   283  C C   . LYS A 1 59  ? 1.62444   -1.98633  9.50266   1.000 13.32512 ? 382 LYS A C   1 
ATOM   284  O O   . LYS A 1 59  ? 0.43095   -1.72700  9.30374   1.000 14.49476 ? 382 LYS A O   1 
ATOM   285  C CB  . LYS A 1 59  ? 1.79555   0.08855   10.94395  1.000 16.16917 ? 382 LYS A CB  1 
ATOM   286  C CG  . LYS A 1 59  ? 2.66789   1.16230   11.61955  1.000 18.37250 ? 382 LYS A CG  1 
ATOM   287  C CD  . LYS A 1 59  ? 3.54694   0.59137   12.70587  1.000 27.38486 ? 382 LYS A CD  1 
ATOM   288  C CE  . LYS A 1 59  ? 2.72434   0.12396   13.88166  1.000 27.00429 ? 382 LYS A CE  1 
ATOM   289  N NZ  . LYS A 1 59  ? 3.59976   -0.16172  15.04887  1.000 46.04826 ? 382 LYS A NZ  1 
ATOM   290  N N   . ALA A 1 60  ? 2.17868   -3.14062  9.11763   1.000 14.72689 ? 383 ALA A N   1 
ATOM   291  C CA  . ALA A 1 60  ? 1.38422   -4.11728  8.37620   1.000 17.11206 ? 383 ALA A CA  1 
ATOM   292  C C   . ALA A 1 60  ? 0.21653   -4.64998  9.19862   1.000 14.68667 ? 383 ALA A C   1 
ATOM   293  O O   . ALA A 1 60  ? -0.84057  -4.95200  8.63004   1.000 15.37908 ? 383 ALA A O   1 
ATOM   294  C CB  . ALA A 1 60  ? 2.25952   -5.27390  7.89736   1.000 17.46237 ? 383 ALA A CB  1 
ATOM   295  N N   . ASP A 1 61  ? 0.38379   -4.77340  10.51833  1.000 16.54361 ? 384 ASP A N   1 
ATOM   296  C CA  A ASP A 1 61  ? -0.71049  -5.17210  11.40412  0.500 18.86007 ? 384 ASP A CA  1 
ATOM   297  C CA  B ASP A 1 61  ? -0.73590  -5.21791  11.34095  0.500 18.71399 ? 384 ASP A CA  1 
ATOM   298  C C   . ASP A 1 61  ? -1.90132  -4.23318  11.27147  1.000 15.24922 ? 384 ASP A C   1 
ATOM   299  O O   . ASP A 1 61  ? -3.05887  -4.66490  11.15554  1.000 16.74993 ? 384 ASP A O   1 
ATOM   300  C CB  A ASP A 1 61  ? -0.20311  -5.19780  12.85470  0.500 20.15374 ? 384 ASP A CB  1 
ATOM   301  C CB  B ASP A 1 61  ? -0.28143  -5.45482  12.78769  0.500 18.34004 ? 384 ASP A CB  1 
ATOM   302  C CG  A ASP A 1 61  ? 0.36372   -3.83268  13.33092  0.500 14.16344 ? 384 ASP A CG  1 
ATOM   303  C CG  B ASP A 1 61  ? 0.92455   -6.39992  12.88389  0.500 23.41310 ? 384 ASP A CG  1 
ATOM   304  O OD1 A ASP A 1 61  ? 1.13859   -3.15090  12.60423  0.500 15.79636 ? 384 ASP A OD1 1 
ATOM   305  O OD1 B ASP A 1 61  ? 1.71739   -6.46309  11.92090  0.500 35.66760 ? 384 ASP A OD1 1 
ATOM   306  O OD2 A ASP A 1 61  ? 0.02774   -3.42425  14.46504  0.500 31.39238 ? 384 ASP A OD2 1 
ATOM   307  O OD2 B ASP A 1 61  ? 1.08574   -7.08110  13.92324  0.500 29.03265 ? 384 ASP A OD2 1 
ATOM   308  N N   . ILE A 1 62  ? -1.63820  -2.92028  11.31432  1.000 13.64247 ? 385 ILE A N   1 
ATOM   309  C CA  . ILE A 1 62  ? -2.72167  -1.94516  11.22850  1.000 13.04668 ? 385 ILE A CA  1 
ATOM   310  C C   . ILE A 1 62  ? -3.32896  -1.95405  9.83293   1.000 12.00306 ? 385 ILE A C   1 
ATOM   311  O O   . ILE A 1 62  ? -4.55034  -1.83936  9.66872   1.000 12.41150 ? 385 ILE A O   1 
ATOM   312  C CB  . ILE A 1 62  ? -2.22968  -0.53480  11.60920  1.000 14.47238 ? 385 ILE A CB  1 
ATOM   313  C CG1 . ILE A 1 62  ? -1.56258  -0.54079  12.98707  1.000 19.08702 ? 385 ILE A CG1 1 
ATOM   314  C CG2 . ILE A 1 62  ? -3.37820  0.43608   11.60418  1.000 16.30265 ? 385 ILE A CG2 1 
ATOM   315  C CD1 . ILE A 1 62  ? -2.52492  -0.79528  14.08603  1.000 24.31907 ? 385 ILE A CD1 1 
ATOM   316  N N   . ALA A 1 63  ? -2.49151  -2.10287  8.80427   1.000 11.27720 ? 386 ALA A N   1 
ATOM   317  C CA  . ALA A 1 63  ? -3.00817  -2.18058  7.44080   1.000 12.48690 ? 386 ALA A CA  1 
ATOM   318  C C   . ALA A 1 63  ? -3.98231  -3.34505  7.28802   1.000 12.70706 ? 386 ALA A C   1 
ATOM   319  O O   . ALA A 1 63  ? -5.08868  -3.17081  6.76161   1.000 12.07555 ? 386 ALA A O   1 
ATOM   320  C CB  . ALA A 1 63  ? -1.84295  -2.30211  6.45555   1.000 12.06959 ? 386 ALA A CB  1 
ATOM   321  N N   . LEU A 1 64  ? -3.59611  -4.54273  7.76196   1.000 13.85718 ? 387 LEU A N   1 
ATOM   322  C CA  . LEU A 1 64  ? -4.48321  -5.69392  7.63627   1.000 13.17976 ? 387 LEU A CA  1 
ATOM   323  C C   . LEU A 1 64  ? -5.71272  -5.55294  8.51341   1.000 13.69547 ? 387 LEU A C   1 
ATOM   324  O O   . LEU A 1 64  ? -6.79261  -6.02651  8.13675   1.000 13.06963 ? 387 LEU A O   1 
ATOM   325  C CB  . LEU A 1 64  ? -3.74879  -6.99309  7.97696   1.000 14.78496 ? 387 LEU A CB  1 
ATOM   326  C CG  . LEU A 1 64  ? -2.62693  -7.36608  7.00967   1.000 17.14947 ? 387 LEU A CG  1 
ATOM   327  C CD1 . LEU A 1 64  ? -2.06554  -8.71292  7.41898   1.000 21.71504 ? 387 LEU A CD1 1 
ATOM   328  C CD2 . LEU A 1 64  ? -3.09938  -7.41064  5.57341   1.000 18.99691 ? 387 LEU A CD2 1 
ATOM   329  N N   . TYR A 1 65  ? -5.57933  -4.88264  9.66070   1.000 13.81769 ? 388 TYR A N   1 
ATOM   330  C CA  . TYR A 1 65  ? -6.75156  -4.56192  10.47098  1.000 11.30827 ? 388 TYR A CA  1 
ATOM   331  C C   . TYR A 1 65  ? -7.73954  -3.70023  9.69173   1.000 11.94358 ? 388 TYR A C   1 
ATOM   332  O O   . TYR A 1 65  ? -8.94902  -3.97109  9.68620   1.000 13.69582 ? 388 TYR A O   1 
ATOM   333  C CB  . TYR A 1 65  ? -6.31154  -3.85102  11.75191  1.000 13.28034 ? 388 TYR A CB  1 
ATOM   334  C CG  . TYR A 1 65  ? -7.43870  -3.54691  12.69676  1.000 13.72123 ? 388 TYR A CG  1 
ATOM   335  C CD1 . TYR A 1 65  ? -7.94594  -4.53753  13.52353  1.000 19.21336 ? 388 TYR A CD1 1 
ATOM   336  C CD2 . TYR A 1 65  ? -7.99535  -2.28142  12.76547  1.000 15.13131 ? 388 TYR A CD2 1 
ATOM   337  C CE1 . TYR A 1 65  ? -8.98532  -4.27299  14.40116  1.000 23.21905 ? 388 TYR A CE1 1 
ATOM   338  C CE2 . TYR A 1 65  ? -9.03411  -2.00940  13.64150  1.000 18.70737 ? 388 TYR A CE2 1 
ATOM   339  C CZ  . TYR A 1 65  ? -9.51724  -3.00646  14.45099  1.000 22.13009 ? 388 TYR A CZ  1 
ATOM   340  O OH  . TYR A 1 65  ? -10.54853 -2.73735  15.32460  1.000 30.65158 ? 388 TYR A OH  1 
ATOM   341  N N   . LEU A 1 66  ? -7.24210  -2.66260  9.01614   1.000 11.07490 ? 389 LEU A N   1 
ATOM   342  C CA  . LEU A 1 66  ? -8.13750  -1.81395  8.23977   1.000 10.65289 ? 389 LEU A CA  1 
ATOM   343  C C   . LEU A 1 66  ? -8.80845  -2.59072  7.11612   1.000 11.73157 ? 389 LEU A C   1 
ATOM   344  O O   . LEU A 1 66  ? -9.98849  -2.36295  6.80824   1.000 12.65960 ? 389 LEU A O   1 
ATOM   345  C CB  . LEU A 1 66  ? -7.36433  -0.62355  7.66766   1.000 10.87082 ? 389 LEU A CB  1 
ATOM   346  C CG  . LEU A 1 66  ? -6.86874  0.34435   8.73229   1.000 14.73560 ? 389 LEU A CG  1 
ATOM   347  C CD1 . LEU A 1 66  ? -5.77191  1.21124   8.15269   1.000 17.14859 ? 389 LEU A CD1 1 
ATOM   348  C CD2 . LEU A 1 66  ? -8.00638  1.21708   9.23972   1.000 15.15939 ? 389 LEU A CD2 1 
ATOM   349  N N   . LEU A 1 67  ? -8.06158  -3.48809  6.47104   1.000 12.89416 ? 390 LEU A N   1 
ATOM   350  C CA  . LEU A 1 67  ? -8.61131  -4.25429  5.36096   1.000 11.78520 ? 390 LEU A CA  1 
ATOM   351  C C   . LEU A 1 67  ? -9.63651  -5.26670  5.83934   1.000 14.60211 ? 390 LEU A C   1 
ATOM   352  O O   . LEU A 1 67  ? -10.46663 -5.71915  5.03995   1.000 18.38495 ? 390 LEU A O   1 
ATOM   353  C CB  . LEU A 1 67  ? -7.47812  -4.94602  4.60721   1.000 13.49273 ? 390 LEU A CB  1 
ATOM   354  C CG  . LEU A 1 67  ? -6.50833  -3.98090  3.92680   1.000 15.64685 ? 390 LEU A CG  1 
ATOM   355  C CD1 . LEU A 1 67  ? -5.22362  -4.69541  3.49108   1.000 17.73668 ? 390 LEU A CD1 1 
ATOM   356  C CD2 . LEU A 1 67  ? -7.18964  -3.34081  2.73407   1.000 15.98664 ? 390 LEU A CD2 1 
ATOM   357  N N   . SER A 1 68  ? -9.59907  -5.62738  7.12374   1.000 12.97305 ? 391 SER A N   1 
ATOM   358  C CA  . SER A 1 68  ? -10.61911 -6.50715  7.67761   1.000 15.27753 ? 391 SER A CA  1 
ATOM   359  C C   . SER A 1 68  ? -11.88479 -5.76111  8.07701   1.000 17.66622 ? 391 SER A C   1 
ATOM   360  O O   . SER A 1 68  ? -12.94137 -6.38983  8.20300   1.000 26.67940 ? 391 SER A O   1 
ATOM   361  C CB  . SER A 1 68  ? -10.06354 -7.26130  8.89484   1.000 17.08836 ? 391 SER A CB  1 
ATOM   362  O OG  . SER A 1 68  ? -10.04555 -6.43890  10.05399  1.000 21.45109 ? 391 SER A OG  1 
ATOM   363  N N   . LYS A 1 69  ? -11.80063 -4.44658  8.28415   1.000 16.77884 ? 392 LYS A N   1 
ATOM   364  C CA  . LYS A 1 69  ? -12.90044 -3.60709  8.75206   1.000 16.09515 ? 392 LYS A CA  1 
ATOM   365  C C   . LYS A 1 69  ? -13.62348 -2.90130  7.61337   1.000 17.78553 ? 392 LYS A C   1 
ATOM   366  O O   . LYS A 1 69  ? -14.82209 -2.60663  7.73021   1.000 20.50319 ? 392 LYS A O   1 
ATOM   367  C CB  . LYS A 1 69  ? -12.36097 -2.56649  9.74146   1.000 17.49990 ? 392 LYS A CB  1 
ATOM   368  C CG  . LYS A 1 69  ? -13.39334 -1.65675  10.37320  1.000 29.21637 ? 392 LYS A CG  1 
ATOM   369  C CD  . LYS A 1 69  ? -12.71459 -0.71967  11.35046  1.000 41.22022 ? 392 LYS A CD  1 
ATOM   370  C CE  . LYS A 1 69  ? -13.67560 0.29960   11.91992  1.000 45.56437 ? 392 LYS A CE  1 
ATOM   371  N NZ  . LYS A 1 69  ? -12.92027 1.43310   12.52340  1.000 42.82819 ? 392 LYS A NZ  1 
ATOM   372  N N   . PHE A 1 70  ? -12.92575 -2.65451  6.50781   1.000 13.20491 ? 393 PHE A N   1 
ATOM   373  C CA  . PHE A 1 70  ? -13.47478 -1.97497  5.35311   1.000 12.80445 ? 393 PHE A CA  1 
ATOM   374  C C   . PHE A 1 70  ? -13.18525 -2.82231  4.12965   1.000 15.13770 ? 393 PHE A C   1 
ATOM   375  O O   . PHE A 1 70  ? -12.17077 -3.51674  4.07002   1.000 17.58152 ? 393 PHE A O   1 
ATOM   376  C CB  . PHE A 1 70  ? -12.85730 -0.58367  5.19045   1.000 14.06313 ? 393 PHE A CB  1 
ATOM   377  C CG  . PHE A 1 70  ? -13.13546 0.31795   6.35162   1.000 13.18661 ? 393 PHE A CG  1 
ATOM   378  C CD1 . PHE A 1 70  ? -14.33448 1.01123   6.42502   1.000 15.15915 ? 393 PHE A CD1 1 
ATOM   379  C CD2 . PHE A 1 70  ? -12.21696 0.45471   7.36864   1.000 14.54691 ? 393 PHE A CD2 1 
ATOM   380  C CE1 . PHE A 1 70  ? -14.60577 1.83497   7.49958   1.000 15.88741 ? 393 PHE A CE1 1 
ATOM   381  C CE2 . PHE A 1 70  ? -12.48947 1.27399   8.45651   1.000 17.14955 ? 393 PHE A CE2 1 
ATOM   382  C CZ  . PHE A 1 70  ? -13.67590 1.96301   8.51983   1.000 15.23627 ? 393 PHE A CZ  1 
ATOM   383  N N   . ASN A 1 71  ? -14.07607 -2.74728  3.14923   1.000 13.22683 ? 394 ASN A N   1 
ATOM   384  C CA  . ASN A 1 71  ? -13.96799 -3.55117  1.93548   1.000 12.28688 ? 394 ASN A CA  1 
ATOM   385  C C   . ASN A 1 71  ? -13.30467 -2.69581  0.86567   1.000 13.35063 ? 394 ASN A C   1 
ATOM   386  O O   . ASN A 1 71  ? -13.96081 -1.93185  0.16410   1.000 15.43410 ? 394 ASN A O   1 
ATOM   387  C CB  . ASN A 1 71  ? -15.34171 -4.04108  1.49670   1.000 15.40356 ? 394 ASN A CB  1 
ATOM   388  C CG  . ASN A 1 71  ? -15.28420 -4.89107  0.24285   1.000 18.65126 ? 394 ASN A CG  1 
ATOM   389  O OD1 . ASN A 1 71  ? -15.87646 -4.54232  -0.79180  1.000 22.76838 ? 394 ASN A OD1 1 
ATOM   390  N ND2 . ASN A 1 71  ? -14.57822 -6.01718  0.32412   1.000 19.18550 ? 394 ASN A ND2 1 
ATOM   391  N N   . PHE A 1 72  ? -11.98732 -2.82279  0.74885   1.000 14.37834 ? 395 PHE A N   1 
ATOM   392  C CA  . PHE A 1 72  ? -11.24551 -2.04752  -0.23715  1.000 12.94807 ? 395 PHE A CA  1 
ATOM   393  C C   . PHE A 1 72  ? -11.42117 -2.64770  -1.62586  1.000 13.56812 ? 395 PHE A C   1 
ATOM   394  O O   . PHE A 1 72  ? -11.40679 -3.87030  -1.79953  1.000 14.88946 ? 395 PHE A O   1 
ATOM   395  C CB  . PHE A 1 72  ? -9.75709  -1.98581  0.12633   1.000 14.02558 ? 395 PHE A CB  1 
ATOM   396  C CG  . PHE A 1 72  ? -9.41099  -0.88274  1.08405   1.000 13.49691 ? 395 PHE A CG  1 
ATOM   397  C CD1 . PHE A 1 72  ? -8.67695  0.21772   0.65453   1.000 13.44021 ? 395 PHE A CD1 1 
ATOM   398  C CD2 . PHE A 1 72  ? -9.80601  -0.95122  2.41049   1.000 17.26001 ? 395 PHE A CD2 1 
ATOM   399  C CE1 . PHE A 1 72  ? -8.35291  1.23846   1.53613   1.000 15.22435 ? 395 PHE A CE1 1 
ATOM   400  C CE2 . PHE A 1 72  ? -9.49212  0.06904   3.29939   1.000 18.97932 ? 395 PHE A CE2 1 
ATOM   401  C CZ  . PHE A 1 72  ? -8.74511  1.16473   2.85388   1.000 16.32932 ? 395 PHE A CZ  1 
ATOM   402  N N   . THR A 1 73  ? -11.57985 -1.77409  -2.61565  1.000 13.45620 ? 396 THR A N   1 
ATOM   403  C CA  . THR A 1 73  ? -11.83264 -2.14256  -4.00369  1.000 12.86862 ? 396 THR A CA  1 
ATOM   404  C C   . THR A 1 73  ? -10.84703 -1.41529  -4.90604  1.000 12.82989 ? 396 THR A C   1 
ATOM   405  O O   . THR A 1 73  ? -10.09638 -0.53597  -4.46317  1.000 13.41701 ? 396 THR A O   1 
ATOM   406  C CB  . THR A 1 73  ? -13.26025 -1.77761  -4.42139  1.000 13.03631 ? 396 THR A CB  1 
ATOM   407  O OG1 . THR A 1 73  ? -13.37516 -0.35112  -4.53795  1.000 16.97763 ? 396 THR A OG1 1 
ATOM   408  C CG2 . THR A 1 73  ? -14.25718 -2.28548  -3.37900  1.000 16.43125 ? 396 THR A CG2 1 
ATOM   409  N N   . LYS A 1 74  ? -10.86435 -1.77756  -6.19475  1.000 13.26388 ? 397 LYS A N   1 
ATOM   410  C CA  . LYS A 1 74  ? -10.07837 -1.03336  -7.17598  1.000 14.33967 ? 397 LYS A CA  1 
ATOM   411  C C   . LYS A 1 74  ? -10.41416 0.44843   -7.14857  1.000 14.95528 ? 397 LYS A C   1 
ATOM   412  O O   . LYS A 1 74  ? -9.52780  1.29673   -7.30243  1.000 16.61416 ? 397 LYS A O   1 
ATOM   413  C CB  . LYS A 1 74  ? -10.31591 -1.57752  -8.59092  1.000 15.23521 ? 397 LYS A CB  1 
ATOM   414  C CG  . LYS A 1 74  ? -9.69825  -2.91091  -8.92565  1.000 17.74235 ? 397 LYS A CG  1 
ATOM   415  C CD  . LYS A 1 74  ? -9.81464  -3.16478  -10.44020 1.000 21.24843 ? 397 LYS A CD  1 
ATOM   416  C CE  . LYS A 1 74  ? -9.30782  -4.53417  -10.88755 1.000 28.56997 ? 397 LYS A CE  1 
ATOM   417  N NZ  . LYS A 1 74  ? -10.01351 -5.69531  -10.24511 1.000 28.10401 ? 397 LYS A NZ  1 
ATOM   418  N N   . GLN A 1 75  ? -11.69915 0.78449   -6.98787  1.000 14.93132 ? 398 GLN A N   1 
ATOM   419  C CA  . GLN A 1 75  ? -12.07753 2.18987   -6.90773  1.000 18.87043 ? 398 GLN A CA  1 
ATOM   420  C C   . GLN A 1 75  ? -11.40600 2.88571   -5.72676  1.000 15.36133 ? 398 GLN A C   1 
ATOM   421  O O   . GLN A 1 75  ? -11.01049 4.04937   -5.83132  1.000 16.21399 ? 398 GLN A O   1 
ATOM   422  C CB  . GLN A 1 75  ? -13.59743 2.31101   -6.82097  1.000 19.62022 ? 398 GLN A CB  1 
ATOM   423  C CG  . GLN A 1 75  ? -14.12089 3.73326   -6.85620  1.000 35.09213 ? 398 GLN A CG  1 
ATOM   424  C CD  . GLN A 1 75  ? -14.00552 4.36049   -8.23257  1.000 53.64945 ? 398 GLN A CD  1 
ATOM   425  O OE1 . GLN A 1 75  ? -13.01342 5.02112   -8.54617  1.000 48.49693 ? 398 GLN A OE1 1 
ATOM   426  N NE2 . GLN A 1 75  ? -15.02392 4.15488   -9.06460  1.000 53.13505 ? 398 GLN A NE2 1 
ATOM   427  N N   . ASP A 1 76  ? -11.26577 2.19963   -4.58924  1.000 13.75269 ? 399 ASP A N   1 
ATOM   428  C CA  . ASP A 1 76  ? -10.58559 2.81783   -3.45308  1.000 12.89441 ? 399 ASP A CA  1 
ATOM   429  C C   . ASP A 1 76  ? -9.12443  3.10497   -3.76563  1.000 16.01869 ? 399 ASP A C   1 
ATOM   430  O O   . ASP A 1 76  ? -8.58097  4.12165   -3.32266  1.000 15.08427 ? 399 ASP A O   1 
ATOM   431  C CB  . ASP A 1 76  ? -10.68068 1.92133   -2.22948  1.000 13.70461 ? 399 ASP A CB  1 
ATOM   432  C CG  . ASP A 1 76  ? -12.07340 1.83643   -1.69896  1.000 17.05462 ? 399 ASP A CG  1 
ATOM   433  O OD1 . ASP A 1 76  ? -12.59458 2.86858   -1.21497  1.000 18.88736 ? 399 ASP A OD1 1 
ATOM   434  O OD2 . ASP A 1 76  ? -12.64870 0.73149   -1.77815  1.000 18.05592 ? 399 ASP A OD2 1 
ATOM   435  N N   . VAL A 1 77  ? -8.45832  2.19326   -4.48470  1.000 12.71815 ? 400 VAL A N   1 
ATOM   436  C CA  . VAL A 1 77  ? -7.07153  2.43464   -4.87137  1.000 14.83681 ? 400 VAL A CA  1 
ATOM   437  C C   . VAL A 1 77  ? -6.98754  3.68261   -5.73819  1.000 15.40608 ? 400 VAL A C   1 
ATOM   438  O O   . VAL A 1 77  ? -6.12323  4.54115   -5.53388  1.000 14.95479 ? 400 VAL A O   1 
ATOM   439  C CB  . VAL A 1 77  ? -6.49261  1.19848   -5.58515  1.000 13.76555 ? 400 VAL A CB  1 
ATOM   440  C CG1 . VAL A 1 77  ? -5.11824  1.51266   -6.15245  1.000 24.19224 ? 400 VAL A CG1 1 
ATOM   441  C CG2 . VAL A 1 77  ? -6.40537  0.02663   -4.62410  1.000 16.57717 ? 400 VAL A CG2 1 
ATOM   442  N N   . ALA A 1 78  ? -7.90572  3.81277   -6.69936  1.000 13.96551 ? 401 ALA A N   1 
ATOM   443  C CA  . ALA A 1 78  ? -7.93916  5.00735   -7.53556  1.000 16.25248 ? 401 ALA A CA  1 
ATOM   444  C C   . ALA A 1 78  ? -8.10575  6.26574   -6.69094  1.000 17.67329 ? 401 ALA A C   1 
ATOM   445  O O   . ALA A 1 78  ? -7.45536  7.29100   -6.94505  1.000 19.66488 ? 401 ALA A O   1 
ATOM   446  C CB  . ALA A 1 78  ? -9.06606  4.88651   -8.56280  1.000 16.81326 ? 401 ALA A CB  1 
ATOM   447  N N   . GLU A 1 79  ? -8.95456  6.20380   -5.66623  1.000 16.18892 ? 402 GLU A N   1 
ATOM   448  C CA  . GLU A 1 79  ? -9.16191  7.36552   -4.81278  1.000 16.94076 ? 402 GLU A CA  1 
ATOM   449  C C   . GLU A 1 79  ? -7.94053  7.65802   -3.94828  1.000 17.60695 ? 402 GLU A C   1 
ATOM   450  O O   . GLU A 1 79  ? -7.63945  8.82553   -3.67726  1.000 19.81083 ? 402 GLU A O   1 
ATOM   451  C CB  . GLU A 1 79  ? -10.42924 7.15826   -3.97778  1.000 19.74829 ? 402 GLU A CB  1 
ATOM   452  C CG  . GLU A 1 79  ? -11.67236 7.09476   -4.88173  1.000 22.95595 ? 402 GLU A CG  1 
ATOM   453  C CD  . GLU A 1 79  ? -12.95948 6.82796   -4.13811  1.000 40.52265 ? 402 GLU A CD  1 
ATOM   454  O OE1 . GLU A 1 79  ? -12.95009 6.86280   -2.89127  1.000 37.29047 ? 402 GLU A OE1 1 
ATOM   455  O OE2 . GLU A 1 79  ? -13.98320 6.58495   -4.81898  1.000 38.43250 ? 402 GLU A OE2 1 
ATOM   456  N N   . MET A 1 80  ? -7.19719  6.62907   -3.53426  1.000 14.98661 ? 403 MET A N   1 
ATOM   457  C CA  . MET A 1 80  ? -5.98611  6.89196   -2.76796  1.000 14.21595 ? 403 MET A CA  1 
ATOM   458  C C   . MET A 1 80  ? -4.95168  7.62664   -3.59668  1.000 20.25342 ? 403 MET A C   1 
ATOM   459  O O   . MET A 1 80  ? -4.17613  8.42082   -3.05142  1.000 20.79153 ? 403 MET A O   1 
ATOM   460  C CB  . MET A 1 80  ? -5.39745  5.58493   -2.24363  1.000 16.24603 ? 403 MET A CB  1 
ATOM   461  C CG  . MET A 1 80  ? -6.25186  4.94820   -1.15855  1.000 15.04539 ? 403 MET A CG  1 
ATOM   462  S SD  . MET A 1 80  ? -5.56972  3.37677   -0.61764  1.000 18.02801 ? 403 MET A SD  1 
ATOM   463  C CE  . MET A 1 80  ? -4.06388  3.89197   0.20212   1.000 17.35369 ? 403 MET A CE  1 
ATOM   464  N N   . GLU A 1 81  ? -4.92014  7.37710   -4.90696  1.000 16.74999 ? 404 GLU A N   1 
ATOM   465  C CA  . GLU A 1 81  ? -3.95444  8.07182   -5.74630  1.000 19.05651 ? 404 GLU A CA  1 
ATOM   466  C C   . GLU A 1 81  ? -4.20288  9.57079   -5.80487  1.000 26.09630 ? 404 GLU A C   1 
ATOM   467  O O   . GLU A 1 81  ? -3.30461  10.30692  -6.21522  1.000 26.09106 ? 404 GLU A O   1 
ATOM   468  C CB  . GLU A 1 81  ? -3.95965  7.48856   -7.15779  1.000 23.79242 ? 404 GLU A CB  1 
ATOM   469  C CG  . GLU A 1 81  ? -3.46957  6.03363   -7.24066  1.000 19.38203 ? 404 GLU A CG  1 
ATOM   470  C CD  . GLU A 1 81  ? -1.94374  5.89640   -7.16157  1.000 25.50495 ? 404 GLU A CD  1 
ATOM   471  O OE1 . GLU A 1 81  ? -1.23837  6.91738   -7.04497  1.000 28.10184 ? 404 GLU A OE1 1 
ATOM   472  O OE2 . GLU A 1 81  ? -1.44498  4.75974   -7.22606  1.000 22.43897 ? 404 GLU A OE2 1 
ATOM   473  N N   . LYS A 1 82  ? -5.37946  10.04125  -5.38084  1.000 22.46905 ? 405 LYS A N   1 
ATOM   474  C CA  . LYS A 1 82  ? -5.74088  11.45471  -5.48312  1.000 22.02892 ? 405 LYS A CA  1 
ATOM   475  C C   . LYS A 1 82  ? -5.98544  12.09368  -4.12232  1.000 31.65228 ? 405 LYS A C   1 
ATOM   476  O O   . LYS A 1 82  ? -6.64373  13.13560  -4.04197  1.000 37.59384 ? 405 LYS A O   1 
ATOM   477  C CB  . LYS A 1 82  ? -6.97607  11.61939  -6.37114  1.000 34.12160 ? 405 LYS A CB  1 
ATOM   478  C CG  . LYS A 1 82  ? -6.78574  11.12592  -7.79068  1.000 46.32906 ? 405 LYS A CG  1 
ATOM   479  C CD  . LYS A 1 82  ? -8.08748  11.20761  -8.56940  1.000 48.77321 ? 405 LYS A CD  1 
ATOM   480  C CE  . LYS A 1 82  ? -9.17558  10.38153  -7.89784  1.000 48.96392 ? 405 LYS A CE  1 
ATOM   481  N NZ  . LYS A 1 82  ? -10.47956 10.46317  -8.61449  1.000 49.04688 ? 405 LYS A NZ  1 
ATOM   482  N N   . MET A 1 83  ? -5.45967  11.50311  -3.05398  1.000 32.58786 ? 406 MET A N   1 
ATOM   483  C CA  . MET A 1 83  ? -5.77092  11.96338  -1.70943  1.000 35.25711 ? 406 MET A CA  1 
ATOM   484  C C   . MET A 1 83  ? -5.14909  13.32227  -1.41866  1.000 37.24102 ? 406 MET A C   1 
ATOM   485  O O   . MET A 1 83  ? -4.03432  13.63084  -1.85143  1.000 41.58960 ? 406 MET A O   1 
ATOM   486  C CB  . MET A 1 83  ? -5.27416  10.96331  -0.67408  1.000 31.49417 ? 406 MET A CB  1 
ATOM   487  C CG  . MET A 1 83  ? -6.12575  9.75415   -0.56715  1.000 37.91086 ? 406 MET A CG  1 
ATOM   488  S SD  . MET A 1 83  ? -5.86712  9.09221   1.06131   1.000 29.22515 ? 406 MET A SD  1 
ATOM   489  C CE  . MET A 1 83  ? -4.10617  8.86847   1.08487   1.000 19.39926 ? 406 MET A CE  1 
ATOM   490  N N   . LYS A 1 84  ? -5.88002  14.12618  -0.64885  1.000 39.84520 ? 407 LYS A N   1 
ATOM   491  C CA  . LYS A 1 84  ? -5.39252  15.41698  -0.18924  1.000 33.61922 ? 407 LYS A CA  1 
ATOM   492  C C   . LYS A 1 84  ? -4.62887  15.26817  1.12251   1.000 38.74037 ? 407 LYS A C   1 
ATOM   493  O O   . LYS A 1 84  ? -5.02269  14.49658  2.00223   1.000 37.68797 ? 407 LYS A O   1 
ATOM   494  C CB  . LYS A 1 84  ? -6.55654  16.39420  -0.00435  1.000 52.99669 ? 407 LYS A CB  1 
ATOM   495  C CG  . LYS A 1 84  ? -6.12761  17.81447  0.34261   1.000 57.03861 ? 407 LYS A CG  1 
ATOM   496  C CD  . LYS A 1 84  ? -7.27400  18.62034  0.93483   1.000 62.63086 ? 407 LYS A CD  1 
ATOM   497  C CE  . LYS A 1 84  ? -7.71113  18.04387  2.27320   1.000 65.61179 ? 407 LYS A CE  1 
ATOM   498  N NZ  . LYS A 1 84  ? -8.67072  18.93255  2.98530   1.000 75.01548 ? 407 LYS A NZ  1 
ATOM   499  N N   . ASN A 1 85  ? -3.52100  16.00402  1.23445   1.000 30.59333 ? 408 ASN A N   1 
ATOM   500  C CA  . ASN A 1 85  ? -2.78077  16.16724  2.48724   1.000 34.14058 ? 408 ASN A CA  1 
ATOM   501  C C   . ASN A 1 85  ? -2.29571  14.84101  3.06690   1.000 30.14562 ? 408 ASN A C   1 
ATOM   502  O O   . ASN A 1 85  ? -2.22113  14.67995  4.28820   1.000 39.15462 ? 408 ASN A O   1 
ATOM   503  C CB  . ASN A 1 85  ? -3.61366  16.92017  3.52843   1.000 44.47847 ? 408 ASN A CB  1 
ATOM   504  C CG  . ASN A 1 85  ? -3.79064  18.38517  3.18427   1.000 58.00790 ? 408 ASN A CG  1 
ATOM   505  O OD1 . ASN A 1 85  ? -2.93762  18.99029  2.53243   1.000 64.29681 ? 408 ASN A OD1 1 
ATOM   506  N ND2 . ASN A 1 85  ? -4.90067  18.96539  3.62469   1.000 57.44812 ? 408 ASN A ND2 1 
ATOM   507  N N   . ASN A 1 86  ? -1.96072  13.87219  2.21999   1.000 24.72878 ? 409 ASN A N   1 
ATOM   508  C CA  . ASN A 1 86  ? -1.26611  12.67491  2.68189   1.000 23.39160 ? 409 ASN A CA  1 
ATOM   509  C C   . ASN A 1 86  ? 0.07010   12.62300  1.96066   1.000 18.26642 ? 409 ASN A C   1 
ATOM   510  O O   . ASN A 1 86  ? 0.11078   12.39510  0.74672   1.000 22.91166 ? 409 ASN A O   1 
ATOM   511  C CB  . ASN A 1 86  ? -2.06344  11.39924  2.43131   1.000 23.00766 ? 409 ASN A CB  1 
ATOM   512  C CG  . ASN A 1 86  ? -1.46323  10.20279  3.15757   1.000 23.90003 ? 409 ASN A CG  1 
ATOM   513  O OD1 . ASN A 1 86  ? -0.35842  9.75462   2.83318   1.000 22.41483 ? 409 ASN A OD1 1 
ATOM   514  N ND2 . ASN A 1 86  ? -2.17695  9.68995   4.15368   1.000 19.27683 ? 409 ASN A ND2 1 
ATOM   515  N N   . ARG A 1 87  ? 1.15620   12.83003  2.70179   1.000 21.52307 ? 410 ARG A N   1 
ATOM   516  C CA  . ARG A 1 87  ? 2.44909   12.95292  2.04290   1.000 22.64124 ? 410 ARG A CA  1 
ATOM   517  C C   . ARG A 1 87  ? 2.84244   11.66382  1.33662   1.000 21.80815 ? 410 ARG A C   1 
ATOM   518  O O   . ARG A 1 87  ? 3.54378   11.70516  0.31785   1.000 22.51345 ? 410 ARG A O   1 
ATOM   519  C CB  . ARG A 1 87  ? 3.52011   13.37578  3.04753   1.000 22.52293 ? 410 ARG A CB  1 
ATOM   520  C CG  . ARG A 1 87  ? 3.78436   12.37909  4.15151   1.000 26.81958 ? 410 ARG A CG  1 
ATOM   521  C CD  . ARG A 1 87  ? 4.80066   12.93653  5.13356   1.000 24.59115 ? 410 ARG A CD  1 
ATOM   522  N NE  . ARG A 1 87  ? 5.22806   11.93496  6.09840   1.000 26.14633 ? 410 ARG A NE  1 
ATOM   523  C CZ  . ARG A 1 87  ? 4.54406   11.61704  7.19409   1.000 21.20852 ? 410 ARG A CZ  1 
ATOM   524  N NH1 . ARG A 1 87  ? 3.39195   12.22828  7.46210   1.000 23.89293 ? 410 ARG A NH1 1 
ATOM   525  N NH2 . ARG A 1 87  ? 5.01395   10.69363  8.01584   1.000 24.46607 ? 410 ARG A NH2 1 
ATOM   526  N N   . TYR A 1 88  ? 2.38967   10.51067  1.83687   1.000 17.44916 ? 411 TYR A N   1 
ATOM   527  C CA  . TYR A 1 88  ? 2.81771   9.26478   1.21393   1.000 18.15428 ? 411 TYR A CA  1 
ATOM   528  C C   . TYR A 1 88  ? 2.16256   9.08193   -0.14608  1.000 20.98735 ? 411 TYR A C   1 
ATOM   529  O O   . TYR A 1 88  ? 2.83470   8.73220   -1.12151  1.000 22.42786 ? 411 TYR A O   1 
ATOM   530  C CB  . TYR A 1 88  ? 2.54200   8.08053   2.14185   1.000 15.73383 ? 411 TYR A CB  1 
ATOM   531  C CG  . TYR A 1 88  ? 3.45277   8.07809   3.33249   1.000 15.93734 ? 411 TYR A CG  1 
ATOM   532  C CD1 . TYR A 1 88  ? 4.81401   7.85039   3.18319   1.000 17.93737 ? 411 TYR A CD1 1 
ATOM   533  C CD2 . TYR A 1 88  ? 2.96800   8.32969   4.60068   1.000 14.72042 ? 411 TYR A CD2 1 
ATOM   534  C CE1 . TYR A 1 88  ? 5.65304   7.86003   4.27070   1.000 18.52808 ? 411 TYR A CE1 1 
ATOM   535  C CE2 . TYR A 1 88  ? 3.79650   8.35493   5.69282   1.000 19.55250 ? 411 TYR A CE2 1 
ATOM   536  C CZ  . TYR A 1 88  ? 5.13731   8.11233   5.52959   1.000 18.75352 ? 411 TYR A CZ  1 
ATOM   537  O OH  . TYR A 1 88  ? 5.95538   8.13113   6.63060   1.000 23.52284 ? 411 TYR A OH  1 
ATOM   538  N N   . CYS A 1 89  ? 0.86963   9.35803   -0.25748  1.000 18.25549 ? 412 CYS A N   1 
ATOM   539  C CA  . CYS A 1 89  ? 0.27022   9.22246   -1.57401  1.000 16.93618 ? 412 CYS A CA  1 
ATOM   540  C C   . CYS A 1 89  ? 0.57468   10.41375  -2.47317  1.000 21.97306 ? 412 CYS A C   1 
ATOM   541  O O   . CYS A 1 89  ? 0.51326   10.27792  -3.70233  1.000 25.63608 ? 412 CYS A O   1 
ATOM   542  C CB  . CYS A 1 89  ? -1.23422  8.96696   -1.44119  1.000 24.63311 ? 412 CYS A CB  1 
ATOM   543  S SG  . CYS A 1 89  ? -1.55418  7.21738   -0.98806  1.000 27.24366 ? 412 CYS A SG  1 
ATOM   544  N N   . ASN A 1 90  ? 0.97043   11.55277  -1.90072  1.000 20.26258 ? 413 ASN A N   1 
ATOM   545  C CA  . ASN A 1 90  ? 1.42187   12.65866  -2.73196  1.000 23.48632 ? 413 ASN A CA  1 
ATOM   546  C C   . ASN A 1 90  ? 2.73491   12.31220  -3.42695  1.000 23.91672 ? 413 ASN A C   1 
ATOM   547  O O   . ASN A 1 90  ? 2.90557   12.58356  -4.62207  1.000 24.95935 ? 413 ASN A O   1 
ATOM   548  C CB  . ASN A 1 90  ? 1.57409   13.91981  -1.88367  1.000 26.18013 ? 413 ASN A CB  1 
ATOM   549  C CG  . ASN A 1 90  ? 1.39064   15.19183  -2.68932  1.000 51.44180 ? 413 ASN A CG  1 
ATOM   550  O OD1 . ASN A 1 90  ? 0.77038   15.18400  -3.75382  1.000 49.50216 ? 413 ASN A OD1 1 
ATOM   551  N ND2 . ASN A 1 90  ? 1.92571   16.29632  -2.18028  1.000 58.98802 ? 413 ASN A ND2 1 
ATOM   552  N N   . LEU A 1 91  ? 3.65772   11.67739  -2.70613  1.000 18.47994 ? 414 LEU A N   1 
ATOM   553  C CA  . LEU A 1 91  ? 4.97238   11.37156  -3.25609  1.000 16.11964 ? 414 LEU A CA  1 
ATOM   554  C C   . LEU A 1 91  ? 5.01135   10.08155  -4.06526  1.000 19.74820 ? 414 LEU A C   1 
ATOM   555  O O   . LEU A 1 91  ? 5.83367   9.96813   -4.98108  1.000 20.74399 ? 414 LEU A O   1 
ATOM   556  C CB  . LEU A 1 91  ? 5.99749   11.26659  -2.12810  1.000 18.52383 ? 414 LEU A CB  1 
ATOM   557  C CG  . LEU A 1 91  ? 6.37326   12.57320  -1.42865  1.000 28.05474 ? 414 LEU A CG  1 
ATOM   558  C CD1 . LEU A 1 91  ? 6.88132   12.29727  -0.03215  1.000 29.37142 ? 414 LEU A CD1 1 
ATOM   559  C CD2 . LEU A 1 91  ? 7.42684   13.30184  -2.23888  1.000 28.47591 ? 414 LEU A CD2 1 
ATOM   560  N N   . TYR A 1 92  ? 4.16182   9.09843   -3.75112  1.000 16.26594 ? 415 TYR A N   1 
ATOM   561  C CA  . TYR A 1 92  ? 4.35375   7.73996   -4.25342  1.000 13.22690 ? 415 TYR A CA  1 
ATOM   562  C C   . TYR A 1 92  ? 3.06887   7.14058   -4.80112  1.000 15.85463 ? 415 TYR A C   1 
ATOM   563  O O   . TYR A 1 92  ? 1.99151   7.32657   -4.22707  1.000 18.84766 ? 415 TYR A O   1 
ATOM   564  C CB  . TYR A 1 92  ? 4.83758   6.79242   -3.16426  1.000 13.61622 ? 415 TYR A CB  1 
ATOM   565  C CG  . TYR A 1 92  ? 6.07855   7.20273   -2.42353  1.000 15.11646 ? 415 TYR A CG  1 
ATOM   566  C CD1 . TYR A 1 92  ? 7.27430   7.41582   -3.08324  1.000 20.61915 ? 415 TYR A CD1 1 
ATOM   567  C CD2 . TYR A 1 92  ? 6.06219   7.31007   -1.04655  1.000 18.81886 ? 415 TYR A CD2 1 
ATOM   568  C CE1 . TYR A 1 92  ? 8.42240   7.75962   -2.38247  1.000 16.62688 ? 415 TYR A CE1 1 
ATOM   569  C CE2 . TYR A 1 92  ? 7.19392   7.65879   -0.34277  1.000 20.28806 ? 415 TYR A CE2 1 
ATOM   570  C CZ  . TYR A 1 92  ? 8.36654   7.87844   -1.01958  1.000 18.56051 ? 415 TYR A CZ  1 
ATOM   571  O OH  . TYR A 1 92  ? 9.49862   8.21334   -0.31667  1.000 22.95285 ? 415 TYR A OH  1 
ATOM   572  N N   . ASP A 1 93  ? 3.20433   6.36305   -5.87265  1.000 15.22821 ? 416 ASP A N   1 
ATOM   573  C CA  . ASP A 1 93  ? 2.12227   5.49362   -6.31467  1.000 14.08563 ? 416 ASP A CA  1 
ATOM   574  C C   . ASP A 1 93  ? 1.78102   4.48972   -5.22287  1.000 13.29968 ? 416 ASP A C   1 
ATOM   575  O O   . ASP A 1 93  ? 2.64448   4.04073   -4.46452  1.000 14.87437 ? 416 ASP A O   1 
ATOM   576  C CB  . ASP A 1 93  ? 2.52782   4.72842   -7.57825  1.000 14.12446 ? 416 ASP A CB  1 
ATOM   577  C CG  . ASP A 1 93  ? 3.02311   5.63892   -8.68589  1.000 20.07573 ? 416 ASP A CG  1 
ATOM   578  O OD1 . ASP A 1 93  ? 2.29757   5.79438   -9.69099  1.000 22.39742 ? 416 ASP A OD1 1 
ATOM   579  O OD2 . ASP A 1 93  ? 4.13549   6.19785   -8.54466  1.000 18.54745 ? 416 ASP A OD2 1 
ATOM   580  N N   . VAL A 1 94  ? 0.50324   4.10495   -5.16382  1.000 13.15924 ? 417 VAL A N   1 
ATOM   581  C CA  . VAL A 1 94  ? 0.10884   3.04223   -4.24207  1.000 13.61737 ? 417 VAL A CA  1 
ATOM   582  C C   . VAL A 1 94  ? 0.94595   1.78383   -4.46784  1.000 13.19085 ? 417 VAL A C   1 
ATOM   583  O O   . VAL A 1 94  ? 1.36741   1.12738   -3.50847  1.000 14.81584 ? 417 VAL A O   1 
ATOM   584  C CB  . VAL A 1 94  ? -1.39721  2.75648   -4.37249  1.000 16.01764 ? 417 VAL A CB  1 
ATOM   585  C CG1 . VAL A 1 94  ? -1.76011  1.48891   -3.62827  1.000 18.74749 ? 417 VAL A CG1 1 
ATOM   586  C CG2 . VAL A 1 94  ? -2.20055  3.94867   -3.83626  1.000 16.00967 ? 417 VAL A CG2 1 
ATOM   587  N N   . GLU A 1 95  ? 1.19724   1.42745   -5.73486  1.000 13.64394 ? 418 GLU A N   1 
ATOM   588  C CA  . GLU A 1 95  ? 1.95956   0.21491   -6.01883  1.000 12.23840 ? 418 GLU A CA  1 
ATOM   589  C C   . GLU A 1 95  ? 3.41201   0.33800   -5.57305  1.000 14.91346 ? 418 GLU A C   1 
ATOM   590  O O   . GLU A 1 95  ? 4.03189   -0.66644  -5.20315  1.000 13.57358 ? 418 GLU A O   1 
ATOM   591  C CB  . GLU A 1 95  ? 1.87627   -0.10485  -7.50927  1.000 13.28747 ? 418 GLU A CB  1 
ATOM   592  C CG  . GLU A 1 95  ? 0.44745   -0.40732  -7.98087  1.000 15.99593 ? 418 GLU A CG  1 
ATOM   593  C CD  . GLU A 1 95  ? -0.40998  0.84201   -8.24274  1.000 15.19552 ? 418 GLU A CD  1 
ATOM   594  O OE1 . GLU A 1 95  ? 0.06930   1.98453   -8.04928  1.000 17.69082 ? 418 GLU A OE1 1 
ATOM   595  O OE2 . GLU A 1 95  ? -1.57781  0.65960   -8.66380  1.000 19.20108 ? 418 GLU A OE2 1 
ATOM   596  N N   . TYR A 1 96  ? 3.96477   1.55342   -5.58488  1.000 13.92317 ? 419 TYR A N   1 
ATOM   597  C CA  . TYR A 1 96  ? 5.29424   1.76175   -5.02326  1.000 13.31358 ? 419 TYR A CA  1 
ATOM   598  C C   . TYR A 1 96  ? 5.27719   1.59457   -3.50805  1.000 15.19164 ? 419 TYR A C   1 
ATOM   599  O O   . TYR A 1 96  ? 6.14091   0.90986   -2.95170  1.000 14.89895 ? 419 TYR A O   1 
ATOM   600  C CB  . TYR A 1 96  ? 5.81657   3.13942   -5.43644  1.000 14.28378 ? 419 TYR A CB  1 
ATOM   601  C CG  . TYR A 1 96  ? 7.18469   3.48113   -4.92031  1.000 13.93297 ? 419 TYR A CG  1 
ATOM   602  C CD1 . TYR A 1 96  ? 8.29520   3.29042   -5.71869  1.000 15.15629 ? 419 TYR A CD1 1 
ATOM   603  C CD2 . TYR A 1 96  ? 7.36618   4.00430   -3.64293  1.000 18.98061 ? 419 TYR A CD2 1 
ATOM   604  C CE1 . TYR A 1 96  ? 9.56070   3.61299   -5.26902  1.000 14.67559 ? 419 TYR A CE1 1 
ATOM   605  C CE2 . TYR A 1 96  ? 8.63423   4.32525   -3.17484  1.000 18.60723 ? 419 TYR A CE2 1 
ATOM   606  C CZ  . TYR A 1 96  ? 9.71866   4.12583   -4.00080  1.000 18.71711 ? 419 TYR A CZ  1 
ATOM   607  O OH  . TYR A 1 96  ? 10.97694  4.44129   -3.54366  1.000 24.11925 ? 419 TYR A OH  1 
ATOM   608  N N   . LEU A 1 97  ? 4.27064   2.16830   -2.82815  1.000 15.60800 ? 420 LEU A N   1 
ATOM   609  C CA  . LEU A 1 97  ? 4.13117   1.98390   -1.38250  1.000 16.47346 ? 420 LEU A CA  1 
ATOM   610  C C   . LEU A 1 97  ? 3.99411   0.51310   -1.00314  1.000 17.70859 ? 420 LEU A C   1 
ATOM   611  O O   . LEU A 1 97  ? 4.49781   0.08803   0.04405   1.000 19.17815 ? 420 LEU A O   1 
ATOM   612  C CB  . LEU A 1 97  ? 2.92084   2.76397   -0.86391  1.000 19.96379 ? 420 LEU A CB  1 
ATOM   613  C CG  . LEU A 1 97  ? 3.06002   4.25522   -0.58311  1.000 25.33253 ? 420 LEU A CG  1 
ATOM   614  C CD1 . LEU A 1 97  ? 1.69221   4.81729   -0.23709  1.000 23.43105 ? 420 LEU A CD1 1 
ATOM   615  C CD2 . LEU A 1 97  ? 4.04392   4.50332   0.56417   1.000 20.87224 ? 420 LEU A CD2 1 
ATOM   616  N N   . LEU A 1 98  ? 3.29491   -0.27689  -1.82230  1.000 14.49132 ? 421 LEU A N   1 
ATOM   617  C CA  . LEU A 1 98  ? 3.08213   -1.68610  -1.49947  1.000 16.59502 ? 421 LEU A CA  1 
ATOM   618  C C   . LEU A 1 98  ? 4.36498   -2.49765  -1.59799  1.000 16.29737 ? 421 LEU A C   1 
ATOM   619  O O   . LEU A 1 98  ? 4.50429   -3.51736  -0.91059  1.000 17.16469 ? 421 LEU A O   1 
ATOM   620  C CB  . LEU A 1 98  ? 2.03206   -2.29486  -2.43140  1.000 16.46514 ? 421 LEU A CB  1 
ATOM   621  C CG  . LEU A 1 98  ? 0.59142   -1.83890  -2.19416  1.000 14.83821 ? 421 LEU A CG  1 
ATOM   622  C CD1 . LEU A 1 98  ? -0.32843  -2.27262  -3.31294  1.000 18.39499 ? 421 LEU A CD1 1 
ATOM   623  C CD2 . LEU A 1 98  ? 0.08538   -2.39458  -0.87952  1.000 15.78997 ? 421 LEU A CD2 1 
ATOM   624  N N   . SER A 1 99  ? 5.30543   -2.07479  -2.44497  1.000 14.45361 ? 422 SER A N   1 
ATOM   625  C CA  . SER A 1 99  ? 6.42937   -2.90894  -2.84706  1.000 14.39091 ? 422 SER A CA  1 
ATOM   626  C C   . SER A 1 99  ? 7.79918   -2.38453  -2.44313  1.000 13.94788 ? 422 SER A C   1 
ATOM   627  O O   . SER A 1 99  ? 8.78485   -3.11603  -2.59202  1.000 17.54307 ? 422 SER A O   1 
ATOM   628  C CB  . SER A 1 99  ? 6.41127   -3.10936  -4.37284  1.000 14.62044 ? 422 SER A CB  1 
ATOM   629  O OG  . SER A 1 99  ? 6.52542   -1.86247  -5.05290  1.000 13.50285 ? 422 SER A OG  1 
ATOM   630  N N   . LYS A 1 100 ? 7.90925   -1.15094  -1.95917  1.000 17.47622 ? 423 LYS A N   1 
ATOM   631  C CA  . LYS A 1 100 ? 9.24481   -0.61515  -1.71483  1.000 19.59513 ? 423 LYS A CA  1 
ATOM   632  C C   . LYS A 1 100 ? 9.88802   -1.27945  -0.50325  1.000 21.58118 ? 423 LYS A C   1 
ATOM   633  O O   . LYS A 1 100 ? 11.07950  -1.61161  -0.52987  1.000 27.20064 ? 423 LYS A O   1 
ATOM   634  C CB  . LYS A 1 100 ? 9.17892   0.90171   -1.53793  1.000 19.22086 ? 423 LYS A CB  1 
ATOM   635  C CG  . LYS A 1 100 ? 10.52565  1.54422   -1.22958  1.000 26.19620 ? 423 LYS A CG  1 
ATOM   636  C CD  . LYS A 1 100 ? 11.51728  1.34157   -2.37205  1.000 40.18765 ? 423 LYS A CD  1 
ATOM   637  C CE  . LYS A 1 100 ? 12.85260  2.02557   -2.08703  1.000 50.66269 ? 423 LYS A CE  1 
ATOM   638  N NZ  . LYS A 1 100 ? 13.72759  2.08027   -3.29906  1.000 55.23394 ? 423 LYS A NZ  1 
ATOM   639  N N   . ASP A 1 101 ? 9.11542   -1.49760  0.55498   1.000 18.95304 ? 424 ASP A N   1 
ATOM   640  C CA  . ASP A 1 101 ? 9.61550   -2.06094  1.80367   1.000 17.98571 ? 424 ASP A CA  1 
ATOM   641  C C   . ASP A 1 101 ? 9.02679   -3.44758  2.00803   1.000 18.65788 ? 424 ASP A C   1 
ATOM   642  O O   . ASP A 1 101 ? 7.80090   -3.61161  2.02919   1.000 18.35816 ? 424 ASP A O   1 
ATOM   643  C CB  . ASP A 1 101 ? 9.25024   -1.17086  2.99104   1.000 18.55006 ? 424 ASP A CB  1 
ATOM   644  C CG  . ASP A 1 101 ? 10.06288  -1.49094  4.23788   1.000 29.66862 ? 424 ASP A CG  1 
ATOM   645  O OD1 . ASP A 1 101 ? 10.63074  -0.55257  4.83648   1.000 32.37956 ? 424 ASP A OD1 1 
ATOM   646  O OD2 . ASP A 1 101 ? 10.13753  -2.67746  4.61735   1.000 32.56256 ? 424 ASP A OD2 1 
ATOM   647  N N   . GLY A 1 102 ? 9.89431   -4.43779  2.20401   1.000 19.80201 ? 425 GLY A N   1 
ATOM   648  C CA  . GLY A 1 102 ? 9.41006   -5.78243  2.43333   1.000 18.18190 ? 425 GLY A CA  1 
ATOM   649  C C   . GLY A 1 102 ? 8.54424   -5.92795  3.67073   1.000 14.79831 ? 425 GLY A C   1 
ATOM   650  O O   . GLY A 1 102 ? 7.81852   -6.91512  3.79021   1.000 15.07614 ? 425 GLY A O   1 
ATOM   651  N N   . ALA A 1 103 ? 8.60445   -4.96852  4.60057   1.000 16.58693 ? 426 ALA A N   1 
ATOM   652  C CA  . ALA A 1 103 ? 7.74416   -5.04197  5.77534   1.000 15.83914 ? 426 ALA A CA  1 
ATOM   653  C C   . ALA A 1 103 ? 6.26861   -5.02954  5.40747   1.000 16.43364 ? 426 ALA A C   1 
ATOM   654  O O   . ALA A 1 103 ? 5.44429   -5.49707  6.19528   1.000 19.09000 ? 426 ALA A O   1 
ATOM   655  C CB  . ALA A 1 103 ? 8.04157   -3.88836  6.73736   1.000 21.02974 ? 426 ALA A CB  1 
ATOM   656  N N   . ASN A 1 104 ? 5.91746   -4.52992  4.22723   1.000 14.79758 ? 427 ASN A N   1 
ATOM   657  C CA  . ASN A 1 104 ? 4.52176   -4.44624  3.82339   1.000 13.47024 ? 427 ASN A CA  1 
ATOM   658  C C   . ASN A 1 104 ? 4.09399   -5.61166  2.94407   1.000 14.87145 ? 427 ASN A C   1 
ATOM   659  O O   . ASN A 1 104 ? 3.04724   -5.53716  2.29854   1.000 13.53185 ? 427 ASN A O   1 
ATOM   660  C CB  . ASN A 1 104 ? 4.26716   -3.12760  3.09942   1.000 15.17584 ? 427 ASN A CB  1 
ATOM   661  C CG  . ASN A 1 104 ? 4.33175   -1.94468  4.02485   1.000 14.79890 ? 427 ASN A CG  1 
ATOM   662  O OD1 . ASN A 1 104 ? 3.96711   -2.04396  5.19390   1.000 19.73446 ? 427 ASN A OD1 1 
ATOM   663  N ND2 . ASN A 1 104 ? 4.79873   -0.82172  3.51256   1.000 17.71068 ? 427 ASN A ND2 1 
ATOM   664  N N   . TYR A 1 105 ? 4.86132   -6.70509  2.93716   1.000 14.02454 ? 428 TYR A N   1 
ATOM   665  C CA  . TYR A 1 105 ? 4.60609   -7.79615  2.00163   1.000 11.01380 ? 428 TYR A CA  1 
ATOM   666  C C   . TYR A 1 105 ? 3.19488   -8.36427  2.14340   1.000 12.91519 ? 428 TYR A C   1 
ATOM   667  O O   . TYR A 1 105 ? 2.56128   -8.69728  1.14008   1.000 13.70286 ? 428 TYR A O   1 
ATOM   668  C CB  . TYR A 1 105 ? 5.64516   -8.90256  2.20659   1.000 15.18420 ? 428 TYR A CB  1 
ATOM   669  C CG  . TYR A 1 105 ? 5.36679   -10.16176 1.41408   1.000 16.79561 ? 428 TYR A CG  1 
ATOM   670  C CD1 . TYR A 1 105 ? 5.71276   -10.24306 0.07142   1.000 22.67829 ? 428 TYR A CD1 1 
ATOM   671  C CD2 . TYR A 1 105 ? 4.75469   -11.25319 1.99617   1.000 15.69731 ? 428 TYR A CD2 1 
ATOM   672  C CE1 . TYR A 1 105 ? 5.45853   -11.38859 -0.66735  1.000 25.37064 ? 428 TYR A CE1 1 
ATOM   673  C CE2 . TYR A 1 105 ? 4.49538   -12.39999 1.26699   1.000 24.07075 ? 428 TYR A CE2 1 
ATOM   674  C CZ  . TYR A 1 105 ? 4.85051   -12.46227 -0.06564  1.000 25.80903 ? 428 TYR A CZ  1 
ATOM   675  O OH  . TYR A 1 105 ? 4.59532   -13.60447 -0.80254  1.000 26.59705 ? 428 TYR A OH  1 
ATOM   676  N N   . LYS A 1 106 ? 2.69431   -8.53121  3.37453   1.000 13.44631 ? 429 LYS A N   1 
ATOM   677  C CA  . LYS A 1 106 ? 1.36351   -9.12324  3.51373   1.000 12.92247 ? 429 LYS A CA  1 
ATOM   678  C C   . LYS A 1 106 ? 0.27559   -8.20582  2.96731   1.000 11.06250 ? 429 LYS A C   1 
ATOM   679  O O   . LYS A 1 106 ? -0.78670  -8.68591  2.54161   1.000 12.79630 ? 429 LYS A O   1 
ATOM   680  C CB  . LYS A 1 106 ? 1.10027   -9.49336  4.97045   1.000 13.49317 ? 429 LYS A CB  1 
ATOM   681  C CG  . LYS A 1 106 ? 1.96435   -10.67580 5.38559   1.000 17.30199 ? 429 LYS A CG  1 
ATOM   682  C CD  . LYS A 1 106 ? 1.86616   -10.95340 6.86294   1.000 22.05093 ? 429 LYS A CD  1 
ATOM   683  C CE  . LYS A 1 106 ? 2.72033   -12.16109 7.19978   1.000 25.03440 ? 429 LYS A CE  1 
ATOM   684  N NZ  . LYS A 1 106 ? 2.88234   -12.31839 8.66350   1.000 27.79230 ? 429 LYS A NZ  1 
ATOM   685  N N   . VAL A 1 107 ? 0.52581   -6.89297  2.95254   1.000 10.81774 ? 430 VAL A N   1 
ATOM   686  C CA  . VAL A 1 107 ? -0.43088  -5.97775  2.33472   1.000 10.76934 ? 430 VAL A CA  1 
ATOM   687  C C   . VAL A 1 107 ? -0.34993  -6.07989  0.81721   1.000 9.79929  ? 430 VAL A C   1 
ATOM   688  O O   . VAL A 1 107 ? -1.37627  -6.09546  0.12397   1.000 10.47854 ? 430 VAL A O   1 
ATOM   689  C CB  . VAL A 1 107 ? -0.18700  -4.53717  2.82656   1.000 10.43074 ? 430 VAL A CB  1 
ATOM   690  C CG1 . VAL A 1 107 ? -1.35186  -3.63186  2.42855   1.000 13.12128 ? 430 VAL A CG1 1 
ATOM   691  C CG2 . VAL A 1 107 ? 0.01644   -4.52624  4.35485   1.000 15.95822 ? 430 VAL A CG2 1 
ATOM   692  N N   . LEU A 1 108 ? 0.86936   -6.14745  0.27415   1.000 12.19676 ? 431 LEU A N   1 
ATOM   693  C CA  . LEU A 1 108 ? 1.04371   -6.40634  -1.15095  1.000 11.64533 ? 431 LEU A CA  1 
ATOM   694  C C   . LEU A 1 108 ? 0.33674   -7.69130  -1.55732  1.000 10.72379 ? 431 LEU A C   1 
ATOM   695  O O   . LEU A 1 108 ? -0.34523  -7.73317  -2.59376  1.000 12.77599 ? 431 LEU A O   1 
ATOM   696  C CB  . LEU A 1 108 ? 2.54051   -6.47936  -1.47083  1.000 11.30458 ? 431 LEU A CB  1 
ATOM   697  C CG  . LEU A 1 108 ? 2.93006   -6.97017  -2.86178  1.000 11.91472 ? 431 LEU A CG  1 
ATOM   698  C CD1 . LEU A 1 108 ? 2.46050   -5.98518  -3.89840  1.000 19.91505 ? 431 LEU A CD1 1 
ATOM   699  C CD2 . LEU A 1 108 ? 4.44286   -7.17097  -2.91165  1.000 18.54122 ? 431 LEU A CD2 1 
ATOM   700  N N   . GLU A 1 109 ? 0.49936   -8.74804  -0.75609  1.000 13.09718 ? 432 GLU A N   1 
ATOM   701  C CA  . GLU A 1 109 ? -0.16093  -10.02361 -1.01900  1.000 13.10966 ? 432 GLU A CA  1 
ATOM   702  C C   . GLU A 1 109 ? -1.66366  -9.84187  -1.11643  1.000 14.08971 ? 432 GLU A C   1 
ATOM   703  O O   . GLU A 1 109 ? -2.30376  -10.32486 -2.05703  1.000 15.67910 ? 432 GLU A O   1 
ATOM   704  C CB  . GLU A 1 109 ? 0.18671   -11.00537 0.09692   1.000 16.53600 ? 432 GLU A CB  1 
ATOM   705  C CG  . GLU A 1 109 ? -0.15805  -12.44382 -0.12810  1.000 25.52023 ? 432 GLU A CG  1 
ATOM   706  C CD  . GLU A 1 109 ? 0.71505   -13.33691 0.75036   1.000 41.21319 ? 432 GLU A CD  1 
ATOM   707  O OE1 . GLU A 1 109 ? 1.13806   -14.41934 0.29643   1.000 44.90076 ? 432 GLU A OE1 1 
ATOM   708  O OE2 . GLU A 1 109 ? 1.01635   -12.92922 1.89341   1.000 32.63000 ? 432 GLU A OE2 1 
ATOM   709  N N   . TYR A 1 110 ? -2.23990  -9.13315  -0.14244  1.000 11.67676 ? 433 TYR A N   1 
ATOM   710  C CA  . TYR A 1 110 ? -3.67505  -8.89372  -0.13744  1.000 11.02081 ? 433 TYR A CA  1 
ATOM   711  C C   . TYR A 1 110 ? -4.10532  -8.17297  -1.40501  1.000 11.43607 ? 433 TYR A C   1 
ATOM   712  O O   . TYR A 1 110 ? -5.06851  -8.57083  -2.06473  1.000 13.37852 ? 433 TYR A O   1 
ATOM   713  C CB  . TYR A 1 110 ? -4.06809  -8.08388  1.10912   1.000 12.71150 ? 433 TYR A CB  1 
ATOM   714  C CG  . TYR A 1 110 ? -5.55719  -7.82735  1.19424   1.000 13.16821 ? 433 TYR A CG  1 
ATOM   715  C CD1 . TYR A 1 110 ? -6.36257  -8.58996  2.02240   1.000 14.53362 ? 433 TYR A CD1 1 
ATOM   716  C CD2 . TYR A 1 110 ? -6.15736  -6.84010  0.43034   1.000 11.87030 ? 433 TYR A CD2 1 
ATOM   717  C CE1 . TYR A 1 110 ? -7.73763  -8.36963  2.07991   1.000 12.18106 ? 433 TYR A CE1 1 
ATOM   718  C CE2 . TYR A 1 110 ? -7.51205  -6.62199  0.46866   1.000 12.94382 ? 433 TYR A CE2 1 
ATOM   719  C CZ  . TYR A 1 110 ? -8.30016  -7.37903  1.29290   1.000 13.13931 ? 433 TYR A CZ  1 
ATOM   720  O OH  . TYR A 1 110 ? -9.66244  -7.14763  1.32242   1.000 14.99443 ? 433 TYR A OH  1 
ATOM   721  N N   . PHE A 1 111 ? -3.40193  -7.09829  -1.76087  1.000 10.64370 ? 434 PHE A N   1 
ATOM   722  C CA  . PHE A 1 111 ? -3.81474  -6.30120  -2.90670  1.000 9.50977  ? 434 PHE A CA  1 
ATOM   723  C C   . PHE A 1 111 ? -3.72252  -7.08307  -4.21591  1.000 14.31803 ? 434 PHE A C   1 
ATOM   724  O O   . PHE A 1 111 ? -4.59334  -6.94921  -5.08562  1.000 16.76250 ? 434 PHE A O   1 
ATOM   725  C CB  . PHE A 1 111 ? -2.97123  -5.02900  -2.97429  1.000 10.49679 ? 434 PHE A CB  1 
ATOM   726  C CG  . PHE A 1 111 ? -3.54089  -3.87346  -2.18861  1.000 13.02761 ? 434 PHE A CG  1 
ATOM   727  C CD1 . PHE A 1 111 ? -3.94922  -2.72231  -2.83093  1.000 19.00172 ? 434 PHE A CD1 1 
ATOM   728  C CD2 . PHE A 1 111 ? -3.67168  -3.94663  -0.81429  1.000 13.15215 ? 434 PHE A CD2 1 
ATOM   729  C CE1 . PHE A 1 111 ? -4.47147  -1.65912  -2.10791  1.000 23.51225 ? 434 PHE A CE1 1 
ATOM   730  C CE2 . PHE A 1 111 ? -4.19022  -2.89844  -0.07914  1.000 19.31547 ? 434 PHE A CE2 1 
ATOM   731  C CZ  . PHE A 1 111 ? -4.59489  -1.75113  -0.72031  1.000 23.14114 ? 434 PHE A CZ  1 
ATOM   732  N N   . ILE A 1 112 ? -2.67991  -7.89569  -4.39043  1.000 11.41991 ? 435 ILE A N   1 
ATOM   733  C CA  . ILE A 1 112 ? -2.58510  -8.70109  -5.60814  1.000 12.16755 ? 435 ILE A CA  1 
ATOM   734  C C   . ILE A 1 112 ? -3.63730  -9.80454  -5.60630  1.000 13.86169 ? 435 ILE A C   1 
ATOM   735  O O   . ILE A 1 112 ? -4.34571  -10.00606 -6.60442  1.000 16.70873 ? 435 ILE A O   1 
ATOM   736  C CB  . ILE A 1 112 ? -1.16591  -9.26832  -5.75431  1.000 14.69371 ? 435 ILE A CB  1 
ATOM   737  C CG1 . ILE A 1 112 ? -0.18578  -8.13606  -6.07364  1.000 17.86137 ? 435 ILE A CG1 1 
ATOM   738  C CG2 . ILE A 1 112 ? -1.13633  -10.38907 -6.80467  1.000 17.95607 ? 435 ILE A CG2 1 
ATOM   739  C CD1 . ILE A 1 112 ? -0.35875  -7.53520  -7.43706  1.000 24.23920 ? 435 ILE A CD1 1 
ATOM   740  N N   . ASN A 1 113 ? -3.76674  -10.52727 -4.48817  1.000 13.26948 ? 436 ASN A N   1 
ATOM   741  C CA  . ASN A 1 113 ? -4.71472  -11.64266 -4.43998  1.000 15.13848 ? 436 ASN A CA  1 
ATOM   742  C C   . ASN A 1 113 ? -6.15438  -11.18631 -4.60453  1.000 16.17271 ? 436 ASN A C   1 
ATOM   743  O O   . ASN A 1 113 ? -6.98074  -11.94613 -5.12712  1.000 22.24743 ? 436 ASN A O   1 
ATOM   744  C CB  . ASN A 1 113 ? -4.57758  -12.41808 -3.12860  1.000 15.64520 ? 436 ASN A CB  1 
ATOM   745  C CG  . ASN A 1 113 ? -3.29390  -13.21484 -3.05034  1.000 16.14434 ? 436 ASN A CG  1 
ATOM   746  O OD1 . ASN A 1 113 ? -2.66788  -13.51953 -4.07068  1.000 20.55840 ? 436 ASN A OD1 1 
ATOM   747  N ND2 . ASN A 1 113 ? -2.89939  -13.56692 -1.83197  1.000 22.13261 ? 436 ASN A ND2 1 
ATOM   748  N N   . ASN A 1 114 ? -6.48362  -9.97543  -4.15634  1.000 13.81511 ? 437 ASN A N   1 
ATOM   749  C CA  . ASN A 1 114 ? -7.83615  -9.44058  -4.29679  1.000 14.12742 ? 437 ASN A CA  1 
ATOM   750  C C   . ASN A 1 114 ? -8.01985  -8.61121  -5.56052  1.000 14.88036 ? 437 ASN A C   1 
ATOM   751  O O   . ASN A 1 114 ? -9.07151  -7.97929  -5.71926  1.000 18.22387 ? 437 ASN A O   1 
ATOM   752  C CB  . ASN A 1 114 ? -8.19767  -8.57774  -3.08214  1.000 14.67816 ? 437 ASN A CB  1 
ATOM   753  C CG  . ASN A 1 114 ? -8.59507  -9.38427  -1.87528  1.000 22.63292 ? 437 ASN A CG  1 
ATOM   754  O OD1 . ASN A 1 114 ? -7.76212  -9.78184  -1.05936  1.000 24.24275 ? 437 ASN A OD1 1 
ATOM   755  N ND2 . ASN A 1 114 ? -9.89123  -9.57991  -1.72040  1.000 22.91088 ? 437 ASN A ND2 1 
ATOM   756  N N   . GLY A 1 115 ? -7.02100  -8.57012  -6.44365  1.000 14.41577 ? 438 GLY A N   1 
ATOM   757  C CA  . GLY A 1 115 ? -7.17455  -7.89766  -7.72425  1.000 15.20944 ? 438 GLY A CA  1 
ATOM   758  C C   . GLY A 1 115 ? -7.27653  -6.39549  -7.63525  1.000 17.42979 ? 438 GLY A C   1 
ATOM   759  O O   . GLY A 1 115 ? -7.86088  -5.76637  -8.52161  1.000 18.95468 ? 438 GLY A O   1 
ATOM   760  N N   . LEU A 1 116 ? -6.71463  -5.79396  -6.59321  1.000 14.87255 ? 439 LEU A N   1 
ATOM   761  C CA  . LEU A 1 116 ? -6.93019  -4.37626  -6.36370  1.000 12.31705 ? 439 LEU A CA  1 
ATOM   762  C C   . LEU A 1 116 ? -5.97428  -3.51039  -7.15651  1.000 13.28203 ? 439 LEU A C   1 
ATOM   763  O O   . LEU A 1 116 ? -6.24787  -2.31921  -7.33526  1.000 15.45445 ? 439 LEU A O   1 
ATOM   764  C CB  . LEU A 1 116 ? -6.78008  -4.04288  -4.88083  1.000 13.41976 ? 439 LEU A CB  1 
ATOM   765  C CG  . LEU A 1 116 ? -7.74891  -4.73850  -3.93142  1.000 14.23002 ? 439 LEU A CG  1 
ATOM   766  C CD1 . LEU A 1 116 ? -7.58560  -4.17248  -2.53633  1.000 18.63768 ? 439 LEU A CD1 1 
ATOM   767  C CD2 . LEU A 1 116 ? -9.17401  -4.57976  -4.43976  1.000 17.81576 ? 439 LEU A CD2 1 
ATOM   768  N N   . VAL A 1 117 ? -4.84295  -4.06969  -7.58447  1.000 13.80701 ? 440 VAL A N   1 
ATOM   769  C CA  . VAL A 1 117 ? -3.85283  -3.35557  -8.37577  1.000 13.91522 ? 440 VAL A CA  1 
ATOM   770  C C   . VAL A 1 117 ? -3.42740  -4.24917  -9.52369  1.000 14.87632 ? 440 VAL A C   1 
ATOM   771  O O   . VAL A 1 117 ? -3.45109  -5.48094  -9.42128  1.000 17.30442 ? 440 VAL A O   1 
ATOM   772  C CB  . VAL A 1 117 ? -2.60524  -2.93566  -7.56490  1.000 11.17583 ? 440 VAL A CB  1 
ATOM   773  C CG1 . VAL A 1 117 ? -2.97778  -1.94737  -6.48082  1.000 18.13610 ? 440 VAL A CG1 1 
ATOM   774  C CG2 . VAL A 1 117 ? -1.90936  -4.15894  -6.96764  1.000 18.04219 ? 440 VAL A CG2 1 
ATOM   775  N N   . ASP A 1 118 ? -3.02314  -3.60452  -10.61489 1.000 14.23224 ? 441 ASP A N   1 
ATOM   776  C CA  . ASP A 1 118 ? -2.36144  -4.25017  -11.74142 1.000 15.55989 ? 441 ASP A CA  1 
ATOM   777  C C   . ASP A 1 118 ? -0.91541  -4.52235  -11.34673 1.000 14.74601 ? 441 ASP A C   1 
ATOM   778  O O   . ASP A 1 118 ? -0.17609  -3.58936  -11.00738 1.000 14.48555 ? 441 ASP A O   1 
ATOM   779  C CB  . ASP A 1 118 ? -2.45072  -3.32413  -12.95821 1.000 16.73563 ? 441 ASP A CB  1 
ATOM   780  C CG  . ASP A 1 118 ? -1.66352  -3.81124  -14.17963 1.000 21.14082 ? 441 ASP A CG  1 
ATOM   781  O OD1 . ASP A 1 118 ? -1.14083  -4.94410  -14.20267 1.000 24.09565 ? 441 ASP A OD1 1 
ATOM   782  O OD2 . ASP A 1 118 ? -1.58834  -3.01674  -15.14681 1.000 27.56769 ? 441 ASP A OD2 1 
ATOM   783  N N   . VAL A 1 119 ? -0.51982  -5.79825  -11.38743 1.000 15.66082 ? 442 VAL A N   1 
ATOM   784  C CA  . VAL A 1 119 ? 0.82782   -6.17537  -10.97715 1.000 14.41398 ? 442 VAL A CA  1 
ATOM   785  C C   . VAL A 1 119 ? 1.87363   -5.41522  -11.78315 1.000 14.77197 ? 442 VAL A C   1 
ATOM   786  O O   . VAL A 1 119 ? 2.96568   -5.13482  -11.28636 1.000 14.19685 ? 442 VAL A O   1 
ATOM   787  C CB  . VAL A 1 119 ? 1.00760   -7.70110  -11.10349 1.000 19.35172 ? 442 VAL A CB  1 
ATOM   788  C CG1 . VAL A 1 119 ? 0.97457   -8.13530  -12.56462 1.000 22.50318 ? 442 VAL A CG1 1 
ATOM   789  C CG2 . VAL A 1 119 ? 2.29406   -8.14645  -10.42470 1.000 22.25446 ? 442 VAL A CG2 1 
ATOM   790  N N   . ASN A 1 120 ? 1.54654   -5.04251  -13.02295 1.000 17.23303 ? 443 ASN A N   1 
ATOM   791  C CA  . ASN A 1 120 ? 2.48231   -4.36549  -13.90796 1.000 15.24583 ? 443 ASN A CA  1 
ATOM   792  C C   . ASN A 1 120 ? 2.13813   -2.90162  -14.14030 1.000 13.25713 ? 443 ASN A C   1 
ATOM   793  O O   . ASN A 1 120 ? 2.57503   -2.31725  -15.14235 1.000 15.18333 ? 443 ASN A O   1 
ATOM   794  C CB  . ASN A 1 120 ? 2.56155   -5.13481  -15.21943 1.000 15.74761 ? 443 ASN A CB  1 
ATOM   795  C CG  . ASN A 1 120 ? 3.14715   -6.49790  -15.01227 1.000 16.83307 ? 443 ASN A CG  1 
ATOM   796  O OD1 . ASN A 1 120 ? 4.05117   -6.66006  -14.18697 1.000 17.65245 ? 443 ASN A OD1 1 
ATOM   797  N ND2 . ASN A 1 120 ? 2.62224   -7.49200  -15.71762 1.000 21.38417 ? 443 ASN A ND2 1 
ATOM   798  N N   . LYS A 1 121 ? 1.41685   -2.27182  -13.21610 1.000 13.35724 ? 444 LYS A N   1 
ATOM   799  C CA  . LYS A 1 121 ? 1.23792   -0.83381  -13.30441 1.000 14.83869 ? 444 LYS A CA  1 
ATOM   800  C C   . LYS A 1 121 ? 2.58329   -0.12554  -13.33257 1.000 16.99879 ? 444 LYS A C   1 
ATOM   801  O O   . LYS A 1 121 ? 3.48557   -0.42594  -12.54382 1.000 16.23210 ? 444 LYS A O   1 
ATOM   802  C CB  . LYS A 1 121 ? 0.41483   -0.30376  -12.13772 1.000 17.40320 ? 444 LYS A CB  1 
ATOM   803  C CG  . LYS A 1 121 ? -0.04543  1.09351   -12.47301 1.000 24.03831 ? 444 LYS A CG  1 
ATOM   804  C CD  . LYS A 1 121 ? -0.49331  1.85960   -11.30262 1.000 44.32023 ? 444 LYS A CD  1 
ATOM   805  C CE  . LYS A 1 121 ? 0.16762   3.21002   -11.27290 1.000 27.23326 ? 444 LYS A CE  1 
ATOM   806  N NZ  . LYS A 1 121 ? -0.41877  3.91334   -10.12437 1.000 24.09253 ? 444 LYS A NZ  1 
ATOM   807  N N   . LYS A 1 122 ? 2.72276   0.80736   -14.26189 1.000 16.27391 ? 445 LYS A N   1 
ATOM   808  C CA  . LYS A 1 122 ? 3.92313   1.61325   -14.37614 1.000 16.10853 ? 445 LYS A CA  1 
ATOM   809  C C   . LYS A 1 122 ? 3.81415   2.83097   -13.47002 1.000 14.67710 ? 445 LYS A C   1 
ATOM   810  O O   . LYS A 1 122 ? 2.84038   3.58651   -13.55477 1.000 17.67244 ? 445 LYS A O   1 
ATOM   811  C CB  . LYS A 1 122 ? 4.11220   2.04387   -15.82988 1.000 17.17094 ? 445 LYS A CB  1 
ATOM   812  C CG  . LYS A 1 122 ? 4.31140   0.89136   -16.76290 1.000 21.89233 ? 445 LYS A CG  1 
ATOM   813  C CD  . LYS A 1 122 ? 4.39737   1.38695   -18.20063 1.000 31.07380 ? 445 LYS A CD  1 
ATOM   814  C CE  . LYS A 1 122 ? 4.53318   0.23550   -19.18792 1.000 33.84213 ? 445 LYS A CE  1 
ATOM   815  N NZ  . LYS A 1 122 ? 3.23902   -0.47719  -19.39599 1.000 35.82404 ? 445 LYS A NZ  1 
ATOM   816  N N   . PHE A 1 123 ? 4.80750   3.02104   -12.60475 1.000 14.67994 ? 446 PHE A N   1 
ATOM   817  C CA  . PHE A 1 123 ? 4.75111   4.12919   -11.65458 1.000 15.47843 ? 446 PHE A CA  1 
ATOM   818  C C   . PHE A 1 123 ? 4.71841   5.47303   -12.37830 1.000 17.17771 ? 446 PHE A C   1 
ATOM   819  O O   . PHE A 1 123 ? 5.39076   5.66684   -13.39620 1.000 17.95927 ? 446 PHE A O   1 
ATOM   820  C CB  . PHE A 1 123 ? 5.95296   4.09836   -10.71898 1.000 14.97235 ? 446 PHE A CB  1 
ATOM   821  C CG  . PHE A 1 123 ? 6.10221   2.82973   -9.93728  1.000 14.83741 ? 446 PHE A CG  1 
ATOM   822  C CD1 . PHE A 1 123 ? 5.01909   2.00842   -9.64775  1.000 14.82474 ? 446 PHE A CD1 1 
ATOM   823  C CD2 . PHE A 1 123 ? 7.35658   2.47582   -9.47167  1.000 14.41113 ? 446 PHE A CD2 1 
ATOM   824  C CE1 . PHE A 1 123 ? 5.20577   0.85124   -8.92320  1.000 12.67101 ? 446 PHE A CE1 1 
ATOM   825  C CE2 . PHE A 1 123 ? 7.55210   1.31855   -8.74648  1.000 13.80927 ? 446 PHE A CE2 1 
ATOM   826  C CZ  . PHE A 1 123 ? 6.47438   0.50859   -8.45557  1.000 13.95679 ? 446 PHE A CZ  1 
ATOM   827  N N   . GLN A 1 124 ? 3.93597   6.41558   -11.83474 1.000 18.04987 ? 447 GLN A N   1 
ATOM   828  C CA  . GLN A 1 124 ? 3.80919   7.75730   -12.39884 1.000 19.61139 ? 447 GLN A CA  1 
ATOM   829  C C   . GLN A 1 124 ? 4.35052   8.86436   -11.50547 1.000 19.61212 ? 447 GLN A C   1 
ATOM   830  O O   . GLN A 1 124 ? 4.70955   9.93071   -12.02166 1.000 27.33259 ? 447 GLN A O   1 
ATOM   831  C CB  . GLN A 1 124 ? 2.33567   8.06949   -12.70601 1.000 23.09716 ? 447 GLN A CB  1 
ATOM   832  C CG  . GLN A 1 124 ? 1.67716   7.08681   -13.63804 1.000 22.05926 ? 447 GLN A CG  1 
ATOM   833  C CD  . GLN A 1 124 ? 2.22283   7.17217   -15.04396 1.000 43.39413 ? 447 GLN A CD  1 
ATOM   834  O OE1 . GLN A 1 124 ? 2.26633   6.17414   -15.76370 1.000 67.40173 ? 447 GLN A OE1 1 
ATOM   835  N NE2 . GLN A 1 124 ? 2.63868   8.36915   -15.45023 1.000 51.10589 ? 447 GLN A NE2 1 
ATOM   836  N N   . LYS A 1 125 ? 4.43028   8.64626   -10.19335 1.000 17.19850 ? 448 LYS A N   1 
ATOM   837  C CA  . LYS A 1 125 ? 4.78999   9.70381   -9.25682  1.000 18.74928 ? 448 LYS A CA  1 
ATOM   838  C C   . LYS A 1 125 ? 6.23852   9.64938   -8.82200  1.000 20.67323 ? 448 LYS A C   1 
ATOM   839  O O   . LYS A 1 125 ? 6.77784   10.66332  -8.35956  1.000 23.07377 ? 448 LYS A O   1 
ATOM   840  C CB  . LYS A 1 125 ? 3.90579   9.62539   -8.00893  1.000 20.15421 ? 448 LYS A CB  1 
ATOM   841  C CG  . LYS A 1 125 ? 2.43441   9.83056   -8.29359  1.000 20.71641 ? 448 LYS A CG  1 
ATOM   842  C CD  . LYS A 1 125 ? 1.61331   9.65456   -7.02404  1.000 19.25571 ? 448 LYS A CD  1 
ATOM   843  C CE  . LYS A 1 125 ? 0.18751   10.07053  -7.26830  1.000 19.94332 ? 448 LYS A CE  1 
ATOM   844  N NZ  . LYS A 1 125 ? -0.63030  9.85335   -6.06034  1.000 24.62431 ? 448 LYS A NZ  1 
ATOM   845  N N   . VAL A 1 126 ? 6.86043   8.49085   -8.95144  1.000 17.74770 ? 449 VAL A N   1 
ATOM   846  C CA  . VAL A 1 126 ? 8.20830   8.24008   -8.46869  1.000 18.57349 ? 449 VAL A CA  1 
ATOM   847  C C   . VAL A 1 126 ? 8.77748   7.15041   -9.35700  1.000 20.84783 ? 449 VAL A C   1 
ATOM   848  O O   . VAL A 1 126 ? 8.04286   6.25929   -9.80261  1.000 20.75399 ? 449 VAL A O   1 
ATOM   849  C CB  . VAL A 1 126 ? 8.20231   7.84610   -6.97304  1.000 21.36906 ? 449 VAL A CB  1 
ATOM   850  C CG1 . VAL A 1 126 ? 7.39135   6.56742   -6.74174  1.000 20.31602 ? 449 VAL A CG1 1 
ATOM   851  C CG2 . VAL A 1 126 ? 9.61929   7.69292   -6.43158  1.000 20.50869 ? 449 VAL A CG2 1 
ATOM   852  N N   . ASN A 1 127 ? 10.06877  7.25556   -9.66881  1.000 17.69288 ? 450 ASN A N   1 
ATOM   853  C CA  . ASN A 1 127 ? 10.75176  6.26542   -10.50545 1.000 20.02826 ? 450 ASN A CA  1 
ATOM   854  C C   . ASN A 1 127 ? 9.89293   5.89856   -11.70695 1.000 22.63054 ? 450 ASN A C   1 
ATOM   855  O O   . ASN A 1 127 ? 9.60981   4.72756   -11.97647 1.000 19.41356 ? 450 ASN A O   1 
ATOM   856  C CB  . ASN A 1 127 ? 11.12069  5.02592   -9.69203  1.000 22.28602 ? 450 ASN A CB  1 
ATOM   857  C CG  . ASN A 1 127 ? 12.18427  5.30856   -8.65954  1.000 23.87808 ? 450 ASN A CG  1 
ATOM   858  O OD1 . ASN A 1 127 ? 12.87148  6.33490   -8.72258  1.000 26.60247 ? 450 ASN A OD1 1 
ATOM   859  N ND2 . ASN A 1 127 ? 12.33378  4.40490   -7.70126  1.000 23.18665 ? 450 ASN A ND2 1 
ATOM   860  N N   . SER A 1 128 ? 9.45824   6.93635   -12.42432 1.000 20.24169 ? 451 SER A N   1 
ATOM   861  C CA  . SER A 1 128 ? 8.42580   6.78215   -13.43499 1.000 19.78169 ? 451 SER A CA  1 
ATOM   862  C C   . SER A 1 128 ? 8.80165   5.71327   -14.45015 1.000 22.98396 ? 451 SER A C   1 
ATOM   863  O O   . SER A 1 128 ? 9.92029   5.68850   -14.97830 1.000 23.61159 ? 451 SER A O   1 
ATOM   864  C CB  . SER A 1 128 ? 8.17708   8.12027   -14.13042 1.000 30.30552 ? 451 SER A CB  1 
ATOM   865  O OG  . SER A 1 128 ? 7.64697   9.05638   -13.20539 1.000 46.22986 ? 451 SER A OG  1 
ATOM   866  N N   . GLY A 1 129 ? 7.86614   4.81062   -14.69375 1.000 18.43430 ? 452 GLY A N   1 
ATOM   867  C CA  . GLY A 1 129 ? 8.05252   3.72995   -15.62293 1.000 17.96301 ? 452 GLY A CA  1 
ATOM   868  C C   . GLY A 1 129 ? 8.40139   2.40661   -14.97848 1.000 14.78074 ? 452 GLY A C   1 
ATOM   869  O O   . GLY A 1 129 ? 8.19795   1.36254   -15.61000 1.000 17.58372 ? 452 GLY A O   1 
ATOM   870  N N   . ASP A 1 130 ? 8.92584   2.43065   -13.75151 1.000 15.98934 ? 453 ASP A N   1 
ATOM   871  C CA  . ASP A 1 130 ? 9.22077   1.21819   -13.00166 1.000 15.65139 ? 453 ASP A CA  1 
ATOM   872  C C   . ASP A 1 130 ? 7.92537   0.50642   -12.60977 1.000 17.67825 ? 453 ASP A C   1 
ATOM   873  O O   . ASP A 1 130 ? 6.83905   1.08867   -12.60950 1.000 14.11173 ? 453 ASP A O   1 
ATOM   874  C CB  . ASP A 1 130 ? 10.00552  1.52805   -11.72268 1.000 15.49435 ? 453 ASP A CB  1 
ATOM   875  C CG  . ASP A 1 130 ? 11.49478  1.66290   -11.94436 1.000 20.39733 ? 453 ASP A CG  1 
ATOM   876  O OD1 . ASP A 1 130 ? 11.94388  1.60967   -13.10193 1.000 23.92727 ? 453 ASP A OD1 1 
ATOM   877  O OD2 . ASP A 1 130 ? 12.21726  1.81611   -10.93214 1.000 23.31329 ? 453 ASP A OD2 1 
ATOM   878  N N   . THR A 1 131 ? 8.05925   -0.76274  -12.24183 1.000 14.69418 ? 454 THR A N   1 
ATOM   879  C CA  . THR A 1 131 ? 6.96322   -1.58846  -11.74409 1.000 12.72463 ? 454 THR A CA  1 
ATOM   880  C C   . THR A 1 131 ? 7.32593   -2.14964  -10.37654 1.000 12.67924 ? 454 THR A C   1 
ATOM   881  O O   . THR A 1 131 ? 8.45581   -2.01856  -9.90659  1.000 12.80243 ? 454 THR A O   1 
ATOM   882  C CB  . THR A 1 131 ? 6.67836   -2.75290  -12.68682 1.000 12.94587 ? 454 THR A CB  1 
ATOM   883  O OG1 . THR A 1 131 ? 7.84849   -3.58262  -12.72596 1.000 13.87034 ? 454 THR A OG1 1 
ATOM   884  C CG2 . THR A 1 131 ? 6.32951   -2.26608  -14.10070 1.000 15.77196 ? 454 THR A CG2 1 
ATOM   885  N N   . MET A 1 132 ? 6.35003   -2.80891  -9.73920  1.000 11.39761 ? 455 MET A N   1 
ATOM   886  C CA  . MET A 1 132 ? 6.61358   -3.45006  -8.45195  1.000 10.98259 ? 455 MET A CA  1 
ATOM   887  C C   . MET A 1 132 ? 7.75282   -4.45739  -8.54479  1.000 11.21510 ? 455 MET A C   1 
ATOM   888  O O   . MET A 1 132 ? 8.54242   -4.57694  -7.60402  1.000 12.10277 ? 455 MET A O   1 
ATOM   889  C CB  . MET A 1 132 ? 5.33980   -4.11182  -7.91907  1.000 13.63780 ? 455 MET A CB  1 
ATOM   890  C CG  . MET A 1 132 ? 4.25707   -3.07921  -7.58890  1.000 13.55821 ? 455 MET A CG  1 
ATOM   891  S SD  . MET A 1 132 ? 2.87613   -3.77898  -6.66675  1.000 17.69453 ? 455 MET A SD  1 
ATOM   892  C CE  . MET A 1 132 ? 1.95659   -4.50854  -8.00114  1.000 17.95190 ? 455 MET A CE  1 
ATOM   893  N N   . LEU A 1 133 ? 7.88619   -5.15393  -9.67638  1.000 11.41501 ? 456 LEU A N   1 
ATOM   894  C CA  . LEU A 1 133 ? 8.98592   -6.11177  -9.79144  1.000 12.67929 ? 456 LEU A CA  1 
ATOM   895  C C   . LEU A 1 133 ? 10.34047  -5.41280  -9.79235  1.000 12.82917 ? 456 LEU A C   1 
ATOM   896  O O   . LEU A 1 133 ? 11.31472  -5.97014  -9.27314  1.000 14.51327 ? 456 LEU A O   1 
ATOM   897  C CB  . LEU A 1 133 ? 8.81739   -6.97584  -11.04522 1.000 15.03777 ? 456 LEU A CB  1 
ATOM   898  C CG  . LEU A 1 133 ? 9.82354   -8.13373  -11.14925 1.000 14.09926 ? 456 LEU A CG  1 
ATOM   899  C CD1 . LEU A 1 133 ? 9.57808   -9.14785  -10.03012 1.000 15.80462 ? 456 LEU A CD1 1 
ATOM   900  C CD2 . LEU A 1 133 ? 9.70677   -8.78857  -12.50236 1.000 15.30143 ? 456 LEU A CD2 1 
ATOM   901  N N   . ASP A 1 134 ? 10.42472  -4.19738  -10.33459 1.000 12.27553 ? 457 ASP A N   1 
ATOM   902  C CA  . ASP A 1 134 ? 11.65775  -3.41154  -10.22212 1.000 14.07901 ? 457 ASP A CA  1 
ATOM   903  C C   . ASP A 1 134 ? 12.04069  -3.19489  -8.76763  1.000 15.66703 ? 457 ASP A C   1 
ATOM   904  O O   . ASP A 1 134 ? 13.20861  -3.33533  -8.39347  1.000 17.33730 ? 457 ASP A O   1 
ATOM   905  C CB  . ASP A 1 134 ? 11.49837  -2.05981  -10.91801 1.000 13.97865 ? 457 ASP A CB  1 
ATOM   906  C CG  . ASP A 1 134 ? 11.64458  -2.15727  -12.40595 1.000 22.97473 ? 457 ASP A CG  1 
ATOM   907  O OD1 . ASP A 1 134 ? 12.74308  -2.52622  -12.87784 1.000 23.11118 ? 457 ASP A OD1 1 
ATOM   908  O OD2 . ASP A 1 134 ? 10.66112  -1.88274  -13.11417 1.000 18.68999 ? 457 ASP A OD2 1 
ATOM   909  N N   . ASN A 1 135 ? 11.07260  -2.82172  -7.92929  1.000 12.97462 ? 458 ASN A N   1 
ATOM   910  C CA  . ASN A 1 135 ? 11.36465  -2.63289  -6.51452  1.000 13.07931 ? 458 ASN A CA  1 
ATOM   911  C C   . ASN A 1 135 ? 11.81591  -3.93386  -5.86891  1.000 14.41095 ? 458 ASN A C   1 
ATOM   912  O O   . ASN A 1 135 ? 12.78438  -3.95108  -5.09934  1.000 17.76374 ? 458 ASN A O   1 
ATOM   913  C CB  . ASN A 1 135 ? 10.13463  -2.09140  -5.78672  1.000 13.69052 ? 458 ASN A CB  1 
ATOM   914  C CG  . ASN A 1 135 ? 9.98954   -0.59095  -5.91268  1.000 14.31825 ? 458 ASN A CG  1 
ATOM   915  O OD1 . ASN A 1 135 ? 10.88748  0.11618   -6.39129  1.000 17.27225 ? 458 ASN A OD1 1 
ATOM   916  N ND2 . ASN A 1 135 ? 8.83735   -0.08683  -5.47139  1.000 14.41046 ? 458 ASN A ND2 1 
ATOM   917  N N   . ALA A 1 136 ? 11.11398  -5.02958  -6.16136  1.000 10.93979 ? 459 ALA A N   1 
ATOM   918  C CA  . ALA A 1 136 ? 11.44114  -6.30390  -5.53347  1.000 12.48935 ? 459 ALA A CA  1 
ATOM   919  C C   . ALA A 1 136 ? 12.81965  -6.78292  -5.95981  1.000 13.38001 ? 459 ALA A C   1 
ATOM   920  O O   . ALA A 1 136 ? 13.57234  -7.30646  -5.13468  1.000 14.17628 ? 459 ALA A O   1 
ATOM   921  C CB  . ALA A 1 136 ? 10.36839  -7.33622  -5.86891  1.000 13.37482 ? 459 ALA A CB  1 
ATOM   922  N N   . MET A 1 137 ? 13.16504  -6.61286  -7.24082  1.000 13.54754 ? 460 MET A N   1 
ATOM   923  C CA  . MET A 1 137 ? 14.49128  -7.01905  -7.70685  1.000 15.75747 ? 460 MET A CA  1 
ATOM   924  C C   . MET A 1 137 ? 15.58272  -6.19287  -7.04239  1.000 19.32405 ? 460 MET A C   1 
ATOM   925  O O   . MET A 1 137 ? 16.60098  -6.74374  -6.59702  1.000 17.54950 ? 460 MET A O   1 
ATOM   926  C CB  . MET A 1 137 ? 14.58934  -6.89018  -9.22798  1.000 14.95132 ? 460 MET A CB  1 
ATOM   927  C CG  . MET A 1 137 ? 13.79691  -7.91650  -10.01031 1.000 19.73052 ? 460 MET A CG  1 
ATOM   928  S SD  . MET A 1 137 ? 14.38016  -9.61007  -9.76446  1.000 19.84348 ? 460 MET A SD  1 
ATOM   929  C CE  . MET A 1 137 ? 13.48510  -10.43548 -11.07599 1.000 17.66443 ? 460 MET A CE  1 
ATOM   930  N N   . LYS A 1 138 ? 15.38182  -4.87253  -6.95827  1.000 16.26123 ? 461 LYS A N   1 
ATOM   931  C CA  . LYS A 1 138 ? 16.39455  -3.98408  -6.38714  1.000 13.55386 ? 461 LYS A CA  1 
ATOM   932  C C   . LYS A 1 138 ? 16.66082  -4.33017  -4.93998  1.000 18.18984 ? 461 LYS A C   1 
ATOM   933  O O   . LYS A 1 138 ? 17.81109  -4.31448  -4.49189  1.000 21.32963 ? 461 LYS A O   1 
ATOM   934  C CB  . LYS A 1 138 ? 15.95735  -2.52014  -6.48328  1.000 25.09864 ? 461 LYS A CB  1 
ATOM   935  C CG  . LYS A 1 138 ? 15.88435  -1.94855  -7.87254  1.000 34.05302 ? 461 LYS A CG  1 
ATOM   936  C CD  . LYS A 1 138 ? 17.08250  -2.32617  -8.69463  1.000 41.26592 ? 461 LYS A CD  1 
ATOM   937  C CE  . LYS A 1 138 ? 16.66851  -3.22497  -9.84017  1.000 44.97629 ? 461 LYS A CE  1 
ATOM   938  N NZ  . LYS A 1 138 ? 17.87089  -3.77498  -10.47616 1.000 26.34008 ? 461 LYS A NZ  1 
ATOM   939  N N   . SER A 1 139 ? 15.60770  -4.63962  -4.18786  1.000 19.36322 ? 462 SER A N   1 
ATOM   940  C CA  . SER A 1 139 ? 15.76495  -4.98622  -2.78847  1.000 15.73005 ? 462 SER A CA  1 
ATOM   941  C C   . SER A 1 139 ? 16.22912  -6.42138  -2.57943  1.000 14.38125 ? 462 SER A C   1 
ATOM   942  O O   . SER A 1 139 ? 16.51733  -6.78905  -1.43819  1.000 18.16959 ? 462 SER A O   1 
ATOM   943  C CB  . SER A 1 139 ? 14.44761  -4.76166  -2.04107  1.000 22.67594 ? 462 SER A CB  1 
ATOM   944  O OG  . SER A 1 139 ? 13.47872  -5.70697  -2.44288  1.000 28.87289 ? 462 SER A OG  1 
ATOM   945  N N   . LYS A 1 140 ? 16.28525  -7.23777  -3.63955  1.000 15.57940 ? 463 LYS A N   1 
ATOM   946  C CA  . LYS A 1 140 ? 16.69787  -8.63988  -3.53889  1.000 16.77791 ? 463 LYS A CA  1 
ATOM   947  C C   . LYS A 1 140 ? 15.84215  -9.38672  -2.51961  1.000 17.91736 ? 463 LYS A C   1 
ATOM   948  O O   . LYS A 1 140 ? 16.31699  -10.21969 -1.74619  1.000 18.62898 ? 463 LYS A O   1 
ATOM   949  C CB  . LYS A 1 140 ? 18.18771  -8.74444  -3.20461  1.000 15.28726 ? 463 LYS A CB  1 
ATOM   950  C CG  . LYS A 1 140 ? 19.07367  -8.09453  -4.24771  1.000 14.82054 ? 463 LYS A CG  1 
ATOM   951  C CD  . LYS A 1 140 ? 20.54606  -8.34579  -3.94768  1.000 13.69692 ? 463 LYS A CD  1 
ATOM   952  C CE  . LYS A 1 140 ? 21.39866  -7.87790  -5.12085  1.000 15.19440 ? 463 LYS A CE  1 
ATOM   953  N NZ  . LYS A 1 140 ? 22.84839  -8.08416  -4.77412  1.000 15.86342 ? 463 LYS A NZ  1 
ATOM   954  N N   . ASP A 1 141 ? 14.55401  -9.07491  -2.51599  1.000 16.59408 ? 464 ASP A N   1 
ATOM   955  C CA  . ASP A 1 141 ? 13.60097  -9.69524  -1.60510  1.000 17.41907 ? 464 ASP A CA  1 
ATOM   956  C C   . ASP A 1 141 ? 13.08060  -10.95486 -2.28513  1.000 18.04573 ? 464 ASP A C   1 
ATOM   957  O O   . ASP A 1 141 ? 12.18489  -10.88759 -3.12183  1.000 15.09352 ? 464 ASP A O   1 
ATOM   958  C CB  . ASP A 1 141 ? 12.48408  -8.70646  -1.29717  1.000 17.37464 ? 464 ASP A CB  1 
ATOM   959  C CG  . ASP A 1 141 ? 11.47578  -9.22741  -0.29226  1.000 18.86911 ? 464 ASP A CG  1 
ATOM   960  O OD1 . ASP A 1 141 ? 11.27614  -10.45373 -0.16164  1.000 20.31920 ? 464 ASP A OD1 1 
ATOM   961  O OD2 . ASP A 1 141 ? 10.85137  -8.36615  0.36016   1.000 22.66030 ? 464 ASP A OD2 1 
ATOM   962  N N   . SER A 1 142 ? 13.64501  -12.11100 -1.92932  1.000 16.59289 ? 465 SER A N   1 
ATOM   963  C CA  . SER A 1 142 ? 13.37366  -13.33054 -2.68100  1.000 17.24197 ? 465 SER A CA  1 
ATOM   964  C C   . SER A 1 142 ? 11.89813  -13.70988 -2.63982  1.000 16.14865 ? 465 SER A C   1 
ATOM   965  O O   . SER A 1 142 ? 11.32013  -14.10602 -3.65895  1.000 15.83451 ? 465 SER A O   1 
ATOM   966  C CB  . SER A 1 142 ? 14.23762  -14.46647 -2.13272  1.000 19.97583 ? 465 SER A CB  1 
ATOM   967  O OG  . SER A 1 142 ? 13.81509  -15.71759 -2.63940  1.000 41.53954 ? 465 SER A OG  1 
ATOM   968  N N   . LYS A 1 143 ? 11.27195  -13.60818 -1.47019  1.000 17.04274 ? 466 LYS A N   1 
ATOM   969  C CA  . LYS A 1 143 ? 9.86989   -13.99537 -1.36056  1.000 14.99933 ? 466 LYS A CA  1 
ATOM   970  C C   . LYS A 1 143 ? 8.97756   -13.08011 -2.19053  1.000 14.57651 ? 466 LYS A C   1 
ATOM   971  O O   . LYS A 1 143 ? 8.03712   -13.54734 -2.84035  1.000 15.82467 ? 466 LYS A O   1 
ATOM   972  C CB  . LYS A 1 143 ? 9.44299   -13.98345 0.10721   1.000 18.40675 ? 466 LYS A CB  1 
ATOM   973  C CG  . LYS A 1 143 ? 8.04512   -14.52087 0.35745   1.000 25.45386 ? 466 LYS A CG  1 
ATOM   974  C CD  . LYS A 1 143 ? 7.77532   -14.61380 1.85520   1.000 33.18154 ? 466 LYS A CD  1 
ATOM   975  C CE  . LYS A 1 143 ? 6.59354   -15.51773 2.16128   1.000 43.16511 ? 466 LYS A CE  1 
ATOM   976  N NZ  . LYS A 1 143 ? 6.38964   -15.65719 3.62638   1.000 54.07082 ? 466 LYS A NZ  1 
ATOM   977  N N   . MET A 1 144 ? 9.24929   -11.76963 -2.16239  1.000 16.49910 ? 467 MET A N   1 
ATOM   978  C CA  . MET A 1 144 ? 8.45803   -10.83044 -2.95050  1.000 12.28041 ? 467 MET A CA  1 
ATOM   979  C C   . MET A 1 144 ? 8.69064   -11.03621 -4.44000  1.000 13.07963 ? 467 MET A C   1 
ATOM   980  O O   . MET A 1 144 ? 7.75073   -10.95348 -5.23604  1.000 13.81117 ? 467 MET A O   1 
ATOM   981  C CB  . MET A 1 144 ? 8.79682   -9.38784  -2.57175  1.000 13.65163 ? 467 MET A CB  1 
ATOM   982  C CG  . MET A 1 144 ? 7.87913   -8.37402  -3.25008  1.000 15.53217 ? 467 MET A CG  1 
ATOM   983  S SD  . MET A 1 144 ? 8.30995   -6.65012  -2.95282  1.000 17.29638 ? 467 MET A SD  1 
ATOM   984  C CE  . MET A 1 144 ? 8.05803   -6.56660  -1.18391  1.000 19.78662 ? 467 MET A CE  1 
ATOM   985  N N   . ILE A 1 145 ? 9.94731   -11.24469 -4.84044  1.000 13.54245 ? 468 ILE A N   1 
ATOM   986  C CA  . ILE A 1 145 ? 10.25722  -11.50052 -6.24564  1.000 13.51254 ? 468 ILE A CA  1 
ATOM   987  C C   . ILE A 1 145 ? 9.47449   -12.70422 -6.74507  1.000 13.66644 ? 468 ILE A C   1 
ATOM   988  O O   . ILE A 1 145 ? 8.80500   -12.64974 -7.78090  1.000 15.55172 ? 468 ILE A O   1 
ATOM   989  C CB  . ILE A 1 145 ? 11.76915  -11.71500 -6.43403  1.000 11.94452 ? 468 ILE A CB  1 
ATOM   990  C CG1 . ILE A 1 145 ? 12.53379  -10.40663 -6.24845  1.000 13.83616 ? 468 ILE A CG1 1 
ATOM   991  C CG2 . ILE A 1 145 ? 12.02853  -12.30208 -7.81367  1.000 17.03447 ? 468 ILE A CG2 1 
ATOM   992  C CD1 . ILE A 1 145 ? 14.02565  -10.61245 -6.03431  1.000 13.34129 ? 468 ILE A CD1 1 
ATOM   993  N N   . ASP A 1 146 ? 9.52609   -13.80289 -5.99486  1.000 14.95805 ? 469 ASP A N   1 
ATOM   994  C CA  . ASP A 1 146 ? 8.84296   -15.01603 -6.41894  1.000 16.33231 ? 469 ASP A CA  1 
ATOM   995  C C   . ASP A 1 146 ? 7.33653   -14.81630 -6.46204  1.000 15.88723 ? 469 ASP A C   1 
ATOM   996  O O   . ASP A 1 146 ? 6.67390   -15.26228 -7.40563  1.000 16.48862 ? 469 ASP A O   1 
ATOM   997  C CB  . ASP A 1 146 ? 9.21706   -16.17543 -5.50450  1.000 18.59550 ? 469 ASP A CB  1 
ATOM   998  C CG  . ASP A 1 146 ? 10.61495  -16.70193 -5.78080  1.000 29.49998 ? 469 ASP A CG  1 
ATOM   999  O OD1 . ASP A 1 146 ? 11.29364  -17.11199 -4.81710  1.000 45.66309 ? 469 ASP A OD1 1 
ATOM   1000 O OD2 . ASP A 1 146 ? 11.04839  -16.68386 -6.95596  1.000 36.40864 ? 469 ASP A OD2 1 
ATOM   1001 N N   . PHE A 1 147 ? 6.78050   -14.12839 -5.46304  1.000 13.65478 ? 470 PHE A N   1 
ATOM   1002 C CA  . PHE A 1 147 ? 5.33897   -13.89596 -5.44804  1.000 15.20429 ? 470 PHE A CA  1 
ATOM   1003 C C   . PHE A 1 147 ? 4.90425   -13.09344 -6.66576  1.000 14.66130 ? 470 PHE A C   1 
ATOM   1004 O O   . PHE A 1 147 ? 3.91428   -13.42147 -7.33056  1.000 15.97499 ? 470 PHE A O   1 
ATOM   1005 C CB  . PHE A 1 147 ? 4.93324   -13.16878 -4.16215  1.000 13.90955 ? 470 PHE A CB  1 
ATOM   1006 C CG  . PHE A 1 147 ? 3.46529   -12.83102 -4.09734  1.000 13.18838 ? 470 PHE A CG  1 
ATOM   1007 C CD1 . PHE A 1 147 ? 2.53802   -13.80210 -3.75327  1.000 15.10594 ? 470 PHE A CD1 1 
ATOM   1008 C CD2 . PHE A 1 147 ? 3.01668   -11.54619 -4.38130  1.000 14.00638 ? 470 PHE A CD2 1 
ATOM   1009 C CE1 . PHE A 1 147 ? 1.18847   -13.49956 -3.70002  1.000 17.21395 ? 470 PHE A CE1 1 
ATOM   1010 C CE2 . PHE A 1 147 ? 1.66327   -11.24730 -4.32704  1.000 18.91369 ? 470 PHE A CE2 1 
ATOM   1011 C CZ  . PHE A 1 147 ? 0.75624   -12.22674 -3.98245  1.000 16.76247 ? 470 PHE A CZ  1 
ATOM   1012 N N   . LEU A 1 148 ? 5.63570   -12.02134 -6.97315  1.000 11.00198 ? 471 LEU A N   1 
ATOM   1013 C CA  . LEU A 1 148 ? 5.28855   -11.18228 -8.10949  1.000 12.75112 ? 471 LEU A CA  1 
ATOM   1014 C C   . LEU A 1 148 ? 5.41797   -11.93821 -9.42911  1.000 14.09229 ? 471 LEU A C   1 
ATOM   1015 O O   . LEU A 1 148 ? 4.51675   -11.87454 -10.27304 1.000 15.00685 ? 471 LEU A O   1 
ATOM   1016 C CB  . LEU A 1 148 ? 6.15857   -9.92858  -8.09484  1.000 12.92952 ? 471 LEU A CB  1 
ATOM   1017 C CG  . LEU A 1 148 ? 5.80122   -8.92730  -6.99021  1.000 12.23833 ? 471 LEU A CG  1 
ATOM   1018 C CD1 . LEU A 1 148 ? 6.85091   -7.84268  -6.92665  1.000 12.05650 ? 471 LEU A CD1 1 
ATOM   1019 C CD2 . LEU A 1 148 ? 4.44967   -8.30132  -7.27907  1.000 14.93179 ? 471 LEU A CD2 1 
ATOM   1020 N N   . LEU A 1 149 ? 6.52057   -12.67553 -9.61163  1.000 15.09245 ? 472 LEU A N   1 
ATOM   1021 C CA  . LEU A 1 149 ? 6.71166   -13.44883 -10.84127 1.000 15.51230 ? 472 LEU A CA  1 
ATOM   1022 C C   . LEU A 1 149 ? 5.60624   -14.47661 -11.01870 1.000 17.16428 ? 472 LEU A C   1 
ATOM   1023 O O   . LEU A 1 149 ? 5.11024   -14.68444 -12.13405 1.000 20.84169 ? 472 LEU A O   1 
ATOM   1024 C CB  . LEU A 1 149 ? 8.07494   -14.14359 -10.82532 1.000 14.18395 ? 472 LEU A CB  1 
ATOM   1025 C CG  . LEU A 1 149 ? 9.30064   -13.26686 -11.02627 1.000 16.11962 ? 472 LEU A CG  1 
ATOM   1026 C CD1 . LEU A 1 149 ? 10.55802  -14.11707 -10.80865 1.000 16.68245 ? 472 LEU A CD1 1 
ATOM   1027 C CD2 . LEU A 1 149 ? 9.25986   -12.64397 -12.41666 1.000 17.57029 ? 472 LEU A CD2 1 
ATOM   1028 N N   . LYS A 1 150 ? 5.20787   -15.12855 -9.92410  1.000 17.55222 ? 473 LYS A N   1 
ATOM   1029 C CA  . LYS A 1 150 ? 4.11265   -16.09130 -9.95950  1.000 21.26736 ? 473 LYS A CA  1 
ATOM   1030 C C   . LYS A 1 150 ? 2.81101   -15.45600 -10.43931 1.000 22.44745 ? 473 LYS A C   1 
ATOM   1031 O O   . LYS A 1 150 ? 1.96253   -16.13476 -11.03375 1.000 27.29108 ? 473 LYS A O   1 
ATOM   1032 C CB  . LYS A 1 150 ? 3.95629   -16.69034 -8.56054  1.000 21.42023 ? 473 LYS A CB  1 
ATOM   1033 C CG  . LYS A 1 150 ? 3.01581   -17.84827 -8.43158  1.000 36.02411 ? 473 LYS A CG  1 
ATOM   1034 C CD  . LYS A 1 150 ? 2.87470   -18.21713 -6.96322  1.000 42.50726 ? 473 LYS A CD  1 
ATOM   1035 C CE  . LYS A 1 150 ? 2.30035   -17.05074 -6.16663  1.000 49.81730 ? 473 LYS A CE  1 
ATOM   1036 N NZ  . LYS A 1 150 ? 1.53391   -17.55449 -4.99899  1.000 62.08412 ? 473 LYS A NZ  1 
ATOM   1037 N N   . ASN A 1 151 ? 2.64211   -14.15467 -10.21028 1.000 16.98632 ? 474 ASN A N   1 
ATOM   1038 C CA  . ASN A 1 151 ? 1.44489   -13.42171 -10.59402 1.000 18.13952 ? 474 ASN A CA  1 
ATOM   1039 C C   . ASN A 1 151 ? 1.63706   -12.60484 -11.86805 1.000 18.39314 ? 474 ASN A C   1 
ATOM   1040 O O   . ASN A 1 151 ? 0.90134   -11.64212 -12.09035 1.000 21.35847 ? 474 ASN A O   1 
ATOM   1041 C CB  . ASN A 1 151 ? 0.99789   -12.53713 -9.42817  1.000 15.67027 ? 474 ASN A CB  1 
ATOM   1042 C CG  . ASN A 1 151 ? 0.26441   -13.33209 -8.37173  1.000 17.19711 ? 474 ASN A CG  1 
ATOM   1043 O OD1 . ASN A 1 151 ? -0.94113  -13.57079 -8.49810  1.000 20.59357 ? 474 ASN A OD1 1 
ATOM   1044 N ND2 . ASN A 1 151 ? 0.98472   -13.78108 -7.34538  1.000 17.91260 ? 474 ASN A ND2 1 
ATOM   1045 N N   . GLY A 1 152 ? 2.61196   -12.96637 -12.70383 1.000 16.51789 ? 475 GLY A N   1 
ATOM   1046 C CA  . GLY A 1 152 ? 2.74771   -12.36414 -14.02170 1.000 19.98456 ? 475 GLY A CA  1 
ATOM   1047 C C   . GLY A 1 152 ? 3.53012   -11.07205 -14.07951 1.000 17.98984 ? 475 GLY A C   1 
ATOM   1048 O O   . GLY A 1 152 ? 3.47639   -10.36138 -15.09426 1.000 19.83392 ? 475 GLY A O   1 
ATOM   1049 N N   . ALA A 1 153 ? 4.28114   -10.75160 -13.03358 1.000 15.81898 ? 476 ALA A N   1 
ATOM   1050 C CA  . ALA A 1 153 ? 4.98874   -9.48033  -12.99501 1.000 13.51324 ? 476 ALA A CA  1 
ATOM   1051 C C   . ALA A 1 153 ? 6.08851   -9.42254  -14.04083 1.000 16.53770 ? 476 ALA A C   1 
ATOM   1052 O O   . ALA A 1 153 ? 6.80443   -10.40080 -14.27319 1.000 18.58400 ? 476 ALA A O   1 
ATOM   1053 C CB  . ALA A 1 153 ? 5.60242   -9.25464  -11.61722 1.000 15.70971 ? 476 ALA A CB  1 
ATOM   1054 N N   . ILE A 1 154 ? 6.25560   -8.24330  -14.62943 1.000 19.22167 ? 477 ILE A N   1 
ATOM   1055 C CA  . ILE A 1 154 ? 7.37836   -7.94837  -15.50519 1.000 19.59013 ? 477 ILE A CA  1 
ATOM   1056 C C   . ILE A 1 154 ? 8.03451   -6.66294  -15.02127 1.000 18.85975 ? 477 ILE A C   1 
ATOM   1057 O O   . ILE A 1 154 ? 7.47395   -5.91270  -14.21902 1.000 17.00841 ? 477 ILE A O   1 
ATOM   1058 C CB  . ILE A 1 154 ? 6.95876   -7.82489  -16.98317 1.000 19.47946 ? 477 ILE A CB  1 
ATOM   1059 C CG1 . ILE A 1 154 ? 6.04187   -6.61574  -17.18321 1.000 20.07107 ? 477 ILE A CG1 1 
ATOM   1060 C CG2 . ILE A 1 154 ? 6.29370   -9.10933  -17.45188 1.000 22.39441 ? 477 ILE A CG2 1 
ATOM   1061 C CD1 . ILE A 1 154 ? 5.70789   -6.32565  -18.64563 1.000 26.10053 ? 477 ILE A CD1 1 
ATOM   1062 N N   . LEU A 1 155 ? 9.24637   -6.41956  -15.51964 1.000 16.55493 ? 478 LEU A N   1 
ATOM   1063 C CA  . LEU A 1 155 ? 9.96924   -5.19704  -15.22058 1.000 18.43429 ? 478 LEU A CA  1 
ATOM   1064 C C   . LEU A 1 155 ? 9.41299   -4.05555  -16.05796 1.000 17.21962 ? 478 LEU A C   1 
ATOM   1065 O O   . LEU A 1 155 ? 8.80051   -4.26968  -17.10438 1.000 23.13026 ? 478 LEU A O   1 
ATOM   1066 C CB  . LEU A 1 155 ? 11.46116  -5.34865  -15.51824 1.000 22.26718 ? 478 LEU A CB  1 
ATOM   1067 C CG  . LEU A 1 155 ? 12.26155  -6.35470  -14.70191 1.000 23.44048 ? 478 LEU A CG  1 
ATOM   1068 C CD1 . LEU A 1 155 ? 13.69817  -6.37096  -15.23823 1.000 23.29879 ? 478 LEU A CD1 1 
ATOM   1069 C CD2 . LEU A 1 155 ? 12.23207  -6.01491  -13.22167 1.000 20.45627 ? 478 LEU A CD2 1 
ATOM   1070 N N   . GLY A 1 156 ? 9.61841   -2.83301  -15.58122 1.000 16.21869 ? 479 GLY A N   1 
ATOM   1071 C CA  . GLY A 1 156 ? 9.20892   -1.68134  -16.35709 1.000 15.91072 ? 479 GLY A CA  1 
ATOM   1072 C C   . GLY A 1 156 ? 10.01887  -1.57462  -17.63628 1.000 22.14076 ? 479 GLY A C   1 
ATOM   1073 O O   . GLY A 1 156 ? 11.17563  -1.98602  -17.70241 1.000 28.79324 ? 479 GLY A O   1 
ATOM   1074 N N   . LYS A 1 157 ? 9.38447   -1.04364  -18.67364 1.000 31.48269 ? 480 LYS A N   1 
ATOM   1075 C CA  . LYS A 1 157 ? 10.05568  -0.78628  -19.93894 1.000 36.85738 ? 480 LYS A CA  1 
ATOM   1076 C C   . LYS A 1 157 ? 10.52788  0.66297   -19.99718 1.000 44.45433 ? 480 LYS A C   1 
ATOM   1077 O O   . LYS A 1 157 ? 10.20704  1.48613   -19.13716 1.000 39.46603 ? 480 LYS A O   1 
ATOM   1078 C CB  . LYS A 1 157 ? 9.13124   -1.09672  -21.12093 1.000 34.92442 ? 480 LYS A CB  1 
ATOM   1079 C CG  . LYS A 1 157 ? 9.16353   -2.54815  -21.57461 1.000 51.62922 ? 480 LYS A CG  1 
ATOM   1080 C CD  . LYS A 1 157 ? 7.96424   -3.31728  -21.05769 1.000 57.64915 ? 480 LYS A CD  1 
ATOM   1081 C CE  . LYS A 1 157 ? 6.66680   -2.68358  -21.53259 1.000 58.92738 ? 480 LYS A CE  1 
ATOM   1082 N NZ  . LYS A 1 157 ? 5.47686   -3.41451  -21.02215 1.000 53.74686 ? 480 LYS A NZ  1 
ATOM   1083 N N   . ARG A 1 158 ? 11.30975  0.96737   -21.02778 1.000 43.33266 ? 481 ARG A N   1 
ATOM   1084 C CA  . ARG A 1 158 ? 11.74943  2.33923   -21.26494 1.000 53.47957 ? 481 ARG A CA  1 
ATOM   1085 C C   . ARG A 1 158 ? 11.85831  2.60772   -22.76123 1.000 39.02529 ? 481 ARG A C   1 
ATOM   1086 O O   . ARG A 1 158 ? 11.77023  1.68201   -23.56791 1.000 53.11340 ? 481 ARG A O   1 
ATOM   1087 C CB  . ARG A 1 158 ? 13.09023  2.60691   -20.58624 1.000 46.40117 ? 481 ARG A CB  1 
ATOM   1088 C CG  . ARG A 1 158 ? 14.23223  1.86073   -21.23290 1.000 35.22254 ? 481 ARG A CG  1 
ATOM   1089 C CD  . ARG A 1 158 ? 15.56329  2.19138   -20.60085 1.000 31.69929 ? 481 ARG A CD  1 
ATOM   1090 N NE  . ARG A 1 158 ? 16.63290  1.48156   -21.28747 1.000 31.18180 ? 481 ARG A NE  1 
ATOM   1091 C CZ  . ARG A 1 158 ? 17.42916  2.03209   -22.19615 1.000 22.60706 ? 481 ARG A CZ  1 
ATOM   1092 N NH1 . ARG A 1 158 ? 17.28085  3.30984   -22.52203 1.000 28.60060 ? 481 ARG A NH1 1 
ATOM   1093 N NH2 . ARG A 1 158 ? 18.37452  1.30720   -22.77509 1.000 23.98508 ? 481 ARG A NH2 1 
HETATM 1094 O O   . HOH B 2 .   ? -0.51952  13.39246  18.01437  1.000 43.70075 ? 501 HOH A O   1 
HETATM 1095 O O   . HOH B 2 .   ? 0.58297   -16.84614 -3.32785  1.000 41.24624 ? 502 HOH A O   1 
HETATM 1096 O O   . HOH B 2 .   ? -4.04186  14.34197  21.09520  1.000 35.94396 ? 503 HOH A O   1 
HETATM 1097 O O   . HOH B 2 .   ? -1.05649  -4.35208  16.23581  1.000 29.33611 ? 504 HOH A O   1 
HETATM 1098 O O   . HOH B 2 .   ? -0.62778  -15.36642 -0.81054  1.000 33.15592 ? 505 HOH A O   1 
HETATM 1099 O O   . HOH B 2 .   ? -12.11000 3.85100   -10.31301 1.000 44.68319 ? 506 HOH A O   1 
HETATM 1100 O O   . HOH B 2 .   ? 2.77031   11.19292  13.55947  1.000 36.71146 ? 507 HOH A O   1 
HETATM 1101 O O   . HOH B 2 .   ? 3.27753   -15.45356 0.08922   1.000 38.03907 ? 508 HOH A O   1 
HETATM 1102 O O   . HOH B 2 .   ? -0.49950  -12.82552 3.74750   1.000 38.93849 ? 509 HOH A O   1 
HETATM 1103 O O   . HOH B 2 .   ? 6.59146   -0.05642  1.27297   1.000 30.53250 ? 510 HOH A O   1 
HETATM 1104 O O   . HOH B 2 .   ? 4.70086   5.87575   -16.17360 1.000 38.39861 ? 511 HOH A O   1 
HETATM 1105 O O   . HOH B 2 .   ? -0.08265  6.68371   -9.71578  1.000 31.35644 ? 512 HOH A O   1 
HETATM 1106 O O   . HOH B 2 .   ? -0.01863  -6.80916  16.21545  1.000 27.44899 ? 513 HOH A O   1 
HETATM 1107 O O   . HOH B 2 .   ? 0.76621   4.02793   -15.02563 1.000 32.78258 ? 514 HOH A O   1 
HETATM 1108 O O   . HOH B 2 .   ? -1.80094  -1.87868  20.62323  1.000 32.25777 ? 515 HOH A O   1 
HETATM 1109 O O   . HOH B 2 .   ? 1.95380   1.83247   21.67942  1.000 43.12004 ? 516 HOH A O   1 
HETATM 1110 O O   . HOH B 2 .   ? -12.01198 11.24292  -6.68023  1.000 42.07766 ? 517 HOH A O   1 
HETATM 1111 O O   . HOH B 2 .   ? 3.89666   10.03580  16.95614  1.000 33.39994 ? 518 HOH A O   1 
HETATM 1112 O O   . HOH B 2 .   ? -12.39460 -4.75984  -9.76934  1.000 32.69193 ? 519 HOH A O   1 
HETATM 1113 O O   . HOH B 2 .   ? -4.53076  -7.59674  -10.48473 1.000 36.38869 ? 520 HOH A O   1 
HETATM 1114 O O   . HOH B 2 .   ? -10.52537 -6.26405  -0.97245  1.000 16.22544 ? 521 HOH A O   1 
HETATM 1115 O O   . HOH B 2 .   ? 7.70213   1.14123   -18.15916 1.000 32.70516 ? 522 HOH A O   1 
HETATM 1116 O O   . HOH B 2 .   ? 11.37535  5.93623   -1.44563  1.000 31.09733 ? 523 HOH A O   1 
HETATM 1117 O O   . HOH B 2 .   ? -14.89489 3.02317   13.35978  1.000 32.44618 ? 524 HOH A O   1 
HETATM 1118 O O   . HOH B 2 .   ? 9.60810   -5.53542  -19.24023 1.000 37.50796 ? 525 HOH A O   1 
HETATM 1119 O O   . HOH B 2 .   ? -4.33740  -10.26266 -9.20313  1.000 34.83645 ? 526 HOH A O   1 
HETATM 1120 O O   . HOH B 2 .   ? 19.53733  -2.20506  -11.74922 1.000 22.37112 ? 527 HOH A O   1 
HETATM 1121 O O   . HOH B 2 .   ? -0.70381  7.50604   -4.54738  1.000 31.70427 ? 528 HOH A O   1 
HETATM 1122 O O   . HOH B 2 .   ? 2.86092   -11.31222 -17.47228 1.000 42.74675 ? 529 HOH A O   1 
HETATM 1123 O O   . HOH B 2 .   ? 3.21346   0.47650   17.57507  1.000 31.66715 ? 530 HOH A O   1 
HETATM 1124 O O   . HOH B 2 .   ? 12.85658  -1.94953  -3.37654  1.000 36.73142 ? 531 HOH A O   1 
HETATM 1125 O O   . HOH B 2 .   ? -2.89311  2.95232   -8.55156  1.000 23.81353 ? 532 HOH A O   1 
HETATM 1126 O O   . HOH B 2 .   ? 7.00836   5.28506   12.09229  1.000 39.27820 ? 533 HOH A O   1 
HETATM 1127 O O   . HOH B 2 .   ? -14.28808 -8.15498  -1.23477  1.000 18.32884 ? 534 HOH A O   1 
HETATM 1128 O O   . HOH B 2 .   ? 0.13910   13.02406  9.84820   1.000 27.15081 ? 535 HOH A O   1 
HETATM 1129 O O   . HOH B 2 .   ? 10.98999  2.08724   -8.18206  1.000 28.11449 ? 536 HOH A O   1 
HETATM 1130 O O   . HOH B 2 .   ? -3.90884  13.34705  6.13178   1.000 26.36874 ? 537 HOH A O   1 
HETATM 1131 O O   . HOH B 2 .   ? -3.02395  -13.98694 -6.67184  1.000 31.94882 ? 538 HOH A O   1 
HETATM 1132 O O   . HOH B 2 .   ? 15.35568  -7.61125  0.82236   1.000 39.75146 ? 539 HOH A O   1 
HETATM 1133 O O   . HOH B 2 .   ? 1.50687   -1.71230  6.19707   1.000 23.02082 ? 540 HOH A O   1 
HETATM 1134 O O   . HOH B 2 .   ? -10.08749 10.19917  18.36157  1.000 33.04761 ? 541 HOH A O   1 
HETATM 1135 O O   . HOH B 2 .   ? 6.61074   8.68269   9.99125   1.000 36.59307 ? 542 HOH A O   1 
HETATM 1136 O O   . HOH B 2 .   ? 11.16901  -4.45402  -1.90762  1.000 30.09867 ? 543 HOH A O   1 
HETATM 1137 O O   . HOH B 2 .   ? -13.82757 16.58800  2.39190   1.000 28.17093 ? 544 HOH A O   1 
HETATM 1138 O O   . HOH B 2 .   ? -14.47848 4.62829   -1.99192  1.000 35.52436 ? 545 HOH A O   1 
HETATM 1139 O O   . HOH B 2 .   ? -12.85167 3.71217   19.94395  1.000 35.40047 ? 546 HOH A O   1 
HETATM 1140 O O   . HOH B 2 .   ? 4.82195   -4.18926  10.23231  1.000 31.66843 ? 547 HOH A O   1 
HETATM 1141 O O   . HOH B 2 .   ? 5.98554   -5.11357  0.68888   1.000 21.26721 ? 548 HOH A O   1 
HETATM 1142 O O   . HOH B 2 .   ? -14.96045 6.14455   20.52607  1.000 31.96825 ? 549 HOH A O   1 
HETATM 1143 O O   . HOH B 2 .   ? -0.44142  -15.78565 -5.53230  1.000 39.55054 ? 550 HOH A O   1 
HETATM 1144 O O   . HOH B 2 .   ? 3.89879   -2.79200  -17.45287 1.000 23.96110 ? 551 HOH A O   1 
HETATM 1145 O O   . HOH B 2 .   ? -13.57333 15.01956  4.51419   1.000 32.61187 ? 552 HOH A O   1 
HETATM 1146 O O   . HOH B 2 .   ? -2.64123  -12.40554 -10.25865 1.000 31.59988 ? 553 HOH A O   1 
HETATM 1147 O O   . HOH B 2 .   ? -5.94184  -0.63514  -9.43737  1.000 18.93740 ? 554 HOH A O   1 
HETATM 1148 O O   . HOH B 2 .   ? -12.01695 -6.47655  11.91481  1.000 25.27601 ? 555 HOH A O   1 
HETATM 1149 O O   . HOH B 2 .   ? -16.23169 6.75417   15.90313  1.000 14.82811 ? 556 HOH A O   1 
HETATM 1150 O O   . HOH B 2 .   ? 2.53281   7.86010   18.01216  1.000 24.97270 ? 557 HOH A O   1 
HETATM 1151 O O   . HOH B 2 .   ? 11.69940  -5.79304  0.12071   1.000 27.66830 ? 558 HOH A O   1 
HETATM 1152 O O   . HOH B 2 .   ? 11.72190  0.86144   -15.70804 1.000 30.51590 ? 559 HOH A O   1 
HETATM 1153 O O   . HOH B 2 .   ? -3.22507  -0.72425  -10.33249 1.000 17.17518 ? 560 HOH A O   1 
HETATM 1154 O O   . HOH B 2 .   ? -9.41270  10.62795  -2.66449  1.000 30.38045 ? 561 HOH A O   1 
HETATM 1155 O O   . HOH B 2 .   ? -10.94225 7.88294   -9.35526  1.000 44.02391 ? 562 HOH A O   1 
HETATM 1156 O O   . HOH B 2 .   ? -6.72788  7.90903   -9.49808  1.000 27.30622 ? 563 HOH A O   1 
HETATM 1157 O O   . HOH B 2 .   ? -10.46490 -4.72990  2.32390   1.000 17.34205 ? 564 HOH A O   1 
HETATM 1158 O O   . HOH B 2 .   ? 15.84940  -1.09231  -20.81886 1.000 35.36029 ? 565 HOH A O   1 
HETATM 1159 O O   . HOH B 2 .   ? 6.08887   -13.01185 -14.65191 1.000 24.72809 ? 566 HOH A O   1 
HETATM 1160 O O   . HOH B 2 .   ? 7.76609   -17.51410 -8.50563  1.000 41.80181 ? 567 HOH A O   1 
HETATM 1161 O O   . HOH B 2 .   ? -0.22087  -3.07012  -17.52559 1.000 37.42045 ? 568 HOH A O   1 
HETATM 1162 O O   . HOH B 2 .   ? 0.78276   13.71319  12.90719  1.000 39.61921 ? 569 HOH A O   1 
HETATM 1163 O O   . HOH B 2 .   ? 9.82430   7.13297   2.19865   1.000 36.78763 ? 570 HOH A O   1 
HETATM 1164 O O   . HOH B 2 .   ? 3.67179   -2.47002  -10.69441 1.000 14.10276 ? 571 HOH A O   1 
HETATM 1165 O O   . HOH B 2 .   ? 15.28432  5.18141   -22.11218 1.000 37.13996 ? 572 HOH A O   1 
HETATM 1166 O O   . HOH B 2 .   ? -1.69714  -10.67648 -12.04896 1.000 38.10759 ? 573 HOH A O   1 
HETATM 1167 O O   . HOH B 2 .   ? 3.88633   -7.78371  5.95442   1.000 18.92629 ? 574 HOH A O   1 
HETATM 1168 O O   . HOH B 2 .   ? 13.56298  0.77196   -6.03422  1.000 43.01074 ? 575 HOH A O   1 
HETATM 1169 O O   . HOH B 2 .   ? 19.97827  -4.57192  -6.22031  1.000 21.03473 ? 576 HOH A O   1 
HETATM 1170 O O   . HOH B 2 .   ? 13.13957  -15.18239 -5.62106  1.000 34.41230 ? 577 HOH A O   1 
HETATM 1171 O O   . HOH B 2 .   ? -2.07754  -0.26659  -14.96908 1.000 31.16661 ? 578 HOH A O   1 
HETATM 1172 O O   . HOH B 2 .   ? 6.12962   -6.05391  8.85587   1.000 26.13474 ? 579 HOH A O   1 
HETATM 1173 O O   . HOH B 2 .   ? 9.22879   11.96455  -7.91071  1.000 27.73062 ? 580 HOH A O   1 
HETATM 1174 O O   . HOH B 2 .   ? -11.09015 13.06154  -7.72748  1.000 41.94046 ? 581 HOH A O   1 
HETATM 1175 O O   . HOH B 2 .   ? -9.91088  9.53900   -0.33521  1.000 26.24489 ? 582 HOH A O   1 
HETATM 1176 O O   . HOH B 2 .   ? -10.98893 -6.68176  -7.32889  1.000 20.60796 ? 583 HOH A O   1 
HETATM 1177 O O   . HOH B 2 .   ? 19.07459  -5.42973  -8.52639  1.000 26.68371 ? 584 HOH A O   1 
HETATM 1178 O O   . HOH B 2 .   ? -13.12462 -2.37771  14.20348  1.000 39.06965 ? 585 HOH A O   1 
HETATM 1179 O O   . HOH B 2 .   ? 2.58716   -18.66620 -12.14292 1.000 34.67577 ? 586 HOH A O   1 
HETATM 1180 O O   . HOH B 2 .   ? 7.99933   11.76196  -5.36673  1.000 22.49617 ? 587 HOH A O   1 
HETATM 1181 O O   . HOH B 2 .   ? 12.94417  -19.37897 -5.33478  1.000 42.69674 ? 588 HOH A O   1 
HETATM 1182 O O   . HOH B 2 .   ? -1.46224  6.63739   21.45955  1.000 21.92237 ? 589 HOH A O   1 
HETATM 1183 O O   . HOH B 2 .   ? -7.51843  1.45197   -9.33962  1.000 19.07498 ? 590 HOH A O   1 
HETATM 1184 O O   . HOH B 2 .   ? -7.72044  13.13496  14.55037  1.000 38.27074 ? 591 HOH A O   1 
HETATM 1185 O O   . HOH B 2 .   ? -17.45978 4.11651   3.87598   1.000 30.64420 ? 592 HOH A O   1 
HETATM 1186 O O   . HOH B 2 .   ? 12.19564  9.12969   -8.71830  1.000 26.56874 ? 593 HOH A O   1 
HETATM 1187 O O   . HOH B 2 .   ? 10.23770  9.68537   -12.07918 1.000 37.00490 ? 594 HOH A O   1 
HETATM 1188 O O   . HOH B 2 .   ? -17.52832 2.42406   10.84068  1.000 31.10627 ? 595 HOH A O   1 
HETATM 1189 O O   . HOH B 2 .   ? 6.74916   2.13807   3.12781   1.000 41.28320 ? 596 HOH A O   1 
HETATM 1190 O O   . HOH B 2 .   ? 6.79913   -16.12224 -2.40437  1.000 30.32439 ? 597 HOH A O   1 
HETATM 1191 O O   . HOH B 2 .   ? -7.36248  -8.47063  6.69874   1.000 23.65974 ? 598 HOH A O   1 
HETATM 1192 O O   . HOH B 2 .   ? -13.23558 -6.40441  4.49939   1.000 22.72506 ? 599 HOH A O   1 
HETATM 1193 O O   . HOH B 2 .   ? 5.11636   12.69127  -7.09478  1.000 33.60330 ? 600 HOH A O   1 
HETATM 1194 O O   . HOH B 2 .   ? -19.41144 8.26830   5.09469   1.000 19.49870 ? 601 HOH A O   1 
HETATM 1195 O O   . HOH B 2 .   ? 5.76685   -5.86023  -11.70266 1.000 15.21202 ? 602 HOH A O   1 
HETATM 1196 O O   . HOH B 2 .   ? -18.92824 3.78719   7.00826   1.000 30.83551 ? 603 HOH A O   1 
HETATM 1197 O O   . HOH B 2 .   ? -0.10445  19.75127  2.34432   1.000 47.42694 ? 604 HOH A O   1 
HETATM 1198 O O   . HOH B 2 .   ? -5.72396  13.41699  12.50173  1.000 32.71495 ? 605 HOH A O   1 
HETATM 1199 O O   . HOH B 2 .   ? 12.78134  -3.78288  2.51839   1.000 34.97395 ? 606 HOH A O   1 
HETATM 1200 O O   . HOH B 2 .   ? -2.37273  -8.05112  -12.00353 1.000 26.06998 ? 607 HOH A O   1 
HETATM 1201 O O   . HOH B 2 .   ? 6.46871   -2.69944  -18.29570 1.000 28.16995 ? 608 HOH A O   1 
HETATM 1202 O O   . HOH B 2 .   ? -16.45399 -1.01068  3.65861   1.000 23.62026 ? 609 HOH A O   1 
HETATM 1203 O O   . HOH B 2 .   ? 8.09152   5.14085   3.89582   1.000 36.15291 ? 610 HOH A O   1 
HETATM 1204 O O   . HOH B 2 .   ? 15.34463  -12.58672 0.50673   1.000 26.16576 ? 611 HOH A O   1 
HETATM 1205 O O   . HOH B 2 .   ? 0.67306   -6.91873  -17.94933 1.000 35.47195 ? 612 HOH A O   1 
HETATM 1206 O O   . HOH B 2 .   ? -16.61082 1.58644   -8.98469  1.000 44.17993 ? 613 HOH A O   1 
HETATM 1207 O O   . HOH B 2 .   ? 0.33064   1.35000   -16.02548 1.000 27.91591 ? 614 HOH A O   1 
HETATM 1208 O O   . HOH B 2 .   ? -17.48945 -1.97227  -0.96826  1.000 25.52159 ? 615 HOH A O   1 
HETATM 1209 O O   . HOH B 2 .   ? 9.74199   -18.03732 -9.34806  1.000 38.54949 ? 616 HOH A O   1 
HETATM 1210 O O   . HOH B 2 .   ? 1.06704   13.80604  5.71434   1.000 22.69713 ? 617 HOH A O   1 
HETATM 1211 O O   . HOH B 2 .   ? -2.47516  12.42987  10.84396  1.000 22.19875 ? 618 HOH A O   1 
HETATM 1212 O O   . HOH B 2 .   ? -8.27012  -11.81876 -7.90206  1.000 38.05458 ? 619 HOH A O   1 
HETATM 1213 O O   . HOH B 2 .   ? 12.61689  -12.95041 1.20372   1.000 28.17833 ? 620 HOH A O   1 
HETATM 1214 O O   . HOH B 2 .   ? -4.31569  -0.62027  21.43247  1.000 37.73033 ? 621 HOH A O   1 
HETATM 1215 O O   . HOH B 2 .   ? 4.22798   -3.39181  12.66354  1.000 38.23503 ? 622 HOH A O   1 
HETATM 1216 O O   . HOH B 2 .   ? -15.65043 1.60859   -3.75477  1.000 38.92439 ? 623 HOH A O   1 
HETATM 1217 O O   . HOH B 2 .   ? -9.05424  8.66467   -10.70483 1.000 40.15734 ? 624 HOH A O   1 
HETATM 1218 O O   . HOH B 2 .   ? -16.33107 7.46177   2.70169   1.000 31.50033 ? 625 HOH A O   1 
HETATM 1219 O O   . HOH B 2 .   ? -9.07400  10.78168  2.07148   1.000 26.16415 ? 626 HOH A O   1 
HETATM 1220 O O   . HOH B 2 .   ? -9.92210  15.54876  2.18773   1.000 49.16920 ? 627 HOH A O   1 
HETATM 1221 O O   . HOH B 2 .   ? 2.42519   -17.12586 -1.99709  1.000 47.40773 ? 628 HOH A O   1 
HETATM 1222 O O   . HOH B 2 .   ? -8.81156  13.56500  0.40179   1.000 39.67841 ? 629 HOH A O   1 
HETATM 1223 O O   . HOH B 2 .   ? -8.44527  9.98944   23.65509  1.000 50.05827 ? 630 HOH A O   1 
HETATM 1224 O O   . HOH B 2 .   ? 4.40813   -7.51369  10.56796  1.000 32.95873 ? 631 HOH A O   1 
HETATM 1225 O O   . HOH B 2 .   ? -2.62076  10.89931  -9.27957  1.000 39.89793 ? 632 HOH A O   1 
HETATM 1226 O O   . HOH B 2 .   ? -5.86891  0.26350   21.95494  1.000 32.25572 ? 633 HOH A O   1 
HETATM 1227 O O   . HOH B 2 .   ? -10.90663 12.62074  16.64480  1.000 35.38693 ? 634 HOH A O   1 
HETATM 1228 O O   . HOH B 2 .   ? -4.02232  -12.24584 1.03669   1.000 28.75900 ? 635 HOH A O   1 
HETATM 1229 O O   . HOH B 2 .   ? 4.34919   15.42776  0.01143   1.000 53.43317 ? 636 HOH A O   1 
HETATM 1230 O O   . HOH B 2 .   ? 5.43708   -17.12155 -4.39305  1.000 32.96113 ? 637 HOH A O   1 
HETATM 1231 O O   . HOH B 2 .   ? 12.18979  5.74815   5.59412   1.000 40.68151 ? 638 HOH A O   1 
HETATM 1232 O O   . HOH B 2 .   ? 14.11070  4.30235   -23.99582 1.000 34.75725 ? 639 HOH A O   1 
HETATM 1233 O O   . HOH B 2 .   ? -9.56709  13.30298  -1.88108  1.000 36.64842 ? 640 HOH A O   1 
HETATM 1234 O O   . HOH B 2 .   ? -11.49303 14.57146  -1.32093  1.000 43.66006 ? 641 HOH A O   1 
HETATM 1235 O O   . HOH B 2 .   ? 13.28996  -6.07196  1.83488   1.000 43.78952 ? 642 HOH A O   1 
HETATM 1236 O O   . HOH B 2 .   ? -8.70966  -13.34159 -0.75243  1.000 30.53657 ? 643 HOH A O   1 
HETATM 1237 O O   . HOH B 2 .   ? -2.38607  -15.41071 1.33878   1.000 41.93233 ? 644 HOH A O   1 
HETATM 1238 O O   . HOH B 2 .   ? 3.29092   -3.40312  -24.02477 1.000 43.89526 ? 645 HOH A O   1 
HETATM 1239 O O   . HOH B 2 .   ? 0.55137   8.48940   20.25065  1.000 28.24280 ? 646 HOH A O   1 
HETATM 1240 O O   . HOH B 2 .   ? -3.52349  2.71243   -11.83412 1.000 44.74224 ? 647 HOH A O   1 
HETATM 1241 O O   . HOH B 2 .   ? 4.64023   5.86938   18.61959  1.000 33.17929 ? 648 HOH A O   1 
HETATM 1242 O O   . HOH B 2 .   ? -11.60784 1.85547   -10.57723 1.000 38.76866 ? 649 HOH A O   1 
HETATM 1243 O O   . HOH B 2 .   ? 2.37826   -4.36244  -19.10783 1.000 40.62501 ? 650 HOH A O   1 
HETATM 1244 O O   . HOH B 2 .   ? -5.71563  -5.63596  -12.42486 1.000 40.99813 ? 651 HOH A O   1 
HETATM 1245 O O   . HOH B 2 .   ? 4.63850   -18.40735 -12.67472 1.000 42.39735 ? 652 HOH A O   1 
HETATM 1246 O O   . HOH B 2 .   ? -9.36215  13.83497  -10.00572 1.000 48.15049 ? 653 HOH A O   1 
HETATM 1247 O O   . HOH B 2 .   ? -12.58326 12.55745  5.57278   1.000 36.34330 ? 654 HOH A O   1 
HETATM 1248 O O   . HOH B 2 .   ? -9.71570  12.52785  4.82952   1.000 43.05014 ? 655 HOH A O   1 
HETATM 1249 O O   . HOH B 2 .   ? -5.32493  3.37513   -9.53082  1.000 28.88783 ? 656 HOH A O   1 
HETATM 1250 O O   . HOH B 2 .   ? 5.15660   -4.91257  -24.60346 1.000 41.57389 ? 657 HOH A O   1 
HETATM 1251 O O   . HOH B 2 .   ? -8.41964  11.48104  -11.81790 1.000 37.79423 ? 658 HOH A O   1 
HETATM 1252 O O   . HOH B 2 .   ? 7.55734   -18.10471 -11.35255 1.000 46.93109 ? 659 HOH A O   1 
HETATM 1253 O O   . HOH B 2 .   ? -7.97234  -1.85519  21.72170  1.000 37.96500 ? 660 HOH A O   1 
HETATM 1254 O O   . HOH B 2 .   ? 6.61195   14.04815  -5.61568  1.000 45.94100 ? 661 HOH A O   1 
HETATM 1255 O O   . HOH B 2 .   ? -19.95929 -3.80541  -0.34731  1.000 42.48270 ? 662 HOH A O   1 
HETATM 1256 O O   . HOH B 2 .   ? -9.25020  1.80810   -11.45577 1.000 39.91338 ? 663 HOH A O   1 
HETATM 1257 O O   . HOH B 2 .   ? -3.20505  -1.34591  23.00585  1.000 47.66275 ? 664 HOH A O   1 
HETATM 1258 O O   . HOH B 2 .   ? -6.69600  -1.90883  -11.87138 1.000 36.41206 ? 665 HOH A O   1 
HETATM 1259 O O   . HOH B 2 .   ? -6.67196  12.72025  8.13758   1.000 46.62987 ? 666 HOH A O   1 
HETATM 1260 O O   . HOH B 2 .   ? -5.70507  5.68912   -10.66465 1.000 36.24166 ? 667 HOH A O   1 
HETATM 1261 O O   . HOH B 2 .   ? -3.59076  6.96133   -10.92815 1.000 43.08136 ? 668 HOH A O   1 
HETATM 1262 O O   . HOH B 2 .   ? -3.61283  0.28303   -12.89544 1.000 24.74435 ? 669 HOH A O   1 
HETATM 1263 O O   . HOH B 2 .   ? -0.89426  -4.28090  19.10193  1.000 32.54370 ? 670 HOH A O   1 
HETATM 1264 O O   . HOH B 2 .   ? -18.39983 3.43629   0.75407   1.000 45.07822 ? 671 HOH A O   1 
HETATM 1265 O O   . HOH B 2 .   ? 8.11606   3.93509   0.86777   1.000 41.29130 ? 672 HOH A O   1 
HETATM 1266 O O   . HOH B 2 .   ? -9.39274  7.27603   -12.00395 1.000 41.58861 ? 673 HOH A O   1 
HETATM 1267 O O   . HOH B 2 .   ? 8.64321   15.10743  -8.19242  1.000 30.86785 ? 674 HOH A O   1 
HETATM 1268 O O   . HOH B 2 .   ? -7.32971  13.22075  10.44630  1.000 45.01597 ? 675 HOH A O   1 
HETATM 1269 O O   . HOH B 2 .   ? -18.54746 1.99326   2.65701   1.000 49.05517 ? 676 HOH A O   1 
# 
loop_
_pdbx_poly_seq_scheme.asym_id 
_pdbx_poly_seq_scheme.entity_id 
_pdbx_poly_seq_scheme.seq_id 
_pdbx_poly_seq_scheme.mon_id 
_pdbx_poly_seq_scheme.ndb_seq_num 
_pdbx_poly_seq_scheme.pdb_seq_num 
_pdbx_poly_seq_scheme.auth_seq_num 
_pdbx_poly_seq_scheme.pdb_mon_id 
_pdbx_poly_seq_scheme.auth_mon_id 
_pdbx_poly_seq_scheme.pdb_strand_id 
_pdbx_poly_seq_scheme.pdb_ins_code 
_pdbx_poly_seq_scheme.hetero 
A 1 1   GLY 1   324 ?   ?   ?   A . n 
A 1 2   PRO 2   325 ?   ?   ?   A . n 
A 1 3   LEU 3   326 ?   ?   ?   A . n 
A 1 4   GLY 4   327 ?   ?   ?   A . n 
A 1 5   SER 5   328 ?   ?   ?   A . n 
A 1 6   GLY 6   329 ?   ?   ?   A . n 
A 1 7   ARG 7   330 ?   ?   ?   A . n 
A 1 8   PRO 8   331 ?   ?   ?   A . n 
A 1 9   MET 9   332 ?   ?   ?   A . n 
A 1 10  LEU 10  333 ?   ?   ?   A . n 
A 1 11  SER 11  334 ?   ?   ?   A . n 
A 1 12  THR 12  335 ?   ?   ?   A . n 
A 1 13  ASP 13  336 ?   ?   ?   A . n 
A 1 14  ASN 14  337 ?   ?   ?   A . n 
A 1 15  PHE 15  338 ?   ?   ?   A . n 
A 1 16  LYS 16  339 ?   ?   ?   A . n 
A 1 17  LYS 17  340 ?   ?   ?   A . n 
A 1 18  ILE 18  341 ?   ?   ?   A . n 
A 1 19  LYS 19  342 ?   ?   ?   A . n 
A 1 20  LEU 20  343 ?   ?   ?   A . n 
A 1 21  ARG 21  344 ?   ?   ?   A . n 
A 1 22  ASP 22  345 ?   ?   ?   A . n 
A 1 23  ILE 23  346 346 ILE ILE A . n 
A 1 24  SER 24  347 347 SER SER A . n 
A 1 25  LEU 25  348 348 LEU LEU A . n 
A 1 26  GLU 26  349 349 GLU GLU A . n 
A 1 27  ASP 27  350 350 ASP ASP A . n 
A 1 28  ALA 28  351 351 ALA ALA A . n 
A 1 29  ILE 29  352 352 ILE ILE A . n 
A 1 30  LYS 30  353 353 LYS LYS A . n 
A 1 31  ALA 31  354 354 ALA ALA A . n 
A 1 32  SER 32  355 355 SER SER A . n 
A 1 33  ASN 33  356 356 ASN ASN A . n 
A 1 34  TYR 34  357 357 TYR TYR A . n 
A 1 35  GLU 35  358 358 GLU GLU A . n 
A 1 36  GLU 36  359 359 GLU GLU A . n 
A 1 37  ILE 37  360 360 ILE ILE A . n 
A 1 38  ASN 38  361 361 ASN ASN A . n 
A 1 39  ASN 39  362 362 ASN ASN A . n 
A 1 40  LYS 40  363 363 LYS LYS A . n 
A 1 41  VAL 41  364 364 VAL VAL A . n 
A 1 42  THR 42  365 365 THR THR A . n 
A 1 43  ASP 43  366 366 ASP ASP A . n 
A 1 44  LYS 44  367 367 LYS LYS A . n 
A 1 45  LYS 45  368 368 LYS LYS A . n 
A 1 46  MET 46  369 369 MET MET A . n 
A 1 47  ALA 47  370 370 ALA ALA A . n 
A 1 48  HIS 48  371 371 HIS HIS A . n 
A 1 49  GLN 49  372 372 GLN GLN A . n 
A 1 50  ALA 50  373 373 ALA ALA A . n 
A 1 51  LEU 51  374 374 LEU LEU A . n 
A 1 52  ALA 52  375 375 ALA ALA A . n 
A 1 53  TYR 53  376 376 TYR TYR A . n 
A 1 54  SER 54  377 377 SER SER A . n 
A 1 55  LEU 55  378 378 LEU LEU A . n 
A 1 56  GLY 56  379 379 GLY GLY A . n 
A 1 57  ASN 57  380 380 ASN ASN A . n 
A 1 58  LYS 58  381 381 LYS LYS A . n 
A 1 59  LYS 59  382 382 LYS LYS A . n 
A 1 60  ALA 60  383 383 ALA ALA A . n 
A 1 61  ASP 61  384 384 ASP ASP A . n 
A 1 62  ILE 62  385 385 ILE ILE A . n 
A 1 63  ALA 63  386 386 ALA ALA A . n 
A 1 64  LEU 64  387 387 LEU LEU A . n 
A 1 65  TYR 65  388 388 TYR TYR A . n 
A 1 66  LEU 66  389 389 LEU LEU A . n 
A 1 67  LEU 67  390 390 LEU LEU A . n 
A 1 68  SER 68  391 391 SER SER A . n 
A 1 69  LYS 69  392 392 LYS LYS A . n 
A 1 70  PHE 70  393 393 PHE PHE A . n 
A 1 71  ASN 71  394 394 ASN ASN A . n 
A 1 72  PHE 72  395 395 PHE PHE A . n 
A 1 73  THR 73  396 396 THR THR A . n 
A 1 74  LYS 74  397 397 LYS LYS A . n 
A 1 75  GLN 75  398 398 GLN GLN A . n 
A 1 76  ASP 76  399 399 ASP ASP A . n 
A 1 77  VAL 77  400 400 VAL VAL A . n 
A 1 78  ALA 78  401 401 ALA ALA A . n 
A 1 79  GLU 79  402 402 GLU GLU A . n 
A 1 80  MET 80  403 403 MET MET A . n 
A 1 81  GLU 81  404 404 GLU GLU A . n 
A 1 82  LYS 82  405 405 LYS LYS A . n 
A 1 83  MET 83  406 406 MET MET A . n 
A 1 84  LYS 84  407 407 LYS LYS A . n 
A 1 85  ASN 85  408 408 ASN ASN A . n 
A 1 86  ASN 86  409 409 ASN ASN A . n 
A 1 87  ARG 87  410 410 ARG ARG A . n 
A 1 88  TYR 88  411 411 TYR TYR A . n 
A 1 89  CYS 89  412 412 CYS CYS A . n 
A 1 90  ASN 90  413 413 ASN ASN A . n 
A 1 91  LEU 91  414 414 LEU LEU A . n 
A 1 92  TYR 92  415 415 TYR TYR A . n 
A 1 93  ASP 93  416 416 ASP ASP A . n 
A 1 94  VAL 94  417 417 VAL VAL A . n 
A 1 95  GLU 95  418 418 GLU GLU A . n 
A 1 96  TYR 96  419 419 TYR TYR A . n 
A 1 97  LEU 97  420 420 LEU LEU A . n 
A 1 98  LEU 98  421 421 LEU LEU A . n 
A 1 99  SER 99  422 422 SER SER A . n 
A 1 100 LYS 100 423 423 LYS LYS A . n 
A 1 101 ASP 101 424 424 ASP ASP A . n 
A 1 102 GLY 102 425 425 GLY GLY A . n 
A 1 103 ALA 103 426 426 ALA ALA A . n 
A 1 104 ASN 104 427 427 ASN ASN A . n 
A 1 105 TYR 105 428 428 TYR TYR A . n 
A 1 106 LYS 106 429 429 LYS LYS A . n 
A 1 107 VAL 107 430 430 VAL VAL A . n 
A 1 108 LEU 108 431 431 LEU LEU A . n 
A 1 109 GLU 109 432 432 GLU GLU A . n 
A 1 110 TYR 110 433 433 TYR TYR A . n 
A 1 111 PHE 111 434 434 PHE PHE A . n 
A 1 112 ILE 112 435 435 ILE ILE A . n 
A 1 113 ASN 113 436 436 ASN ASN A . n 
A 1 114 ASN 114 437 437 ASN ASN A . n 
A 1 115 GLY 115 438 438 GLY GLY A . n 
A 1 116 LEU 116 439 439 LEU LEU A . n 
A 1 117 VAL 117 440 440 VAL VAL A . n 
A 1 118 ASP 118 441 441 ASP ASP A . n 
A 1 119 VAL 119 442 442 VAL VAL A . n 
A 1 120 ASN 120 443 443 ASN ASN A . n 
A 1 121 LYS 121 444 444 LYS LYS A . n 
A 1 122 LYS 122 445 445 LYS LYS A . n 
A 1 123 PHE 123 446 446 PHE PHE A . n 
A 1 124 GLN 124 447 447 GLN GLN A . n 
A 1 125 LYS 125 448 448 LYS LYS A . n 
A 1 126 VAL 126 449 449 VAL VAL A . n 
A 1 127 ASN 127 450 450 ASN ASN A . n 
A 1 128 SER 128 451 451 SER SER A . n 
A 1 129 GLY 129 452 452 GLY GLY A . n 
A 1 130 ASP 130 453 453 ASP ASP A . n 
A 1 131 THR 131 454 454 THR THR A . n 
A 1 132 MET 132 455 455 MET MET A . n 
A 1 133 LEU 133 456 456 LEU LEU A . n 
A 1 134 ASP 134 457 457 ASP ASP A . n 
A 1 135 ASN 135 458 458 ASN ASN A . n 
A 1 136 ALA 136 459 459 ALA ALA A . n 
A 1 137 MET 137 460 460 MET MET A . n 
A 1 138 LYS 138 461 461 LYS LYS A . n 
A 1 139 SER 139 462 462 SER SER A . n 
A 1 140 LYS 140 463 463 LYS LYS A . n 
A 1 141 ASP 141 464 464 ASP ASP A . n 
A 1 142 SER 142 465 465 SER SER A . n 
A 1 143 LYS 143 466 466 LYS LYS A . n 
A 1 144 MET 144 467 467 MET MET A . n 
A 1 145 ILE 145 468 468 ILE ILE A . n 
A 1 146 ASP 146 469 469 ASP ASP A . n 
A 1 147 PHE 147 470 470 PHE PHE A . n 
A 1 148 LEU 148 471 471 LEU LEU A . n 
A 1 149 LEU 149 472 472 LEU LEU A . n 
A 1 150 LYS 150 473 473 LYS LYS A . n 
A 1 151 ASN 151 474 474 ASN ASN A . n 
A 1 152 GLY 152 475 475 GLY GLY A . n 
A 1 153 ALA 153 476 476 ALA ALA A . n 
A 1 154 ILE 154 477 477 ILE ILE A . n 
A 1 155 LEU 155 478 478 LEU LEU A . n 
A 1 156 GLY 156 479 479 GLY GLY A . n 
A 1 157 LYS 157 480 480 LYS LYS A . n 
A 1 158 ARG 158 481 481 ARG ARG A . n 
A 1 159 PHE 159 482 ?   ?   ?   A . n 
A 1 160 GLU 160 483 ?   ?   ?   A . n 
A 1 161 ILE 161 484 ?   ?   ?   A . n 
# 
_pdbx_contact_author.id                 2 
_pdbx_contact_author.email              jding@ibp.ac.cn 
_pdbx_contact_author.name_first         Jingjin 
_pdbx_contact_author.name_last          Ding 
_pdbx_contact_author.name_mi            ? 
_pdbx_contact_author.role               'principal investigator/group leader' 
_pdbx_contact_author.identifier_ORCID   0000-0001-9941-7997 
# 
loop_
_pdbx_nonpoly_scheme.asym_id 
_pdbx_nonpoly_scheme.entity_id 
_pdbx_nonpoly_scheme.mon_id 
_pdbx_nonpoly_scheme.ndb_seq_num 
_pdbx_nonpoly_scheme.pdb_seq_num 
_pdbx_nonpoly_scheme.auth_seq_num 
_pdbx_nonpoly_scheme.pdb_mon_id 
_pdbx_nonpoly_scheme.auth_mon_id 
_pdbx_nonpoly_scheme.pdb_strand_id 
_pdbx_nonpoly_scheme.pdb_ins_code 
B 2 HOH 1   501 145 HOH HOH A . 
B 2 HOH 2   502 159 HOH HOH A . 
B 2 HOH 3   503 146 HOH HOH A . 
B 2 HOH 4   504 36  HOH HOH A . 
B 2 HOH 5   505 100 HOH HOH A . 
B 2 HOH 6   506 158 HOH HOH A . 
B 2 HOH 7   507 176 HOH HOH A . 
B 2 HOH 8   508 122 HOH HOH A . 
B 2 HOH 9   509 139 HOH HOH A . 
B 2 HOH 10  510 54  HOH HOH A . 
B 2 HOH 11  511 94  HOH HOH A . 
B 2 HOH 12  512 59  HOH HOH A . 
B 2 HOH 13  513 51  HOH HOH A . 
B 2 HOH 14  514 30  HOH HOH A . 
B 2 HOH 15  515 89  HOH HOH A . 
B 2 HOH 16  516 150 HOH HOH A . 
B 2 HOH 17  517 123 HOH HOH A . 
B 2 HOH 18  518 84  HOH HOH A . 
B 2 HOH 19  519 73  HOH HOH A . 
B 2 HOH 20  520 74  HOH HOH A . 
B 2 HOH 21  521 7   HOH HOH A . 
B 2 HOH 22  522 64  HOH HOH A . 
B 2 HOH 23  523 63  HOH HOH A . 
B 2 HOH 24  524 69  HOH HOH A . 
B 2 HOH 25  525 148 HOH HOH A . 
B 2 HOH 26  526 115 HOH HOH A . 
B 2 HOH 27  527 22  HOH HOH A . 
B 2 HOH 28  528 88  HOH HOH A . 
B 2 HOH 29  529 149 HOH HOH A . 
B 2 HOH 30  530 60  HOH HOH A . 
B 2 HOH 31  531 108 HOH HOH A . 
B 2 HOH 32  532 16  HOH HOH A . 
B 2 HOH 33  533 97  HOH HOH A . 
B 2 HOH 34  534 1   HOH HOH A . 
B 2 HOH 35  535 34  HOH HOH A . 
B 2 HOH 36  536 33  HOH HOH A . 
B 2 HOH 37  537 18  HOH HOH A . 
B 2 HOH 38  538 92  HOH HOH A . 
B 2 HOH 39  539 130 HOH HOH A . 
B 2 HOH 40  540 44  HOH HOH A . 
B 2 HOH 41  541 76  HOH HOH A . 
B 2 HOH 42  542 107 HOH HOH A . 
B 2 HOH 43  543 77  HOH HOH A . 
B 2 HOH 44  544 40  HOH HOH A . 
B 2 HOH 45  545 165 HOH HOH A . 
B 2 HOH 46  546 106 HOH HOH A . 
B 2 HOH 47  547 105 HOH HOH A . 
B 2 HOH 48  548 9   HOH HOH A . 
B 2 HOH 49  549 111 HOH HOH A . 
B 2 HOH 50  550 37  HOH HOH A . 
B 2 HOH 51  551 48  HOH HOH A . 
B 2 HOH 52  552 49  HOH HOH A . 
B 2 HOH 53  553 58  HOH HOH A . 
B 2 HOH 54  554 10  HOH HOH A . 
B 2 HOH 55  555 50  HOH HOH A . 
B 2 HOH 56  556 3   HOH HOH A . 
B 2 HOH 57  557 28  HOH HOH A . 
B 2 HOH 58  558 71  HOH HOH A . 
B 2 HOH 59  559 66  HOH HOH A . 
B 2 HOH 60  560 8   HOH HOH A . 
B 2 HOH 61  561 109 HOH HOH A . 
B 2 HOH 62  562 141 HOH HOH A . 
B 2 HOH 63  563 29  HOH HOH A . 
B 2 HOH 64  564 6   HOH HOH A . 
B 2 HOH 65  565 83  HOH HOH A . 
B 2 HOH 66  566 20  HOH HOH A . 
B 2 HOH 67  567 135 HOH HOH A . 
B 2 HOH 68  568 124 HOH HOH A . 
B 2 HOH 69  569 80  HOH HOH A . 
B 2 HOH 70  570 113 HOH HOH A . 
B 2 HOH 71  571 2   HOH HOH A . 
B 2 HOH 72  572 78  HOH HOH A . 
B 2 HOH 73  573 134 HOH HOH A . 
B 2 HOH 74  574 5   HOH HOH A . 
B 2 HOH 75  575 138 HOH HOH A . 
B 2 HOH 76  576 15  HOH HOH A . 
B 2 HOH 77  577 147 HOH HOH A . 
B 2 HOH 78  578 56  HOH HOH A . 
B 2 HOH 79  579 38  HOH HOH A . 
B 2 HOH 80  580 43  HOH HOH A . 
B 2 HOH 81  581 129 HOH HOH A . 
B 2 HOH 82  582 25  HOH HOH A . 
B 2 HOH 83  583 12  HOH HOH A . 
B 2 HOH 84  584 32  HOH HOH A . 
B 2 HOH 85  585 96  HOH HOH A . 
B 2 HOH 86  586 120 HOH HOH A . 
B 2 HOH 87  587 31  HOH HOH A . 
B 2 HOH 88  588 172 HOH HOH A . 
B 2 HOH 89  589 19  HOH HOH A . 
B 2 HOH 90  590 24  HOH HOH A . 
B 2 HOH 91  591 85  HOH HOH A . 
B 2 HOH 92  592 47  HOH HOH A . 
B 2 HOH 93  593 41  HOH HOH A . 
B 2 HOH 94  594 67  HOH HOH A . 
B 2 HOH 95  595 61  HOH HOH A . 
B 2 HOH 96  596 153 HOH HOH A . 
B 2 HOH 97  597 62  HOH HOH A . 
B 2 HOH 98  598 27  HOH HOH A . 
B 2 HOH 99  599 21  HOH HOH A . 
B 2 HOH 100 600 136 HOH HOH A . 
B 2 HOH 101 601 14  HOH HOH A . 
B 2 HOH 102 602 4   HOH HOH A . 
B 2 HOH 103 603 90  HOH HOH A . 
B 2 HOH 104 604 174 HOH HOH A . 
B 2 HOH 105 605 53  HOH HOH A . 
B 2 HOH 106 606 95  HOH HOH A . 
B 2 HOH 107 607 55  HOH HOH A . 
B 2 HOH 108 608 65  HOH HOH A . 
B 2 HOH 109 609 17  HOH HOH A . 
B 2 HOH 110 610 57  HOH HOH A . 
B 2 HOH 111 611 144 HOH HOH A . 
B 2 HOH 112 612 70  HOH HOH A . 
B 2 HOH 113 613 98  HOH HOH A . 
B 2 HOH 114 614 26  HOH HOH A . 
B 2 HOH 115 615 23  HOH HOH A . 
B 2 HOH 116 616 125 HOH HOH A . 
B 2 HOH 117 617 11  HOH HOH A . 
B 2 HOH 118 618 13  HOH HOH A . 
B 2 HOH 119 619 104 HOH HOH A . 
B 2 HOH 120 620 46  HOH HOH A . 
B 2 HOH 121 621 161 HOH HOH A . 
B 2 HOH 122 622 93  HOH HOH A . 
B 2 HOH 123 623 103 HOH HOH A . 
B 2 HOH 124 624 164 HOH HOH A . 
B 2 HOH 125 625 35  HOH HOH A . 
B 2 HOH 126 626 39  HOH HOH A . 
B 2 HOH 127 627 133 HOH HOH A . 
B 2 HOH 128 628 175 HOH HOH A . 
B 2 HOH 129 629 99  HOH HOH A . 
B 2 HOH 130 630 140 HOH HOH A . 
B 2 HOH 131 631 101 HOH HOH A . 
B 2 HOH 132 632 166 HOH HOH A . 
B 2 HOH 133 633 163 HOH HOH A . 
B 2 HOH 134 634 79  HOH HOH A . 
B 2 HOH 135 635 155 HOH HOH A . 
B 2 HOH 136 636 173 HOH HOH A . 
B 2 HOH 137 637 81  HOH HOH A . 
B 2 HOH 138 638 121 HOH HOH A . 
B 2 HOH 139 639 162 HOH HOH A . 
B 2 HOH 140 640 102 HOH HOH A . 
B 2 HOH 141 641 112 HOH HOH A . 
B 2 HOH 142 642 151 HOH HOH A . 
B 2 HOH 143 643 68  HOH HOH A . 
B 2 HOH 144 644 127 HOH HOH A . 
B 2 HOH 145 645 110 HOH HOH A . 
B 2 HOH 146 646 45  HOH HOH A . 
B 2 HOH 147 647 91  HOH HOH A . 
B 2 HOH 148 648 72  HOH HOH A . 
B 2 HOH 149 649 154 HOH HOH A . 
B 2 HOH 150 650 86  HOH HOH A . 
B 2 HOH 151 651 142 HOH HOH A . 
B 2 HOH 152 652 137 HOH HOH A . 
B 2 HOH 153 653 126 HOH HOH A . 
B 2 HOH 154 654 82  HOH HOH A . 
B 2 HOH 155 655 131 HOH HOH A . 
B 2 HOH 156 656 42  HOH HOH A . 
B 2 HOH 157 657 128 HOH HOH A . 
B 2 HOH 158 658 132 HOH HOH A . 
B 2 HOH 159 659 143 HOH HOH A . 
B 2 HOH 160 660 160 HOH HOH A . 
B 2 HOH 161 661 114 HOH HOH A . 
B 2 HOH 162 662 87  HOH HOH A . 
B 2 HOH 163 663 119 HOH HOH A . 
B 2 HOH 164 664 167 HOH HOH A . 
B 2 HOH 165 665 117 HOH HOH A . 
B 2 HOH 166 666 156 HOH HOH A . 
B 2 HOH 167 667 75  HOH HOH A . 
B 2 HOH 168 668 168 HOH HOH A . 
B 2 HOH 169 669 52  HOH HOH A . 
B 2 HOH 170 670 118 HOH HOH A . 
B 2 HOH 171 671 169 HOH HOH A . 
B 2 HOH 172 672 157 HOH HOH A . 
B 2 HOH 173 673 171 HOH HOH A . 
B 2 HOH 174 674 116 HOH HOH A . 
B 2 HOH 175 675 152 HOH HOH A . 
B 2 HOH 176 676 170 HOH HOH A . 
# 
_pdbx_struct_assembly.id                   1 
_pdbx_struct_assembly.details              author_defined_assembly 
_pdbx_struct_assembly.method_details       ? 
_pdbx_struct_assembly.oligomeric_details   monomeric 
_pdbx_struct_assembly.oligomeric_count     1 
# 
_pdbx_struct_assembly_gen.assembly_id       1 
_pdbx_struct_assembly_gen.oper_expression   1 
_pdbx_struct_assembly_gen.asym_id_list      A,B 
# 
loop_
_pdbx_struct_assembly_prop.biol_id 
_pdbx_struct_assembly_prop.type 
_pdbx_struct_assembly_prop.value 
_pdbx_struct_assembly_prop.details 
1 'ABSA (A^2)' 0    ? 
1 MORE         0    ? 
1 'SSA (A^2)'  7120 ? 
# 
_pdbx_struct_oper_list.id                   1 
_pdbx_struct_oper_list.type                 'identity operation' 
_pdbx_struct_oper_list.name                 1_555 
_pdbx_struct_oper_list.symmetry_operation   x,y,z 
_pdbx_struct_oper_list.matrix[1][1]         1.0000000000 
_pdbx_struct_oper_list.matrix[1][2]         0.0000000000 
_pdbx_struct_oper_list.matrix[1][3]         0.0000000000 
_pdbx_struct_oper_list.vector[1]            0.0000000000 
_pdbx_struct_oper_list.matrix[2][1]         0.0000000000 
_pdbx_struct_oper_list.matrix[2][2]         1.0000000000 
_pdbx_struct_oper_list.matrix[2][3]         0.0000000000 
_pdbx_struct_oper_list.vector[2]            0.0000000000 
_pdbx_struct_oper_list.matrix[3][1]         0.0000000000 
_pdbx_struct_oper_list.matrix[3][2]         0.0000000000 
_pdbx_struct_oper_list.matrix[3][3]         1.0000000000 
_pdbx_struct_oper_list.vector[3]            0.0000000000 
# 
loop_
_pdbx_audit_revision_history.ordinal 
_pdbx_audit_revision_history.data_content_type 
_pdbx_audit_revision_history.major_revision 
_pdbx_audit_revision_history.minor_revision 
_pdbx_audit_revision_history.revision_date 
1 'Structure model' 1 0 2023-01-25 
2 'Structure model' 1 1 2023-02-01 
3 'Structure model' 1 2 2023-03-29 
4 'Structure model' 1 3 2023-11-29 
# 
_pdbx_audit_revision_details.ordinal             1 
_pdbx_audit_revision_details.revision_ordinal    1 
_pdbx_audit_revision_details.data_content_type   'Structure model' 
_pdbx_audit_revision_details.provider            repository 
_pdbx_audit_revision_details.type                'Initial release' 
_pdbx_audit_revision_details.description         ? 
_pdbx_audit_revision_details.details             ? 
# 
loop_
_pdbx_audit_revision_group.ordinal 
_pdbx_audit_revision_group.revision_ordinal 
_pdbx_audit_revision_group.data_content_type 
_pdbx_audit_revision_group.group 
1 2 'Structure model' 'Database references'    
2 3 'Structure model' 'Database references'    
3 4 'Structure model' 'Data collection'        
4 4 'Structure model' 'Refinement description' 
# 
loop_
_pdbx_audit_revision_category.ordinal 
_pdbx_audit_revision_category.revision_ordinal 
_pdbx_audit_revision_category.data_content_type 
_pdbx_audit_revision_category.category 
1 2 'Structure model' citation                      
2 3 'Structure model' citation                      
3 3 'Structure model' citation_author               
4 4 'Structure model' chem_comp_atom                
5 4 'Structure model' chem_comp_bond                
6 4 'Structure model' pdbx_initial_refinement_model 
# 
loop_
_pdbx_audit_revision_item.ordinal 
_pdbx_audit_revision_item.revision_ordinal 
_pdbx_audit_revision_item.data_content_type 
_pdbx_audit_revision_item.item 
1 2 'Structure model' '_citation.pdbx_database_id_PubMed' 
2 2 'Structure model' '_citation.title'                   
3 3 'Structure model' '_citation.journal_volume'          
4 3 'Structure model' '_citation.page_first'              
5 3 'Structure model' '_citation.page_last'               
6 3 'Structure model' '_citation_author.identifier_ORCID' 
# 
loop_
_space_group_symop.id 
_space_group_symop.operation_xyz 
1 x,y,z           
2 x+1/2,-y+1/2,-z 
3 -x,y+1/2,-z+1/2 
4 -x+1/2,-y,z+1/2 
# 
loop_
_software.citation_id 
_software.classification 
_software.compiler_name 
_software.compiler_version 
_software.contact_author 
_software.contact_author_email 
_software.date 
_software.description 
_software.dependencies 
_software.hardware 
_software.language 
_software.location 
_software.mods 
_software.name 
_software.os 
_software.os_version 
_software.type 
_software.version 
_software.pdbx_ordinal 
? refinement       ? ? ? ? ? ? ? ? ? ? ? PHENIX ? ? ? 1.18.2_3874 1 
? 'data reduction' ? ? ? ? ? ? ? ? ? ? ? XDS    ? ? ? .           2 
? 'data scaling'   ? ? ? ? ? ? ? ? ? ? ? XDS    ? ? ? .           3 
? phasing          ? ? ? ? ? ? ? ? ? ? ? PHASER ? ? ? .           4 
# 
loop_
_pdbx_validate_close_contact.id 
_pdbx_validate_close_contact.PDB_model_num 
_pdbx_validate_close_contact.auth_atom_id_1 
_pdbx_validate_close_contact.auth_asym_id_1 
_pdbx_validate_close_contact.auth_comp_id_1 
_pdbx_validate_close_contact.auth_seq_id_1 
_pdbx_validate_close_contact.PDB_ins_code_1 
_pdbx_validate_close_contact.label_alt_id_1 
_pdbx_validate_close_contact.auth_atom_id_2 
_pdbx_validate_close_contact.auth_asym_id_2 
_pdbx_validate_close_contact.auth_comp_id_2 
_pdbx_validate_close_contact.auth_seq_id_2 
_pdbx_validate_close_contact.PDB_ins_code_2 
_pdbx_validate_close_contact.label_alt_id_2 
_pdbx_validate_close_contact.dist 
1 1 OD2 A ASP 350 ? ? O A HOH 501 ? ? 1.82 
2 1 O   A HOH 621 ? ? O A HOH 633 ? ? 1.86 
3 1 O   A HOH 624 ? ? O A HOH 673 ? ? 1.93 
4 1 NZ  A LYS 473 ? ? O A HOH 502 ? ? 2.05 
5 1 O   A HOH 621 ? ? O A HOH 664 ? ? 2.06 
6 1 O   A HOH 506 ? ? O A HOH 649 ? ? 2.07 
7 1 N   A ILE 346 ? ? O A HOH 503 ? ? 2.08 
8 1 O   A HOH 586 ? ? O A HOH 652 ? ? 2.13 
# 
loop_
_pdbx_validate_symm_contact.id 
_pdbx_validate_symm_contact.PDB_model_num 
_pdbx_validate_symm_contact.auth_atom_id_1 
_pdbx_validate_symm_contact.auth_asym_id_1 
_pdbx_validate_symm_contact.auth_comp_id_1 
_pdbx_validate_symm_contact.auth_seq_id_1 
_pdbx_validate_symm_contact.PDB_ins_code_1 
_pdbx_validate_symm_contact.label_alt_id_1 
_pdbx_validate_symm_contact.site_symmetry_1 
_pdbx_validate_symm_contact.auth_atom_id_2 
_pdbx_validate_symm_contact.auth_asym_id_2 
_pdbx_validate_symm_contact.auth_comp_id_2 
_pdbx_validate_symm_contact.auth_seq_id_2 
_pdbx_validate_symm_contact.PDB_ins_code_2 
_pdbx_validate_symm_contact.label_alt_id_2 
_pdbx_validate_symm_contact.site_symmetry_2 
_pdbx_validate_symm_contact.dist 
1 1 O A HOH 636 ? ? 1_555 O A HOH 664 ? ? 3_444 2.14 
2 1 O A HOH 613 ? ? 1_555 O A HOH 638 ? ? 2_455 2.15 
# 
_pdbx_validate_torsion.id              1 
_pdbx_validate_torsion.PDB_model_num   1 
_pdbx_validate_torsion.auth_comp_id    LYS 
_pdbx_validate_torsion.auth_asym_id    A 
_pdbx_validate_torsion.auth_seq_id     382 
_pdbx_validate_torsion.PDB_ins_code    ? 
_pdbx_validate_torsion.label_alt_id    ? 
_pdbx_validate_torsion.phi             -104.04 
_pdbx_validate_torsion.psi             74.69 
# 
loop_
_pdbx_unobs_or_zero_occ_residues.id 
_pdbx_unobs_or_zero_occ_residues.PDB_model_num 
_pdbx_unobs_or_zero_occ_residues.polymer_flag 
_pdbx_unobs_or_zero_occ_residues.occupancy_flag 
_pdbx_unobs_or_zero_occ_residues.auth_asym_id 
_pdbx_unobs_or_zero_occ_residues.auth_comp_id 
_pdbx_unobs_or_zero_occ_residues.auth_seq_id 
_pdbx_unobs_or_zero_occ_residues.PDB_ins_code 
_pdbx_unobs_or_zero_occ_residues.label_asym_id 
_pdbx_unobs_or_zero_occ_residues.label_comp_id 
_pdbx_unobs_or_zero_occ_residues.label_seq_id 
1  1 Y 1 A GLY 324 ? A GLY 1   
2  1 Y 1 A PRO 325 ? A PRO 2   
3  1 Y 1 A LEU 326 ? A LEU 3   
4  1 Y 1 A GLY 327 ? A GLY 4   
5  1 Y 1 A SER 328 ? A SER 5   
6  1 Y 1 A GLY 329 ? A GLY 6   
7  1 Y 1 A ARG 330 ? A ARG 7   
8  1 Y 1 A PRO 331 ? A PRO 8   
9  1 Y 1 A MET 332 ? A MET 9   
10 1 Y 1 A LEU 333 ? A LEU 10  
11 1 Y 1 A SER 334 ? A SER 11  
12 1 Y 1 A THR 335 ? A THR 12  
13 1 Y 1 A ASP 336 ? A ASP 13  
14 1 Y 1 A ASN 337 ? A ASN 14  
15 1 Y 1 A PHE 338 ? A PHE 15  
16 1 Y 1 A LYS 339 ? A LYS 16  
17 1 Y 1 A LYS 340 ? A LYS 17  
18 1 Y 1 A ILE 341 ? A ILE 18  
19 1 Y 1 A LYS 342 ? A LYS 19  
20 1 Y 1 A LEU 343 ? A LEU 20  
21 1 Y 1 A ARG 344 ? A ARG 21  
22 1 Y 1 A ASP 345 ? A ASP 22  
23 1 Y 1 A PHE 482 ? A PHE 159 
24 1 Y 1 A GLU 483 ? A GLU 160 
25 1 Y 1 A ILE 484 ? A ILE 161 
# 
loop_
_chem_comp_atom.comp_id 
_chem_comp_atom.atom_id 
_chem_comp_atom.type_symbol 
_chem_comp_atom.pdbx_aromatic_flag 
_chem_comp_atom.pdbx_stereo_config 
_chem_comp_atom.pdbx_ordinal 
ALA N    N N N 1   
ALA CA   C N S 2   
ALA C    C N N 3   
ALA O    O N N 4   
ALA CB   C N N 5   
ALA OXT  O N N 6   
ALA H    H N N 7   
ALA H2   H N N 8   
ALA HA   H N N 9   
ALA HB1  H N N 10  
ALA HB2  H N N 11  
ALA HB3  H N N 12  
ALA HXT  H N N 13  
ARG N    N N N 14  
ARG CA   C N S 15  
ARG C    C N N 16  
ARG O    O N N 17  
ARG CB   C N N 18  
ARG CG   C N N 19  
ARG CD   C N N 20  
ARG NE   N N N 21  
ARG CZ   C N N 22  
ARG NH1  N N N 23  
ARG NH2  N N N 24  
ARG OXT  O N N 25  
ARG H    H N N 26  
ARG H2   H N N 27  
ARG HA   H N N 28  
ARG HB2  H N N 29  
ARG HB3  H N N 30  
ARG HG2  H N N 31  
ARG HG3  H N N 32  
ARG HD2  H N N 33  
ARG HD3  H N N 34  
ARG HE   H N N 35  
ARG HH11 H N N 36  
ARG HH12 H N N 37  
ARG HH21 H N N 38  
ARG HH22 H N N 39  
ARG HXT  H N N 40  
ASN N    N N N 41  
ASN CA   C N S 42  
ASN C    C N N 43  
ASN O    O N N 44  
ASN CB   C N N 45  
ASN CG   C N N 46  
ASN OD1  O N N 47  
ASN ND2  N N N 48  
ASN OXT  O N N 49  
ASN H    H N N 50  
ASN H2   H N N 51  
ASN HA   H N N 52  
ASN HB2  H N N 53  
ASN HB3  H N N 54  
ASN HD21 H N N 55  
ASN HD22 H N N 56  
ASN HXT  H N N 57  
ASP N    N N N 58  
ASP CA   C N S 59  
ASP C    C N N 60  
ASP O    O N N 61  
ASP CB   C N N 62  
ASP CG   C N N 63  
ASP OD1  O N N 64  
ASP OD2  O N N 65  
ASP OXT  O N N 66  
ASP H    H N N 67  
ASP H2   H N N 68  
ASP HA   H N N 69  
ASP HB2  H N N 70  
ASP HB3  H N N 71  
ASP HD2  H N N 72  
ASP HXT  H N N 73  
CYS N    N N N 74  
CYS CA   C N R 75  
CYS C    C N N 76  
CYS O    O N N 77  
CYS CB   C N N 78  
CYS SG   S N N 79  
CYS OXT  O N N 80  
CYS H    H N N 81  
CYS H2   H N N 82  
CYS HA   H N N 83  
CYS HB2  H N N 84  
CYS HB3  H N N 85  
CYS HG   H N N 86  
CYS HXT  H N N 87  
GLN N    N N N 88  
GLN CA   C N S 89  
GLN C    C N N 90  
GLN O    O N N 91  
GLN CB   C N N 92  
GLN CG   C N N 93  
GLN CD   C N N 94  
GLN OE1  O N N 95  
GLN NE2  N N N 96  
GLN OXT  O N N 97  
GLN H    H N N 98  
GLN H2   H N N 99  
GLN HA   H N N 100 
GLN HB2  H N N 101 
GLN HB3  H N N 102 
GLN HG2  H N N 103 
GLN HG3  H N N 104 
GLN HE21 H N N 105 
GLN HE22 H N N 106 
GLN HXT  H N N 107 
GLU N    N N N 108 
GLU CA   C N S 109 
GLU C    C N N 110 
GLU O    O N N 111 
GLU CB   C N N 112 
GLU CG   C N N 113 
GLU CD   C N N 114 
GLU OE1  O N N 115 
GLU OE2  O N N 116 
GLU OXT  O N N 117 
GLU H    H N N 118 
GLU H2   H N N 119 
GLU HA   H N N 120 
GLU HB2  H N N 121 
GLU HB3  H N N 122 
GLU HG2  H N N 123 
GLU HG3  H N N 124 
GLU HE2  H N N 125 
GLU HXT  H N N 126 
GLY N    N N N 127 
GLY CA   C N N 128 
GLY C    C N N 129 
GLY O    O N N 130 
GLY OXT  O N N 131 
GLY H    H N N 132 
GLY H2   H N N 133 
GLY HA2  H N N 134 
GLY HA3  H N N 135 
GLY HXT  H N N 136 
HIS N    N N N 137 
HIS CA   C N S 138 
HIS C    C N N 139 
HIS O    O N N 140 
HIS CB   C N N 141 
HIS CG   C Y N 142 
HIS ND1  N Y N 143 
HIS CD2  C Y N 144 
HIS CE1  C Y N 145 
HIS NE2  N Y N 146 
HIS OXT  O N N 147 
HIS H    H N N 148 
HIS H2   H N N 149 
HIS HA   H N N 150 
HIS HB2  H N N 151 
HIS HB3  H N N 152 
HIS HD1  H N N 153 
HIS HD2  H N N 154 
HIS HE1  H N N 155 
HIS HE2  H N N 156 
HIS HXT  H N N 157 
HOH O    O N N 158 
HOH H1   H N N 159 
HOH H2   H N N 160 
ILE N    N N N 161 
ILE CA   C N S 162 
ILE C    C N N 163 
ILE O    O N N 164 
ILE CB   C N S 165 
ILE CG1  C N N 166 
ILE CG2  C N N 167 
ILE CD1  C N N 168 
ILE OXT  O N N 169 
ILE H    H N N 170 
ILE H2   H N N 171 
ILE HA   H N N 172 
ILE HB   H N N 173 
ILE HG12 H N N 174 
ILE HG13 H N N 175 
ILE HG21 H N N 176 
ILE HG22 H N N 177 
ILE HG23 H N N 178 
ILE HD11 H N N 179 
ILE HD12 H N N 180 
ILE HD13 H N N 181 
ILE HXT  H N N 182 
LEU N    N N N 183 
LEU CA   C N S 184 
LEU C    C N N 185 
LEU O    O N N 186 
LEU CB   C N N 187 
LEU CG   C N N 188 
LEU CD1  C N N 189 
LEU CD2  C N N 190 
LEU OXT  O N N 191 
LEU H    H N N 192 
LEU H2   H N N 193 
LEU HA   H N N 194 
LEU HB2  H N N 195 
LEU HB3  H N N 196 
LEU HG   H N N 197 
LEU HD11 H N N 198 
LEU HD12 H N N 199 
LEU HD13 H N N 200 
LEU HD21 H N N 201 
LEU HD22 H N N 202 
LEU HD23 H N N 203 
LEU HXT  H N N 204 
LYS N    N N N 205 
LYS CA   C N S 206 
LYS C    C N N 207 
LYS O    O N N 208 
LYS CB   C N N 209 
LYS CG   C N N 210 
LYS CD   C N N 211 
LYS CE   C N N 212 
LYS NZ   N N N 213 
LYS OXT  O N N 214 
LYS H    H N N 215 
LYS H2   H N N 216 
LYS HA   H N N 217 
LYS HB2  H N N 218 
LYS HB3  H N N 219 
LYS HG2  H N N 220 
LYS HG3  H N N 221 
LYS HD2  H N N 222 
LYS HD3  H N N 223 
LYS HE2  H N N 224 
LYS HE3  H N N 225 
LYS HZ1  H N N 226 
LYS HZ2  H N N 227 
LYS HZ3  H N N 228 
LYS HXT  H N N 229 
MET N    N N N 230 
MET CA   C N S 231 
MET C    C N N 232 
MET O    O N N 233 
MET CB   C N N 234 
MET CG   C N N 235 
MET SD   S N N 236 
MET CE   C N N 237 
MET OXT  O N N 238 
MET H    H N N 239 
MET H2   H N N 240 
MET HA   H N N 241 
MET HB2  H N N 242 
MET HB3  H N N 243 
MET HG2  H N N 244 
MET HG3  H N N 245 
MET HE1  H N N 246 
MET HE2  H N N 247 
MET HE3  H N N 248 
MET HXT  H N N 249 
PHE N    N N N 250 
PHE CA   C N S 251 
PHE C    C N N 252 
PHE O    O N N 253 
PHE CB   C N N 254 
PHE CG   C Y N 255 
PHE CD1  C Y N 256 
PHE CD2  C Y N 257 
PHE CE1  C Y N 258 
PHE CE2  C Y N 259 
PHE CZ   C Y N 260 
PHE OXT  O N N 261 
PHE H    H N N 262 
PHE H2   H N N 263 
PHE HA   H N N 264 
PHE HB2  H N N 265 
PHE HB3  H N N 266 
PHE HD1  H N N 267 
PHE HD2  H N N 268 
PHE HE1  H N N 269 
PHE HE2  H N N 270 
PHE HZ   H N N 271 
PHE HXT  H N N 272 
PRO N    N N N 273 
PRO CA   C N S 274 
PRO C    C N N 275 
PRO O    O N N 276 
PRO CB   C N N 277 
PRO CG   C N N 278 
PRO CD   C N N 279 
PRO OXT  O N N 280 
PRO H    H N N 281 
PRO HA   H N N 282 
PRO HB2  H N N 283 
PRO HB3  H N N 284 
PRO HG2  H N N 285 
PRO HG3  H N N 286 
PRO HD2  H N N 287 
PRO HD3  H N N 288 
PRO HXT  H N N 289 
SER N    N N N 290 
SER CA   C N S 291 
SER C    C N N 292 
SER O    O N N 293 
SER CB   C N N 294 
SER OG   O N N 295 
SER OXT  O N N 296 
SER H    H N N 297 
SER H2   H N N 298 
SER HA   H N N 299 
SER HB2  H N N 300 
SER HB3  H N N 301 
SER HG   H N N 302 
SER HXT  H N N 303 
THR N    N N N 304 
THR CA   C N S 305 
THR C    C N N 306 
THR O    O N N 307 
THR CB   C N R 308 
THR OG1  O N N 309 
THR CG2  C N N 310 
THR OXT  O N N 311 
THR H    H N N 312 
THR H2   H N N 313 
THR HA   H N N 314 
THR HB   H N N 315 
THR HG1  H N N 316 
THR HG21 H N N 317 
THR HG22 H N N 318 
THR HG23 H N N 319 
THR HXT  H N N 320 
TYR N    N N N 321 
TYR CA   C N S 322 
TYR C    C N N 323 
TYR O    O N N 324 
TYR CB   C N N 325 
TYR CG   C Y N 326 
TYR CD1  C Y N 327 
TYR CD2  C Y N 328 
TYR CE1  C Y N 329 
TYR CE2  C Y N 330 
TYR CZ   C Y N 331 
TYR OH   O N N 332 
TYR OXT  O N N 333 
TYR H    H N N 334 
TYR H2   H N N 335 
TYR HA   H N N 336 
TYR HB2  H N N 337 
TYR HB3  H N N 338 
TYR HD1  H N N 339 
TYR HD2  H N N 340 
TYR HE1  H N N 341 
TYR HE2  H N N 342 
TYR HH   H N N 343 
TYR HXT  H N N 344 
VAL N    N N N 345 
VAL CA   C N S 346 
VAL C    C N N 347 
VAL O    O N N 348 
VAL CB   C N N 349 
VAL CG1  C N N 350 
VAL CG2  C N N 351 
VAL OXT  O N N 352 
VAL H    H N N 353 
VAL H2   H N N 354 
VAL HA   H N N 355 
VAL HB   H N N 356 
VAL HG11 H N N 357 
VAL HG12 H N N 358 
VAL HG13 H N N 359 
VAL HG21 H N N 360 
VAL HG22 H N N 361 
VAL HG23 H N N 362 
VAL HXT  H N N 363 
# 
loop_
_chem_comp_bond.comp_id 
_chem_comp_bond.atom_id_1 
_chem_comp_bond.atom_id_2 
_chem_comp_bond.value_order 
_chem_comp_bond.pdbx_aromatic_flag 
_chem_comp_bond.pdbx_stereo_config 
_chem_comp_bond.pdbx_ordinal 
ALA N   CA   sing N N 1   
ALA N   H    sing N N 2   
ALA N   H2   sing N N 3   
ALA CA  C    sing N N 4   
ALA CA  CB   sing N N 5   
ALA CA  HA   sing N N 6   
ALA C   O    doub N N 7   
ALA C   OXT  sing N N 8   
ALA CB  HB1  sing N N 9   
ALA CB  HB2  sing N N 10  
ALA CB  HB3  sing N N 11  
ALA OXT HXT  sing N N 12  
ARG N   CA   sing N N 13  
ARG N   H    sing N N 14  
ARG N   H2   sing N N 15  
ARG CA  C    sing N N 16  
ARG CA  CB   sing N N 17  
ARG CA  HA   sing N N 18  
ARG C   O    doub N N 19  
ARG C   OXT  sing N N 20  
ARG CB  CG   sing N N 21  
ARG CB  HB2  sing N N 22  
ARG CB  HB3  sing N N 23  
ARG CG  CD   sing N N 24  
ARG CG  HG2  sing N N 25  
ARG CG  HG3  sing N N 26  
ARG CD  NE   sing N N 27  
ARG CD  HD2  sing N N 28  
ARG CD  HD3  sing N N 29  
ARG NE  CZ   sing N N 30  
ARG NE  HE   sing N N 31  
ARG CZ  NH1  sing N N 32  
ARG CZ  NH2  doub N N 33  
ARG NH1 HH11 sing N N 34  
ARG NH1 HH12 sing N N 35  
ARG NH2 HH21 sing N N 36  
ARG NH2 HH22 sing N N 37  
ARG OXT HXT  sing N N 38  
ASN N   CA   sing N N 39  
ASN N   H    sing N N 40  
ASN N   H2   sing N N 41  
ASN CA  C    sing N N 42  
ASN CA  CB   sing N N 43  
ASN CA  HA   sing N N 44  
ASN C   O    doub N N 45  
ASN C   OXT  sing N N 46  
ASN CB  CG   sing N N 47  
ASN CB  HB2  sing N N 48  
ASN CB  HB3  sing N N 49  
ASN CG  OD1  doub N N 50  
ASN CG  ND2  sing N N 51  
ASN ND2 HD21 sing N N 52  
ASN ND2 HD22 sing N N 53  
ASN OXT HXT  sing N N 54  
ASP N   CA   sing N N 55  
ASP N   H    sing N N 56  
ASP N   H2   sing N N 57  
ASP CA  C    sing N N 58  
ASP CA  CB   sing N N 59  
ASP CA  HA   sing N N 60  
ASP C   O    doub N N 61  
ASP C   OXT  sing N N 62  
ASP CB  CG   sing N N 63  
ASP CB  HB2  sing N N 64  
ASP CB  HB3  sing N N 65  
ASP CG  OD1  doub N N 66  
ASP CG  OD2  sing N N 67  
ASP OD2 HD2  sing N N 68  
ASP OXT HXT  sing N N 69  
CYS N   CA   sing N N 70  
CYS N   H    sing N N 71  
CYS N   H2   sing N N 72  
CYS CA  C    sing N N 73  
CYS CA  CB   sing N N 74  
CYS CA  HA   sing N N 75  
CYS C   O    doub N N 76  
CYS C   OXT  sing N N 77  
CYS CB  SG   sing N N 78  
CYS CB  HB2  sing N N 79  
CYS CB  HB3  sing N N 80  
CYS SG  HG   sing N N 81  
CYS OXT HXT  sing N N 82  
GLN N   CA   sing N N 83  
GLN N   H    sing N N 84  
GLN N   H2   sing N N 85  
GLN CA  C    sing N N 86  
GLN CA  CB   sing N N 87  
GLN CA  HA   sing N N 88  
GLN C   O    doub N N 89  
GLN C   OXT  sing N N 90  
GLN CB  CG   sing N N 91  
GLN CB  HB2  sing N N 92  
GLN CB  HB3  sing N N 93  
GLN CG  CD   sing N N 94  
GLN CG  HG2  sing N N 95  
GLN CG  HG3  sing N N 96  
GLN CD  OE1  doub N N 97  
GLN CD  NE2  sing N N 98  
GLN NE2 HE21 sing N N 99  
GLN NE2 HE22 sing N N 100 
GLN OXT HXT  sing N N 101 
GLU N   CA   sing N N 102 
GLU N   H    sing N N 103 
GLU N   H2   sing N N 104 
GLU CA  C    sing N N 105 
GLU CA  CB   sing N N 106 
GLU CA  HA   sing N N 107 
GLU C   O    doub N N 108 
GLU C   OXT  sing N N 109 
GLU CB  CG   sing N N 110 
GLU CB  HB2  sing N N 111 
GLU CB  HB3  sing N N 112 
GLU CG  CD   sing N N 113 
GLU CG  HG2  sing N N 114 
GLU CG  HG3  sing N N 115 
GLU CD  OE1  doub N N 116 
GLU CD  OE2  sing N N 117 
GLU OE2 HE2  sing N N 118 
GLU OXT HXT  sing N N 119 
GLY N   CA   sing N N 120 
GLY N   H    sing N N 121 
GLY N   H2   sing N N 122 
GLY CA  C    sing N N 123 
GLY CA  HA2  sing N N 124 
GLY CA  HA3  sing N N 125 
GLY C   O    doub N N 126 
GLY C   OXT  sing N N 127 
GLY OXT HXT  sing N N 128 
HIS N   CA   sing N N 129 
HIS N   H    sing N N 130 
HIS N   H2   sing N N 131 
HIS CA  C    sing N N 132 
HIS CA  CB   sing N N 133 
HIS CA  HA   sing N N 134 
HIS C   O    doub N N 135 
HIS C   OXT  sing N N 136 
HIS CB  CG   sing N N 137 
HIS CB  HB2  sing N N 138 
HIS CB  HB3  sing N N 139 
HIS CG  ND1  sing Y N 140 
HIS CG  CD2  doub Y N 141 
HIS ND1 CE1  doub Y N 142 
HIS ND1 HD1  sing N N 143 
HIS CD2 NE2  sing Y N 144 
HIS CD2 HD2  sing N N 145 
HIS CE1 NE2  sing Y N 146 
HIS CE1 HE1  sing N N 147 
HIS NE2 HE2  sing N N 148 
HIS OXT HXT  sing N N 149 
HOH O   H1   sing N N 150 
HOH O   H2   sing N N 151 
ILE N   CA   sing N N 152 
ILE N   H    sing N N 153 
ILE N   H2   sing N N 154 
ILE CA  C    sing N N 155 
ILE CA  CB   sing N N 156 
ILE CA  HA   sing N N 157 
ILE C   O    doub N N 158 
ILE C   OXT  sing N N 159 
ILE CB  CG1  sing N N 160 
ILE CB  CG2  sing N N 161 
ILE CB  HB   sing N N 162 
ILE CG1 CD1  sing N N 163 
ILE CG1 HG12 sing N N 164 
ILE CG1 HG13 sing N N 165 
ILE CG2 HG21 sing N N 166 
ILE CG2 HG22 sing N N 167 
ILE CG2 HG23 sing N N 168 
ILE CD1 HD11 sing N N 169 
ILE CD1 HD12 sing N N 170 
ILE CD1 HD13 sing N N 171 
ILE OXT HXT  sing N N 172 
LEU N   CA   sing N N 173 
LEU N   H    sing N N 174 
LEU N   H2   sing N N 175 
LEU CA  C    sing N N 176 
LEU CA  CB   sing N N 177 
LEU CA  HA   sing N N 178 
LEU C   O    doub N N 179 
LEU C   OXT  sing N N 180 
LEU CB  CG   sing N N 181 
LEU CB  HB2  sing N N 182 
LEU CB  HB3  sing N N 183 
LEU CG  CD1  sing N N 184 
LEU CG  CD2  sing N N 185 
LEU CG  HG   sing N N 186 
LEU CD1 HD11 sing N N 187 
LEU CD1 HD12 sing N N 188 
LEU CD1 HD13 sing N N 189 
LEU CD2 HD21 sing N N 190 
LEU CD2 HD22 sing N N 191 
LEU CD2 HD23 sing N N 192 
LEU OXT HXT  sing N N 193 
LYS N   CA   sing N N 194 
LYS N   H    sing N N 195 
LYS N   H2   sing N N 196 
LYS CA  C    sing N N 197 
LYS CA  CB   sing N N 198 
LYS CA  HA   sing N N 199 
LYS C   O    doub N N 200 
LYS C   OXT  sing N N 201 
LYS CB  CG   sing N N 202 
LYS CB  HB2  sing N N 203 
LYS CB  HB3  sing N N 204 
LYS CG  CD   sing N N 205 
LYS CG  HG2  sing N N 206 
LYS CG  HG3  sing N N 207 
LYS CD  CE   sing N N 208 
LYS CD  HD2  sing N N 209 
LYS CD  HD3  sing N N 210 
LYS CE  NZ   sing N N 211 
LYS CE  HE2  sing N N 212 
LYS CE  HE3  sing N N 213 
LYS NZ  HZ1  sing N N 214 
LYS NZ  HZ2  sing N N 215 
LYS NZ  HZ3  sing N N 216 
LYS OXT HXT  sing N N 217 
MET N   CA   sing N N 218 
MET N   H    sing N N 219 
MET N   H2   sing N N 220 
MET CA  C    sing N N 221 
MET CA  CB   sing N N 222 
MET CA  HA   sing N N 223 
MET C   O    doub N N 224 
MET C   OXT  sing N N 225 
MET CB  CG   sing N N 226 
MET CB  HB2  sing N N 227 
MET CB  HB3  sing N N 228 
MET CG  SD   sing N N 229 
MET CG  HG2  sing N N 230 
MET CG  HG3  sing N N 231 
MET SD  CE   sing N N 232 
MET CE  HE1  sing N N 233 
MET CE  HE2  sing N N 234 
MET CE  HE3  sing N N 235 
MET OXT HXT  sing N N 236 
PHE N   CA   sing N N 237 
PHE N   H    sing N N 238 
PHE N   H2   sing N N 239 
PHE CA  C    sing N N 240 
PHE CA  CB   sing N N 241 
PHE CA  HA   sing N N 242 
PHE C   O    doub N N 243 
PHE C   OXT  sing N N 244 
PHE CB  CG   sing N N 245 
PHE CB  HB2  sing N N 246 
PHE CB  HB3  sing N N 247 
PHE CG  CD1  doub Y N 248 
PHE CG  CD2  sing Y N 249 
PHE CD1 CE1  sing Y N 250 
PHE CD1 HD1  sing N N 251 
PHE CD2 CE2  doub Y N 252 
PHE CD2 HD2  sing N N 253 
PHE CE1 CZ   doub Y N 254 
PHE CE1 HE1  sing N N 255 
PHE CE2 CZ   sing Y N 256 
PHE CE2 HE2  sing N N 257 
PHE CZ  HZ   sing N N 258 
PHE OXT HXT  sing N N 259 
PRO N   CA   sing N N 260 
PRO N   CD   sing N N 261 
PRO N   H    sing N N 262 
PRO CA  C    sing N N 263 
PRO CA  CB   sing N N 264 
PRO CA  HA   sing N N 265 
PRO C   O    doub N N 266 
PRO C   OXT  sing N N 267 
PRO CB  CG   sing N N 268 
PRO CB  HB2  sing N N 269 
PRO CB  HB3  sing N N 270 
PRO CG  CD   sing N N 271 
PRO CG  HG2  sing N N 272 
PRO CG  HG3  sing N N 273 
PRO CD  HD2  sing N N 274 
PRO CD  HD3  sing N N 275 
PRO OXT HXT  sing N N 276 
SER N   CA   sing N N 277 
SER N   H    sing N N 278 
SER N   H2   sing N N 279 
SER CA  C    sing N N 280 
SER CA  CB   sing N N 281 
SER CA  HA   sing N N 282 
SER C   O    doub N N 283 
SER C   OXT  sing N N 284 
SER CB  OG   sing N N 285 
SER CB  HB2  sing N N 286 
SER CB  HB3  sing N N 287 
SER OG  HG   sing N N 288 
SER OXT HXT  sing N N 289 
THR N   CA   sing N N 290 
THR N   H    sing N N 291 
THR N   H2   sing N N 292 
THR CA  C    sing N N 293 
THR CA  CB   sing N N 294 
THR CA  HA   sing N N 295 
THR C   O    doub N N 296 
THR C   OXT  sing N N 297 
THR CB  OG1  sing N N 298 
THR CB  CG2  sing N N 299 
THR CB  HB   sing N N 300 
THR OG1 HG1  sing N N 301 
THR CG2 HG21 sing N N 302 
THR CG2 HG22 sing N N 303 
THR CG2 HG23 sing N N 304 
THR OXT HXT  sing N N 305 
TYR N   CA   sing N N 306 
TYR N   H    sing N N 307 
TYR N   H2   sing N N 308 
TYR CA  C    sing N N 309 
TYR CA  CB   sing N N 310 
TYR CA  HA   sing N N 311 
TYR C   O    doub N N 312 
TYR C   OXT  sing N N 313 
TYR CB  CG   sing N N 314 
TYR CB  HB2  sing N N 315 
TYR CB  HB3  sing N N 316 
TYR CG  CD1  doub Y N 317 
TYR CG  CD2  sing Y N 318 
TYR CD1 CE1  sing Y N 319 
TYR CD1 HD1  sing N N 320 
TYR CD2 CE2  doub Y N 321 
TYR CD2 HD2  sing N N 322 
TYR CE1 CZ   doub Y N 323 
TYR CE1 HE1  sing N N 324 
TYR CE2 CZ   sing Y N 325 
TYR CE2 HE2  sing N N 326 
TYR CZ  OH   sing N N 327 
TYR OH  HH   sing N N 328 
TYR OXT HXT  sing N N 329 
VAL N   CA   sing N N 330 
VAL N   H    sing N N 331 
VAL N   H2   sing N N 332 
VAL CA  C    sing N N 333 
VAL CA  CB   sing N N 334 
VAL CA  HA   sing N N 335 
VAL C   O    doub N N 336 
VAL C   OXT  sing N N 337 
VAL CB  CG1  sing N N 338 
VAL CB  CG2  sing N N 339 
VAL CB  HB   sing N N 340 
VAL CG1 HG11 sing N N 341 
VAL CG1 HG12 sing N N 342 
VAL CG1 HG13 sing N N 343 
VAL CG2 HG21 sing N N 344 
VAL CG2 HG22 sing N N 345 
VAL CG2 HG23 sing N N 346 
VAL OXT HXT  sing N N 347 
# 
_pdbx_audit_support.funding_organization   'Chinese Academy of Sciences' 
_pdbx_audit_support.country                China 
_pdbx_audit_support.grant_number           ? 
_pdbx_audit_support.ordinal                1 
# 
_pdbx_entity_nonpoly.entity_id   2 
_pdbx_entity_nonpoly.name        water 
_pdbx_entity_nonpoly.comp_id     HOH 
# 
_pdbx_initial_refinement_model.id               1 
_pdbx_initial_refinement_model.entity_id_list   ? 
_pdbx_initial_refinement_model.type             'experimental model' 
_pdbx_initial_refinement_model.source_name      PDB 
_pdbx_initial_refinement_model.accession_code   7WR1 
_pdbx_initial_refinement_model.details          ? 
# 
_pdbx_struct_assembly_auth_evidence.id                     1 
_pdbx_struct_assembly_auth_evidence.assembly_id            1 
_pdbx_struct_assembly_auth_evidence.experimental_support   'gel filtration' 
_pdbx_struct_assembly_auth_evidence.details                ? 
# 
_space_group.name_H-M_alt     'P 21 21 21' 
_space_group.name_Hall        'P 2ac 2ab' 
_space_group.IT_number        19 
_space_group.crystal_system   orthorhombic 
_space_group.id               1 
# 
